data_5A3G
#
_entry.id   5A3G
#
_cell.length_a   1.000
_cell.length_b   1.000
_cell.length_c   1.000
_cell.angle_alpha   90.00
_cell.angle_beta   90.00
_cell.angle_gamma   90.00
#
_symmetry.space_group_name_H-M   'P 1'
#
_entity_poly.entity_id   1
_entity_poly.type   'polypeptide(L)'
_entity_poly.pdbx_seq_one_letter_code
;AGHMEIDKNVGADLISNTRRILRLDENELRITDTALICKNPNYSLCDAMLTTDIVYPVEYLLSYWECRSGRTACFVFKNT
GCRVSLSCYIGFPERLKDLKRVCDFNFLSVNEALVVTLADIERIKPCDKGVLTNCVVRKSNSGMSYNIEVVAFGPDNEAE
YQALLRDIYAR
;
_entity_poly.pdbx_strand_id   A
#
# COMPACT_ATOMS: atom_id res chain seq x y z
N ALA A 1 9.58 -13.00 16.07
CA ALA A 1 10.11 -14.35 16.28
C ALA A 1 9.06 -15.40 15.89
N GLY A 2 9.01 -15.77 14.61
CA GLY A 2 8.03 -16.70 14.06
C GLY A 2 8.12 -16.92 12.56
N HIS A 3 6.98 -17.05 11.87
CA HIS A 3 6.92 -17.36 10.43
C HIS A 3 6.90 -16.11 9.50
N MET A 4 6.96 -14.90 10.08
CA MET A 4 7.46 -13.68 9.41
C MET A 4 8.81 -13.28 9.98
N GLU A 5 9.67 -12.61 9.18
CA GLU A 5 10.96 -12.09 9.65
C GLU A 5 11.24 -10.69 9.10
N ILE A 6 11.18 -9.69 9.98
CA ILE A 6 11.68 -8.36 9.89
C ILE A 6 12.56 -8.09 11.11
N ASP A 7 13.59 -7.34 10.85
CA ASP A 7 14.57 -6.83 11.82
C ASP A 7 13.97 -5.69 12.67
N LYS A 8 14.40 -5.58 13.93
CA LYS A 8 13.77 -4.76 14.98
C LYS A 8 13.41 -3.32 14.59
N ASN A 9 14.23 -2.64 13.79
CA ASN A 9 13.99 -1.23 13.43
C ASN A 9 13.26 -1.09 12.09
N VAL A 10 13.31 -2.11 11.22
CA VAL A 10 12.89 -2.07 9.81
C VAL A 10 11.37 -2.03 9.65
N GLY A 11 10.63 -2.95 10.29
CA GLY A 11 9.18 -2.91 10.35
C GLY A 11 8.71 -1.63 11.04
N ALA A 12 9.30 -1.27 12.18
CA ALA A 12 8.97 -0.05 12.90
C ALA A 12 9.10 1.22 12.05
N ASP A 13 10.10 1.28 11.15
CA ASP A 13 10.29 2.36 10.16
C ASP A 13 9.18 2.38 9.09
N LEU A 14 8.87 1.22 8.50
CA LEU A 14 7.83 1.10 7.45
C LEU A 14 6.41 1.32 8.02
N ILE A 15 6.14 0.84 9.23
CA ILE A 15 4.88 1.05 9.97
C ILE A 15 4.76 2.52 10.40
N SER A 16 5.86 3.16 10.84
CA SER A 16 5.93 4.60 11.13
C SER A 16 5.58 5.44 9.89
N ASN A 17 6.18 5.13 8.74
CA ASN A 17 5.81 5.78 7.47
C ASN A 17 4.34 5.53 7.13
N THR A 18 3.84 4.29 7.31
CA THR A 18 2.47 3.93 6.93
C THR A 18 1.44 4.73 7.73
N ARG A 19 1.57 4.87 9.06
CA ARG A 19 0.65 5.73 9.81
C ARG A 19 0.79 7.21 9.44
N ARG A 20 2.02 7.68 9.17
CA ARG A 20 2.39 9.08 8.87
C ARG A 20 1.86 9.60 7.53
N ILE A 21 1.94 8.82 6.43
CA ILE A 21 1.32 9.18 5.13
C ILE A 21 -0.14 8.75 4.93
N LEU A 22 -0.71 7.81 5.72
CA LEU A 22 -2.17 7.63 5.82
C LEU A 22 -2.82 8.62 6.80
N ARG A 23 -1.99 9.42 7.50
CA ARG A 23 -2.34 10.44 8.50
C ARG A 23 -3.33 9.96 9.57
N LEU A 24 -3.10 8.74 10.03
CA LEU A 24 -3.72 8.07 11.17
C LEU A 24 -2.66 7.67 12.23
N ASP A 25 -3.10 7.25 13.41
CA ASP A 25 -2.22 6.89 14.54
C ASP A 25 -1.83 5.39 14.63
N GLU A 26 -0.85 5.07 15.48
CA GLU A 26 -0.24 3.75 15.62
C GLU A 26 -1.19 2.66 16.18
N ASN A 27 -2.30 3.05 16.83
CA ASN A 27 -3.38 2.14 17.25
C ASN A 27 -4.61 2.21 16.32
N GLU A 28 -4.46 2.85 15.16
CA GLU A 28 -5.51 3.09 14.16
C GLU A 28 -5.07 2.61 12.78
N LEU A 29 -3.77 2.34 12.62
CA LEU A 29 -3.26 1.43 11.62
C LEU A 29 -3.38 0.05 12.25
N ARG A 30 -4.10 -0.88 11.59
CA ARG A 30 -4.08 -2.27 12.10
C ARG A 30 -2.99 -3.08 11.42
N ILE A 31 -2.14 -3.72 12.21
CA ILE A 31 -1.10 -4.66 11.80
C ILE A 31 -1.54 -6.12 11.98
N THR A 32 -1.17 -7.02 11.05
CA THR A 32 -1.46 -8.45 11.18
C THR A 32 -0.28 -9.27 10.68
N ASP A 33 -0.02 -10.39 11.35
CA ASP A 33 1.03 -11.36 11.01
C ASP A 33 0.46 -12.54 10.18
N THR A 34 0.96 -13.76 10.42
CA THR A 34 0.96 -14.91 9.50
C THR A 34 -0.37 -15.20 8.80
N ALA A 35 -1.52 -15.06 9.46
CA ALA A 35 -2.79 -15.60 8.97
C ALA A 35 -3.22 -15.12 7.57
N LEU A 36 -2.85 -13.91 7.16
CA LEU A 36 -3.07 -13.39 5.80
C LEU A 36 -1.84 -13.40 4.85
N ILE A 37 -0.61 -13.57 5.37
CA ILE A 37 0.67 -13.52 4.62
C ILE A 37 1.48 -14.82 4.47
N CYS A 38 1.18 -15.88 5.23
CA CYS A 38 2.04 -17.08 5.39
C CYS A 38 2.36 -17.93 4.13
N LYS A 39 2.04 -17.49 2.90
CA LYS A 39 2.23 -18.27 1.67
C LYS A 39 3.66 -18.15 1.11
N ASN A 40 4.42 -17.15 1.57
CA ASN A 40 5.85 -17.31 1.84
C ASN A 40 6.01 -17.74 3.31
N PRO A 41 6.48 -18.96 3.61
CA PRO A 41 6.28 -19.59 4.92
C PRO A 41 7.24 -19.17 6.02
N ASN A 42 8.35 -18.45 5.73
CA ASN A 42 9.31 -18.00 6.74
C ASN A 42 9.54 -16.46 6.79
N TYR A 43 9.05 -15.69 5.82
CA TYR A 43 9.37 -14.27 5.64
C TYR A 43 8.31 -13.64 4.73
N SER A 44 8.18 -12.32 4.78
CA SER A 44 6.99 -11.54 4.43
C SER A 44 7.19 -10.13 4.99
N LEU A 45 6.13 -9.34 5.18
CA LEU A 45 6.14 -8.38 6.29
C LEU A 45 4.96 -8.59 7.25
N CYS A 46 3.77 -8.13 6.88
CA CYS A 46 2.59 -7.94 7.73
C CYS A 46 1.42 -7.45 6.85
N ASP A 47 0.39 -6.84 7.44
CA ASP A 47 -0.69 -6.10 6.78
C ASP A 47 -0.85 -4.75 7.49
N ALA A 48 -1.45 -3.76 6.83
CA ALA A 48 -1.66 -2.38 7.26
C ALA A 48 -3.11 -1.98 6.89
N MET A 49 -3.88 -1.40 7.82
CA MET A 49 -5.34 -1.25 7.67
C MET A 49 -5.74 0.22 7.67
N LEU A 50 -6.57 0.57 6.67
CA LEU A 50 -6.70 1.87 6.03
C LEU A 50 -8.16 2.39 6.01
N THR A 51 -8.28 3.72 6.06
CA THR A 51 -9.51 4.49 6.26
C THR A 51 -10.14 4.98 4.95
N THR A 52 -11.43 5.29 5.01
CA THR A 52 -12.19 5.91 3.92
C THR A 52 -11.82 7.39 3.70
N ASP A 53 -12.09 7.93 2.52
CA ASP A 53 -11.91 9.36 2.15
C ASP A 53 -10.47 9.87 2.35
N ILE A 54 -9.49 9.06 1.93
CA ILE A 54 -8.06 9.29 2.19
C ILE A 54 -7.23 9.11 0.90
N VAL A 55 -6.23 9.98 0.69
CA VAL A 55 -5.29 9.94 -0.44
C VAL A 55 -3.84 9.88 0.03
N TYR A 56 -2.97 9.10 -0.64
CA TYR A 56 -1.52 9.34 -0.57
C TYR A 56 -0.81 9.20 -1.93
N PRO A 57 0.33 9.89 -2.15
CA PRO A 57 1.23 9.65 -3.28
C PRO A 57 1.98 8.31 -3.09
N VAL A 58 1.26 7.22 -3.37
CA VAL A 58 1.60 5.83 -3.05
C VAL A 58 3.02 5.41 -3.40
N GLU A 59 3.60 5.88 -4.51
CA GLU A 59 4.94 5.44 -4.92
C GLU A 59 6.09 6.05 -4.09
N TYR A 60 5.85 7.16 -3.36
CA TYR A 60 6.79 7.65 -2.33
C TYR A 60 7.00 6.60 -1.22
N LEU A 61 5.95 5.82 -0.92
CA LEU A 61 5.98 4.72 0.04
C LEU A 61 6.60 3.44 -0.55
N LEU A 62 6.25 3.04 -1.79
CA LEU A 62 6.93 1.93 -2.49
C LEU A 62 8.45 2.16 -2.55
N SER A 63 8.87 3.39 -2.91
CA SER A 63 10.27 3.83 -2.92
C SER A 63 10.94 3.68 -1.56
N TYR A 64 10.31 4.19 -0.49
CA TYR A 64 10.87 4.05 0.87
C TYR A 64 11.01 2.59 1.31
N TRP A 65 10.05 1.74 0.94
CA TRP A 65 10.00 0.31 1.25
C TRP A 65 11.21 -0.43 0.66
N GLU A 66 11.44 -0.30 -0.64
CA GLU A 66 12.52 -1.03 -1.33
C GLU A 66 13.91 -0.49 -0.98
N CYS A 67 14.00 0.81 -0.70
CA CYS A 67 15.24 1.50 -0.30
C CYS A 67 15.74 1.16 1.12
N ARG A 68 14.89 0.62 2.02
CA ARG A 68 15.23 0.51 3.46
C ARG A 68 16.33 -0.50 3.80
N SER A 69 16.43 -1.63 3.10
CA SER A 69 17.46 -2.66 3.32
C SER A 69 17.90 -3.40 2.04
N GLY A 70 17.44 -2.94 0.88
CA GLY A 70 17.57 -3.63 -0.41
C GLY A 70 16.82 -4.96 -0.42
N ARG A 71 15.49 -4.91 -0.45
CA ARG A 71 14.53 -6.00 -0.63
C ARG A 71 13.19 -5.35 -0.88
N THR A 72 12.50 -5.89 -1.87
CA THR A 72 11.28 -5.38 -2.50
C THR A 72 10.02 -6.10 -1.98
N ALA A 73 8.88 -5.41 -2.06
CA ALA A 73 7.56 -5.96 -1.72
C ALA A 73 6.48 -5.55 -2.73
N CYS A 74 5.49 -6.42 -2.97
CA CYS A 74 4.21 -6.02 -3.56
C CYS A 74 3.25 -5.54 -2.47
N PHE A 75 2.46 -4.51 -2.78
CA PHE A 75 1.33 -4.12 -1.96
C PHE A 75 0.12 -4.86 -2.52
N VAL A 76 -0.37 -5.86 -1.78
CA VAL A 76 -1.54 -6.65 -2.13
C VAL A 76 -2.69 -6.10 -1.28
N PHE A 77 -3.63 -5.40 -1.91
CA PHE A 77 -4.70 -4.70 -1.22
C PHE A 77 -5.89 -5.65 -1.12
N LYS A 78 -6.21 -6.06 0.10
CA LYS A 78 -7.28 -7.01 0.43
C LYS A 78 -8.45 -6.25 1.07
N ASN A 79 -9.49 -6.01 0.27
CA ASN A 79 -10.75 -5.42 0.67
C ASN A 79 -11.63 -6.47 1.35
N THR A 80 -12.15 -6.18 2.54
CA THR A 80 -12.85 -7.06 3.45
C THR A 80 -13.91 -6.17 4.11
N GLY A 81 -14.88 -6.73 4.84
CA GLY A 81 -16.09 -6.10 5.42
C GLY A 81 -16.14 -4.56 5.40
N CYS A 82 -16.23 -3.87 6.55
CA CYS A 82 -15.66 -2.52 6.47
C CYS A 82 -14.21 -2.50 6.98
N ARG A 83 -13.28 -2.39 6.02
CA ARG A 83 -11.96 -1.73 6.00
C ARG A 83 -11.34 -1.93 4.59
N VAL A 84 -10.58 -0.98 4.03
CA VAL A 84 -9.45 -1.41 3.17
C VAL A 84 -8.26 -1.87 4.02
N SER A 85 -7.53 -2.92 3.62
CA SER A 85 -6.12 -3.09 4.03
C SER A 85 -5.18 -3.25 2.83
N LEU A 86 -3.88 -3.04 3.07
CA LEU A 86 -2.82 -3.58 2.21
C LEU A 86 -2.03 -4.64 2.99
N SER A 87 -2.12 -5.86 2.49
CA SER A 87 -1.30 -6.98 2.90
C SER A 87 0.06 -6.86 2.20
N CYS A 88 1.14 -6.80 2.97
CA CYS A 88 2.47 -6.52 2.43
C CYS A 88 3.32 -7.80 2.40
N TYR A 89 3.63 -8.23 1.19
CA TYR A 89 4.47 -9.39 0.94
C TYR A 89 5.89 -8.99 0.48
N ILE A 90 6.89 -9.18 1.35
CA ILE A 90 8.20 -9.68 0.89
C ILE A 90 8.04 -11.20 0.64
N GLY A 91 7.32 -11.50 -0.44
CA GLY A 91 6.63 -12.80 -0.51
C GLY A 91 5.76 -13.17 -1.72
N PHE A 92 5.21 -14.37 -1.57
CA PHE A 92 4.48 -15.14 -2.56
C PHE A 92 3.01 -15.33 -2.11
N PRO A 93 2.01 -14.63 -2.69
CA PRO A 93 0.62 -14.68 -2.20
C PRO A 93 -0.21 -15.83 -2.77
N GLU A 94 -1.22 -16.30 -2.01
CA GLU A 94 -2.07 -17.43 -2.41
C GLU A 94 -3.07 -17.11 -3.54
N ARG A 95 -3.72 -15.93 -3.49
CA ARG A 95 -4.77 -15.51 -4.43
C ARG A 95 -4.25 -14.76 -5.68
N LEU A 96 -2.94 -14.63 -5.85
CA LEU A 96 -2.24 -13.97 -6.98
C LEU A 96 -2.72 -14.45 -8.36
N LYS A 97 -3.18 -15.70 -8.46
CA LYS A 97 -3.89 -16.28 -9.59
C LYS A 97 -5.12 -15.46 -10.02
N ASP A 98 -5.95 -15.01 -9.08
CA ASP A 98 -7.29 -14.47 -9.35
C ASP A 98 -7.54 -13.03 -8.86
N LEU A 99 -6.78 -12.46 -7.90
CA LEU A 99 -6.77 -11.02 -7.64
C LEU A 99 -6.31 -10.15 -8.84
N LYS A 100 -6.50 -8.83 -8.73
CA LYS A 100 -6.53 -7.86 -9.87
C LYS A 100 -5.42 -6.78 -9.87
N ARG A 101 -5.31 -5.98 -10.96
CA ARG A 101 -4.68 -4.64 -10.97
C ARG A 101 -5.54 -3.56 -11.64
N VAL A 102 -5.28 -2.30 -11.25
CA VAL A 102 -5.90 -1.08 -11.83
C VAL A 102 -4.90 0.07 -12.06
N CYS A 103 -4.95 0.78 -13.19
CA CYS A 103 -4.91 2.24 -13.11
C CYS A 103 -6.14 2.86 -13.78
N ASP A 104 -6.99 3.48 -12.95
CA ASP A 104 -8.25 4.13 -13.27
C ASP A 104 -8.87 4.61 -11.94
N PHE A 105 -10.14 4.98 -12.03
CA PHE A 105 -11.11 4.89 -10.93
C PHE A 105 -12.23 3.87 -11.25
N ASN A 106 -12.65 3.05 -10.27
CA ASN A 106 -13.76 2.09 -10.42
C ASN A 106 -14.43 1.65 -9.10
N PHE A 107 -15.66 1.13 -9.21
CA PHE A 107 -16.31 0.28 -8.20
C PHE A 107 -15.50 -1.01 -7.97
N LEU A 108 -15.42 -1.48 -6.72
CA LEU A 108 -14.61 -2.59 -6.28
C LEU A 108 -15.37 -3.41 -5.20
N SER A 109 -15.38 -4.75 -5.31
CA SER A 109 -16.16 -5.64 -4.44
C SER A 109 -15.65 -5.77 -2.99
N VAL A 110 -16.56 -6.15 -2.08
CA VAL A 110 -16.32 -6.12 -0.62
C VAL A 110 -15.39 -7.21 -0.07
N ASN A 111 -15.03 -8.21 -0.88
CA ASN A 111 -14.16 -9.32 -0.52
C ASN A 111 -13.06 -9.59 -1.59
N GLU A 112 -12.47 -8.51 -2.13
CA GLU A 112 -11.58 -8.49 -3.30
C GLU A 112 -10.09 -8.30 -2.94
N ALA A 113 -9.17 -8.42 -3.90
CA ALA A 113 -7.75 -8.54 -3.73
C ALA A 113 -7.10 -7.89 -4.97
N LEU A 114 -6.02 -7.13 -4.82
CA LEU A 114 -5.37 -6.45 -5.94
C LEU A 114 -3.90 -6.09 -5.67
N VAL A 115 -2.97 -6.36 -6.60
CA VAL A 115 -1.52 -6.08 -6.47
C VAL A 115 -1.20 -4.77 -7.11
N VAL A 116 -0.38 -3.89 -6.51
CA VAL A 116 0.22 -2.76 -7.22
C VAL A 116 1.68 -2.61 -6.79
N THR A 117 2.58 -2.82 -7.76
CA THR A 117 4.05 -2.81 -7.59
C THR A 117 4.74 -2.07 -8.74
N LEU A 118 6.05 -1.83 -8.64
CA LEU A 118 6.84 -1.17 -9.68
C LEU A 118 6.81 -1.93 -11.02
N ALA A 119 6.68 -3.26 -11.03
CA ALA A 119 6.51 -4.04 -12.26
C ALA A 119 5.12 -3.87 -12.90
N ASP A 120 4.07 -3.69 -12.08
CA ASP A 120 2.69 -3.48 -12.52
C ASP A 120 2.47 -2.08 -13.08
N ILE A 121 2.99 -1.06 -12.39
CA ILE A 121 2.98 0.32 -12.88
C ILE A 121 3.78 0.38 -14.20
N GLU A 122 4.92 -0.31 -14.30
CA GLU A 122 5.67 -0.44 -15.56
C GLU A 122 4.89 -1.14 -16.69
N ARG A 123 3.94 -2.07 -16.43
CA ARG A 123 3.09 -2.63 -17.50
C ARG A 123 2.07 -1.59 -18.00
N ILE A 124 1.48 -0.81 -17.11
CA ILE A 124 0.32 0.05 -17.38
C ILE A 124 0.67 1.52 -17.69
N LYS A 125 1.92 1.96 -17.46
CA LYS A 125 2.52 3.22 -17.95
C LYS A 125 4.06 3.10 -18.05
N PRO A 126 4.75 3.80 -18.95
CA PRO A 126 6.22 3.88 -18.90
C PRO A 126 6.69 4.54 -17.60
N CYS A 127 7.36 3.78 -16.73
CA CYS A 127 7.80 4.26 -15.42
C CYS A 127 9.13 5.04 -15.48
N ASP A 128 9.43 5.84 -14.45
CA ASP A 128 10.52 6.77 -14.39
C ASP A 128 10.95 6.92 -12.92
N LYS A 129 12.24 7.16 -12.73
CA LYS A 129 12.92 7.54 -11.48
C LYS A 129 12.51 8.95 -10.99
N GLY A 130 11.21 9.12 -10.84
CA GLY A 130 10.49 10.39 -10.63
C GLY A 130 8.96 10.23 -10.51
N VAL A 131 8.42 9.01 -10.61
CA VAL A 131 6.97 8.74 -10.50
C VAL A 131 6.47 9.04 -9.09
N LEU A 132 5.38 9.79 -9.05
CA LEU A 132 4.45 9.89 -7.92
C LEU A 132 3.08 9.40 -8.39
N THR A 133 2.87 8.10 -8.22
CA THR A 133 1.56 7.46 -8.40
C THR A 133 0.71 7.86 -7.18
N ASN A 134 -0.61 7.99 -7.34
CA ASN A 134 -1.52 8.64 -6.39
C ASN A 134 -2.75 7.74 -6.18
N CYS A 135 -3.19 7.51 -4.94
CA CYS A 135 -4.20 6.48 -4.66
C CYS A 135 -5.21 6.95 -3.60
N VAL A 136 -6.50 6.68 -3.86
CA VAL A 136 -7.66 7.23 -3.15
C VAL A 136 -8.72 6.14 -2.94
N VAL A 137 -9.15 5.89 -1.69
CA VAL A 137 -10.18 4.87 -1.37
C VAL A 137 -11.40 5.45 -0.66
N ARG A 138 -12.58 4.88 -0.93
CA ARG A 138 -13.76 4.98 -0.06
C ARG A 138 -14.40 3.60 0.19
N LYS A 139 -14.81 3.37 1.44
CA LYS A 139 -15.87 2.51 1.91
C LYS A 139 -17.26 3.13 1.70
N SER A 140 -18.27 2.31 1.42
CA SER A 140 -19.70 2.66 1.56
C SER A 140 -20.48 1.46 2.13
N ASN A 141 -21.48 1.72 2.99
CA ASN A 141 -22.47 0.75 3.47
C ASN A 141 -23.80 0.90 2.73
N SER A 142 -24.24 2.14 2.48
CA SER A 142 -25.45 2.43 1.66
C SER A 142 -25.38 1.80 0.27
N GLY A 143 -24.19 1.70 -0.33
CA GLY A 143 -23.94 0.99 -1.59
C GLY A 143 -23.29 -0.40 -1.45
N MET A 144 -23.02 -0.90 -0.23
CA MET A 144 -22.27 -2.14 0.06
C MET A 144 -21.08 -2.38 -0.88
N SER A 145 -20.14 -1.42 -0.91
CA SER A 145 -19.13 -1.29 -1.97
C SER A 145 -17.81 -0.68 -1.47
N TYR A 146 -16.77 -0.85 -2.28
CA TYR A 146 -15.61 0.05 -2.31
C TYR A 146 -15.60 0.90 -3.57
N ASN A 147 -14.95 2.07 -3.47
CA ASN A 147 -14.81 3.02 -4.56
C ASN A 147 -13.33 3.39 -4.61
N ILE A 148 -12.63 2.87 -5.62
CA ILE A 148 -11.17 2.80 -5.67
C ILE A 148 -10.65 3.68 -6.81
N GLU A 149 -9.57 4.40 -6.58
CA GLU A 149 -8.86 5.15 -7.61
C GLU A 149 -7.35 5.06 -7.38
N VAL A 150 -6.61 4.80 -8.45
CA VAL A 150 -5.16 5.00 -8.47
C VAL A 150 -4.69 5.33 -9.88
N VAL A 151 -3.87 6.37 -9.92
CA VAL A 151 -3.53 7.15 -11.11
C VAL A 151 -2.02 7.43 -11.11
N ALA A 152 -1.38 7.49 -12.27
CA ALA A 152 0.08 7.53 -12.38
C ALA A 152 0.59 8.87 -12.93
N PHE A 153 1.37 9.60 -12.13
CA PHE A 153 2.03 10.85 -12.55
C PHE A 153 3.56 10.76 -12.39
N GLY A 154 4.30 11.58 -13.13
CA GLY A 154 5.69 11.91 -12.81
C GLY A 154 5.77 13.08 -11.82
N PRO A 155 6.80 13.95 -11.92
CA PRO A 155 6.96 15.12 -11.06
C PRO A 155 5.86 16.21 -11.19
N ASP A 156 4.89 16.05 -12.09
CA ASP A 156 3.72 16.94 -12.24
C ASP A 156 2.79 16.95 -11.02
N ASN A 157 2.86 15.94 -10.14
CA ASN A 157 2.12 15.89 -8.87
C ASN A 157 2.76 16.79 -7.78
N GLU A 158 3.41 17.88 -8.21
CA GLU A 158 4.25 18.78 -7.39
C GLU A 158 3.49 19.47 -6.24
N ALA A 159 2.17 19.67 -6.39
CA ALA A 159 1.31 20.29 -5.39
C ALA A 159 1.04 19.36 -4.19
N GLU A 160 0.58 18.13 -4.42
CA GLU A 160 0.43 17.09 -3.40
C GLU A 160 1.78 16.71 -2.76
N TYR A 161 2.84 16.64 -3.56
CA TYR A 161 4.22 16.45 -3.07
C TYR A 161 4.56 17.50 -1.99
N GLN A 162 4.41 18.80 -2.31
CA GLN A 162 4.61 19.87 -1.34
C GLN A 162 3.69 19.76 -0.12
N ALA A 163 2.40 19.49 -0.31
CA ALA A 163 1.42 19.37 0.77
C ALA A 163 1.78 18.23 1.74
N LEU A 164 2.34 17.12 1.24
CA LEU A 164 2.76 16.00 2.06
C LEU A 164 3.99 16.31 2.88
N LEU A 165 5.02 16.94 2.27
CA LEU A 165 6.18 17.45 3.03
C LEU A 165 5.75 18.44 4.12
N ARG A 166 4.70 19.20 3.83
CA ARG A 166 4.09 20.23 4.69
C ARG A 166 3.16 19.67 5.78
N ASP A 167 2.86 18.37 5.75
CA ASP A 167 2.35 17.60 6.90
C ASP A 167 3.44 16.78 7.59
N ILE A 168 4.12 15.89 6.87
CA ILE A 168 4.88 14.77 7.45
C ILE A 168 6.27 15.16 7.90
N TYR A 169 6.91 16.12 7.22
CA TYR A 169 8.13 16.77 7.68
C TYR A 169 7.77 18.01 8.51
N ALA A 170 6.49 18.16 8.87
CA ALA A 170 5.97 19.22 9.76
C ALA A 170 5.07 18.70 10.90
N ARG A 171 5.23 17.44 11.30
CA ARG A 171 4.83 16.94 12.64
C ARG A 171 5.90 17.24 13.67
N ALA A 1 12.11 -7.34 22.79
CA ALA A 1 11.39 -8.29 23.66
C ALA A 1 9.89 -7.99 23.61
N GLY A 2 9.06 -8.98 23.27
CA GLY A 2 7.60 -8.83 23.18
C GLY A 2 6.89 -10.10 22.75
N HIS A 3 5.57 -10.02 22.56
CA HIS A 3 4.75 -11.11 22.01
C HIS A 3 4.82 -11.12 20.47
N MET A 4 4.92 -9.95 19.82
CA MET A 4 5.22 -9.80 18.38
C MET A 4 6.44 -8.89 18.19
N GLU A 5 7.41 -9.33 17.38
CA GLU A 5 8.65 -8.60 17.06
C GLU A 5 8.94 -8.69 15.54
N ILE A 6 9.65 -7.71 14.95
CA ILE A 6 9.87 -7.49 13.53
C ILE A 6 11.31 -7.02 13.26
N ASP A 7 11.86 -7.45 12.12
CA ASP A 7 13.21 -7.10 11.63
C ASP A 7 13.53 -5.60 11.83
N LYS A 8 14.70 -5.31 12.41
CA LYS A 8 14.87 -4.30 13.46
C LYS A 8 14.68 -2.83 13.07
N ASN A 9 14.85 -2.49 11.80
CA ASN A 9 14.54 -1.15 11.24
C ASN A 9 13.37 -1.17 10.26
N VAL A 10 12.97 -2.33 9.73
CA VAL A 10 11.96 -2.47 8.67
C VAL A 10 10.57 -2.06 9.16
N GLY A 11 10.05 -2.75 10.18
CA GLY A 11 8.78 -2.41 10.81
C GLY A 11 8.73 -0.99 11.37
N ALA A 12 9.85 -0.49 11.93
CA ALA A 12 9.97 0.88 12.41
C ALA A 12 9.72 1.89 11.28
N ASP A 13 10.52 1.82 10.20
CA ASP A 13 10.48 2.75 9.07
C ASP A 13 9.16 2.66 8.29
N LEU A 14 8.71 1.43 7.98
CA LEU A 14 7.54 1.21 7.12
C LEU A 14 6.24 1.60 7.83
N ILE A 15 6.05 1.24 9.11
CA ILE A 15 4.83 1.61 9.83
C ILE A 15 4.84 3.12 10.14
N SER A 16 6.00 3.73 10.43
CA SER A 16 6.13 5.19 10.62
C SER A 16 5.69 5.97 9.36
N ASN A 17 6.24 5.62 8.21
CA ASN A 17 5.88 6.26 6.95
C ASN A 17 4.40 6.01 6.58
N THR A 18 3.84 4.85 6.95
CA THR A 18 2.42 4.54 6.72
C THR A 18 1.51 5.40 7.61
N ARG A 19 1.75 5.50 8.93
CA ARG A 19 0.94 6.36 9.82
C ARG A 19 1.01 7.85 9.46
N ARG A 20 2.05 8.26 8.76
CA ARG A 20 2.25 9.64 8.28
C ARG A 20 1.56 9.91 6.95
N ILE A 21 1.80 9.08 5.93
CA ILE A 21 1.27 9.30 4.57
C ILE A 21 -0.21 8.90 4.45
N LEU A 22 -0.70 7.92 5.21
CA LEU A 22 -2.14 7.61 5.30
C LEU A 22 -2.86 8.50 6.34
N ARG A 23 -2.10 9.29 7.10
CA ARG A 23 -2.53 10.25 8.15
C ARG A 23 -3.19 9.61 9.39
N LEU A 24 -3.23 8.28 9.48
CA LEU A 24 -3.91 7.52 10.54
C LEU A 24 -2.92 7.09 11.63
N ASP A 25 -3.34 7.00 12.90
CA ASP A 25 -2.39 6.85 14.01
C ASP A 25 -1.82 5.41 14.14
N GLU A 26 -0.73 5.23 14.91
CA GLU A 26 -0.03 3.94 15.00
C GLU A 26 -0.94 2.80 15.49
N ASN A 27 -1.82 3.08 16.47
CA ASN A 27 -2.80 2.11 16.98
C ASN A 27 -4.14 2.13 16.19
N GLU A 28 -4.20 2.88 15.08
CA GLU A 28 -5.34 2.89 14.13
C GLU A 28 -4.98 2.21 12.80
N LEU A 29 -3.71 1.82 12.63
CA LEU A 29 -3.24 0.93 11.57
C LEU A 29 -3.36 -0.49 12.12
N ARG A 30 -4.25 -1.33 11.58
CA ARG A 30 -4.33 -2.72 12.10
C ARG A 30 -3.29 -3.57 11.41
N ILE A 31 -2.13 -3.67 12.04
CA ILE A 31 -1.01 -4.50 11.63
C ILE A 31 -1.10 -5.93 12.20
N THR A 32 -0.62 -6.90 11.43
CA THR A 32 -0.75 -8.34 11.69
C THR A 32 0.50 -9.10 11.21
N ASP A 33 0.78 -10.24 11.83
CA ASP A 33 2.07 -10.93 11.77
C ASP A 33 1.96 -12.34 11.13
N THR A 34 3.02 -13.16 11.30
CA THR A 34 3.52 -14.20 10.35
C THR A 34 2.47 -15.07 9.62
N ALA A 35 1.40 -15.53 10.27
CA ALA A 35 0.64 -16.68 9.77
C ALA A 35 -0.25 -16.41 8.53
N LEU A 36 -0.56 -15.14 8.20
CA LEU A 36 -1.30 -14.75 6.98
C LEU A 36 -0.41 -14.19 5.84
N ILE A 37 0.85 -13.83 6.14
CA ILE A 37 1.88 -13.37 5.18
C ILE A 37 2.93 -14.46 4.83
N CYS A 38 2.84 -15.60 5.52
CA CYS A 38 3.71 -16.78 5.65
C CYS A 38 4.41 -17.40 4.41
N LYS A 39 4.40 -16.81 3.21
CA LYS A 39 5.18 -17.35 2.06
C LYS A 39 6.71 -17.30 2.28
N ASN A 40 7.19 -16.43 3.18
CA ASN A 40 8.36 -16.75 3.99
C ASN A 40 7.85 -17.37 5.32
N PRO A 41 8.19 -18.64 5.63
CA PRO A 41 7.61 -19.36 6.76
C PRO A 41 8.13 -18.90 8.14
N ASN A 42 9.15 -18.03 8.22
CA ASN A 42 9.72 -17.55 9.48
C ASN A 42 9.37 -16.07 9.76
N TYR A 43 9.45 -15.20 8.75
CA TYR A 43 8.79 -13.90 8.69
C TYR A 43 8.83 -13.35 7.25
N SER A 44 7.67 -12.99 6.70
CA SER A 44 7.55 -11.90 5.73
C SER A 44 7.22 -10.60 6.50
N LEU A 45 6.71 -9.54 5.87
CA LEU A 45 6.64 -8.23 6.53
C LEU A 45 5.38 -8.00 7.41
N CYS A 46 4.23 -7.62 6.88
CA CYS A 46 3.08 -7.20 7.71
C CYS A 46 1.75 -7.14 6.95
N ASP A 47 0.66 -6.85 7.67
CA ASP A 47 -0.68 -6.76 7.06
C ASP A 47 -1.49 -5.70 7.81
N ALA A 48 -1.69 -4.55 7.18
CA ALA A 48 -2.22 -3.29 7.73
C ALA A 48 -3.72 -3.12 7.43
N MET A 49 -4.47 -2.29 8.17
CA MET A 49 -5.87 -1.95 7.85
C MET A 49 -6.06 -0.44 7.77
N LEU A 50 -6.81 -0.02 6.75
CA LEU A 50 -6.86 1.28 6.10
C LEU A 50 -8.31 1.80 5.98
N THR A 51 -8.51 3.04 6.45
CA THR A 51 -9.76 3.84 6.40
C THR A 51 -9.47 5.22 5.80
N THR A 52 -10.51 5.97 5.36
CA THR A 52 -10.45 6.94 4.26
C THR A 52 -9.16 7.77 4.26
N ASP A 53 -8.38 7.52 3.22
CA ASP A 53 -7.18 8.26 2.86
C ASP A 53 -7.50 9.12 1.63
N ILE A 54 -6.67 10.13 1.48
CA ILE A 54 -6.82 11.18 0.48
C ILE A 54 -5.55 11.15 -0.37
N VAL A 55 -5.54 12.01 -1.37
CA VAL A 55 -4.70 11.77 -2.56
C VAL A 55 -3.23 12.12 -2.24
N TYR A 56 -2.42 11.08 -2.03
CA TYR A 56 -1.08 11.18 -1.44
C TYR A 56 -0.05 10.28 -2.19
N PRO A 57 1.26 10.57 -2.09
CA PRO A 57 2.35 9.84 -2.77
C PRO A 57 2.50 8.41 -2.25
N VAL A 58 1.77 7.48 -2.85
CA VAL A 58 1.66 6.11 -2.38
C VAL A 58 2.98 5.33 -2.52
N GLU A 59 3.70 5.51 -3.63
CA GLU A 59 4.97 4.82 -3.88
C GLU A 59 6.10 5.25 -2.94
N TYR A 60 5.94 6.34 -2.18
CA TYR A 60 6.83 6.67 -1.07
C TYR A 60 6.95 5.54 -0.04
N LEU A 61 5.91 4.69 0.11
CA LEU A 61 5.96 3.47 0.91
C LEU A 61 6.69 2.33 0.17
N LEU A 62 6.40 2.13 -1.13
CA LEU A 62 7.12 1.15 -1.95
C LEU A 62 8.65 1.42 -1.95
N SER A 63 9.06 2.68 -2.08
CA SER A 63 10.48 3.09 -2.03
C SER A 63 11.06 3.01 -0.62
N TYR A 64 10.26 3.23 0.43
CA TYR A 64 10.70 2.99 1.81
C TYR A 64 11.11 1.53 2.07
N TRP A 65 10.40 0.54 1.48
CA TRP A 65 10.83 -0.87 1.53
C TRP A 65 12.03 -1.15 0.61
N GLU A 66 11.94 -0.74 -0.66
CA GLU A 66 12.96 -1.02 -1.68
C GLU A 66 14.34 -0.42 -1.35
N CYS A 67 14.40 0.75 -0.69
CA CYS A 67 15.64 1.34 -0.19
C CYS A 67 16.16 0.74 1.14
N ARG A 68 15.31 0.06 1.94
CA ARG A 68 15.64 -0.36 3.32
C ARG A 68 16.70 -1.46 3.39
N SER A 69 16.64 -2.41 2.46
CA SER A 69 17.52 -3.60 2.44
C SER A 69 17.82 -4.16 1.04
N GLY A 70 17.29 -3.54 -0.02
CA GLY A 70 17.20 -4.10 -1.38
C GLY A 70 16.24 -5.28 -1.43
N ARG A 71 14.94 -5.00 -1.54
CA ARG A 71 13.85 -5.97 -1.47
C ARG A 71 12.68 -5.41 -2.26
N THR A 72 12.35 -6.13 -3.32
CA THR A 72 11.27 -5.80 -4.25
C THR A 72 9.98 -6.49 -3.80
N ALA A 73 9.00 -5.67 -3.40
CA ALA A 73 7.78 -6.09 -2.71
C ALA A 73 6.50 -5.79 -3.51
N CYS A 74 5.48 -6.63 -3.35
CA CYS A 74 4.11 -6.34 -3.78
C CYS A 74 3.37 -5.64 -2.63
N PHE A 75 2.77 -4.49 -2.93
CA PHE A 75 1.77 -3.89 -2.05
C PHE A 75 0.41 -4.39 -2.53
N VAL A 76 -0.15 -5.35 -1.79
CA VAL A 76 -1.39 -6.04 -2.10
C VAL A 76 -2.48 -5.53 -1.17
N PHE A 77 -3.71 -5.37 -1.67
CA PHE A 77 -4.81 -4.91 -0.83
C PHE A 77 -5.97 -5.89 -0.91
N LYS A 78 -6.41 -6.41 0.24
CA LYS A 78 -7.60 -7.26 0.43
C LYS A 78 -8.73 -6.43 1.04
N ASN A 79 -9.81 -6.17 0.30
CA ASN A 79 -11.05 -5.66 0.90
C ASN A 79 -11.94 -6.81 1.42
N THR A 80 -12.31 -6.68 2.70
CA THR A 80 -13.08 -7.60 3.55
C THR A 80 -13.92 -6.65 4.42
N GLY A 81 -15.05 -7.03 5.00
CA GLY A 81 -16.36 -6.43 4.66
C GLY A 81 -16.24 -5.23 3.71
N CYS A 82 -16.83 -4.06 3.96
CA CYS A 82 -16.11 -2.90 3.43
C CYS A 82 -15.27 -2.29 4.57
N ARG A 83 -13.96 -2.50 4.46
CA ARG A 83 -12.81 -1.81 5.08
C ARG A 83 -11.56 -2.33 4.37
N VAL A 84 -10.69 -1.47 3.81
CA VAL A 84 -9.54 -2.03 3.07
C VAL A 84 -8.45 -2.48 4.03
N SER A 85 -7.89 -3.67 3.79
CA SER A 85 -6.62 -4.09 4.39
C SER A 85 -5.52 -4.14 3.33
N LEU A 86 -4.28 -3.82 3.70
CA LEU A 86 -3.09 -3.84 2.87
C LEU A 86 -2.21 -5.00 3.37
N SER A 87 -2.13 -6.05 2.58
CA SER A 87 -1.16 -7.11 2.75
C SER A 87 0.18 -6.65 2.14
N CYS A 88 1.14 -6.20 2.97
CA CYS A 88 2.43 -5.77 2.43
C CYS A 88 3.46 -6.87 2.71
N TYR A 89 3.88 -7.57 1.65
CA TYR A 89 4.79 -8.70 1.83
C TYR A 89 5.93 -8.79 0.81
N ILE A 90 7.05 -9.37 1.26
CA ILE A 90 7.83 -10.27 0.38
C ILE A 90 7.02 -11.57 0.24
N GLY A 91 6.24 -11.67 -0.83
CA GLY A 91 5.21 -12.73 -0.97
C GLY A 91 4.46 -12.84 -2.29
N PHE A 92 4.19 -14.09 -2.67
CA PHE A 92 3.41 -14.47 -3.86
C PHE A 92 2.36 -15.56 -3.54
N PRO A 93 1.34 -15.28 -2.69
CA PRO A 93 0.40 -16.27 -2.19
C PRO A 93 -0.70 -16.69 -3.19
N GLU A 94 -1.24 -17.87 -2.92
CA GLU A 94 -2.29 -18.60 -3.66
C GLU A 94 -3.57 -17.79 -3.98
N ARG A 95 -3.84 -16.68 -3.27
CA ARG A 95 -4.94 -15.77 -3.62
C ARG A 95 -4.69 -14.97 -4.91
N LEU A 96 -3.48 -14.97 -5.47
CA LEU A 96 -3.19 -14.54 -6.84
C LEU A 96 -3.74 -15.45 -7.95
N LYS A 97 -4.34 -16.61 -7.62
CA LYS A 97 -5.26 -17.34 -8.53
C LYS A 97 -6.69 -16.75 -8.52
N ASP A 98 -6.91 -15.68 -7.75
CA ASP A 98 -8.19 -14.98 -7.57
C ASP A 98 -8.09 -13.45 -7.73
N LEU A 99 -6.98 -12.79 -7.33
CA LEU A 99 -6.87 -11.33 -7.29
C LEU A 99 -6.12 -10.71 -8.49
N LYS A 100 -6.36 -9.41 -8.71
CA LYS A 100 -5.99 -8.65 -9.93
C LYS A 100 -4.83 -7.66 -9.70
N ARG A 101 -4.65 -6.65 -10.56
CA ARG A 101 -3.83 -5.44 -10.29
C ARG A 101 -4.68 -4.17 -10.35
N VAL A 102 -4.18 -3.02 -9.85
CA VAL A 102 -4.86 -1.74 -10.08
C VAL A 102 -4.00 -0.64 -10.72
N CYS A 103 -4.52 0.00 -11.77
CA CYS A 103 -4.59 1.47 -11.80
C CYS A 103 -5.85 1.84 -12.60
N ASP A 104 -6.82 2.41 -11.90
CA ASP A 104 -8.16 2.66 -12.36
C ASP A 104 -8.91 3.41 -11.24
N PHE A 105 -10.13 3.79 -11.59
CA PHE A 105 -11.21 4.16 -10.67
C PHE A 105 -12.39 3.17 -10.79
N ASN A 106 -12.77 2.49 -9.70
CA ASN A 106 -13.92 1.56 -9.69
C ASN A 106 -14.50 1.29 -8.27
N PHE A 107 -15.70 0.70 -8.22
CA PHE A 107 -16.23 0.06 -7.00
C PHE A 107 -15.53 -1.27 -6.71
N LEU A 108 -15.43 -1.65 -5.43
CA LEU A 108 -14.67 -2.77 -4.92
C LEU A 108 -15.54 -3.52 -3.87
N SER A 109 -15.46 -4.85 -3.82
CA SER A 109 -16.39 -5.73 -3.09
C SER A 109 -15.78 -6.56 -1.95
N VAL A 110 -16.65 -7.24 -1.21
CA VAL A 110 -16.45 -7.85 0.13
C VAL A 110 -15.46 -9.03 0.18
N ASN A 111 -15.02 -9.54 -0.97
CA ASN A 111 -14.02 -10.62 -1.05
C ASN A 111 -12.94 -10.35 -2.12
N GLU A 112 -12.69 -9.08 -2.46
CA GLU A 112 -11.98 -8.69 -3.69
C GLU A 112 -10.65 -7.97 -3.37
N ALA A 113 -9.64 -8.07 -4.26
CA ALA A 113 -8.28 -7.71 -3.95
C ALA A 113 -7.45 -7.42 -5.21
N LEU A 114 -6.28 -6.81 -5.02
CA LEU A 114 -5.36 -6.45 -6.09
C LEU A 114 -3.87 -6.41 -5.65
N VAL A 115 -2.95 -6.42 -6.62
CA VAL A 115 -1.53 -6.06 -6.51
C VAL A 115 -1.33 -4.63 -7.02
N VAL A 116 -0.39 -3.92 -6.39
CA VAL A 116 0.36 -2.85 -7.05
C VAL A 116 1.86 -3.02 -6.76
N THR A 117 2.68 -3.00 -7.81
CA THR A 117 4.15 -3.03 -7.75
C THR A 117 4.77 -1.91 -8.57
N LEU A 118 6.02 -1.54 -8.30
CA LEU A 118 6.77 -0.55 -9.09
C LEU A 118 6.90 -1.00 -10.56
N ALA A 119 7.12 -2.29 -10.81
CA ALA A 119 7.14 -2.88 -12.15
C ALA A 119 5.77 -2.81 -12.84
N ASP A 120 4.68 -2.90 -12.09
CA ASP A 120 3.32 -2.71 -12.62
C ASP A 120 3.05 -1.25 -12.98
N ILE A 121 3.61 -0.27 -12.26
CA ILE A 121 3.54 1.14 -12.67
C ILE A 121 4.35 1.37 -13.97
N GLU A 122 5.54 0.76 -14.09
CA GLU A 122 6.28 0.77 -15.36
C GLU A 122 5.50 0.12 -16.52
N ARG A 123 4.58 -0.83 -16.28
CA ARG A 123 3.65 -1.40 -17.27
C ARG A 123 2.33 -0.62 -17.45
N ILE A 124 1.92 0.19 -16.48
CA ILE A 124 0.67 0.97 -16.51
C ILE A 124 0.81 2.22 -17.40
N LYS A 125 1.98 2.87 -17.39
CA LYS A 125 2.29 4.10 -18.17
C LYS A 125 3.76 4.13 -18.62
N PRO A 126 4.17 5.09 -19.48
CA PRO A 126 5.57 5.46 -19.77
C PRO A 126 6.45 5.89 -18.57
N CYS A 127 6.08 5.51 -17.35
CA CYS A 127 6.80 5.76 -16.10
C CYS A 127 8.02 4.85 -15.95
N ASP A 128 8.95 5.26 -15.09
CA ASP A 128 10.12 4.55 -14.65
C ASP A 128 10.11 4.47 -13.12
N LYS A 129 11.26 4.11 -12.56
CA LYS A 129 11.41 3.82 -11.13
C LYS A 129 11.18 5.03 -10.21
N GLY A 130 11.36 6.27 -10.69
CA GLY A 130 11.26 7.49 -9.89
C GLY A 130 9.85 8.06 -9.73
N VAL A 131 8.79 7.31 -10.04
CA VAL A 131 7.43 7.86 -10.23
C VAL A 131 6.87 8.57 -8.97
N LEU A 132 5.88 9.44 -9.17
CA LEU A 132 4.90 9.79 -8.13
C LEU A 132 3.50 9.37 -8.56
N THR A 133 2.85 8.61 -7.68
CA THR A 133 1.56 7.94 -7.85
C THR A 133 0.60 8.38 -6.75
N ASN A 134 -0.69 8.44 -7.06
CA ASN A 134 -1.66 9.15 -6.23
C ASN A 134 -2.85 8.22 -5.97
N CYS A 135 -3.24 8.03 -4.72
CA CYS A 135 -4.14 6.93 -4.31
C CYS A 135 -5.20 7.45 -3.34
N VAL A 136 -6.45 6.99 -3.49
CA VAL A 136 -7.63 7.58 -2.84
C VAL A 136 -8.67 6.49 -2.50
N VAL A 137 -8.94 6.23 -1.22
CA VAL A 137 -10.00 5.29 -0.81
C VAL A 137 -11.21 5.98 -0.17
N ARG A 138 -12.39 5.61 -0.69
CA ARG A 138 -13.72 5.90 -0.15
C ARG A 138 -14.36 4.56 0.25
N LYS A 139 -15.07 4.52 1.36
CA LYS A 139 -15.92 3.38 1.74
C LYS A 139 -17.12 3.84 2.56
N SER A 140 -18.24 3.11 2.54
CA SER A 140 -19.38 3.38 3.42
C SER A 140 -19.91 2.05 3.98
N ASN A 141 -19.96 1.93 5.31
CA ASN A 141 -20.40 0.72 6.03
C ASN A 141 -21.93 0.58 5.98
N SER A 142 -22.64 1.60 6.47
CA SER A 142 -24.09 1.74 6.30
C SER A 142 -24.52 1.83 4.82
N GLY A 143 -23.72 2.49 3.98
CA GLY A 143 -23.94 2.59 2.53
C GLY A 143 -23.40 1.41 1.70
N MET A 144 -23.05 0.29 2.36
CA MET A 144 -22.71 -1.02 1.76
C MET A 144 -21.80 -1.00 0.51
N SER A 145 -20.68 -0.27 0.53
CA SER A 145 -19.78 -0.19 -0.64
C SER A 145 -18.32 0.19 -0.32
N TYR A 146 -17.38 -0.32 -1.12
CA TYR A 146 -16.01 0.19 -1.21
C TYR A 146 -15.76 0.90 -2.55
N ASN A 147 -15.03 2.02 -2.56
CA ASN A 147 -14.87 2.85 -3.78
C ASN A 147 -13.44 3.39 -3.91
N ILE A 148 -12.76 3.05 -5.01
CA ILE A 148 -11.31 2.93 -5.04
C ILE A 148 -10.73 3.64 -6.27
N GLU A 149 -9.66 4.42 -6.10
CA GLU A 149 -8.94 5.11 -7.19
C GLU A 149 -7.43 5.12 -6.93
N VAL A 150 -6.60 4.75 -7.92
CA VAL A 150 -5.17 5.10 -7.96
C VAL A 150 -4.71 5.34 -9.39
N VAL A 151 -3.86 6.37 -9.52
CA VAL A 151 -3.48 7.04 -10.77
C VAL A 151 -1.96 7.29 -10.77
N ALA A 152 -1.32 7.35 -11.95
CA ALA A 152 0.15 7.27 -12.07
C ALA A 152 0.75 8.22 -13.12
N PHE A 153 1.77 9.02 -12.75
CA PHE A 153 2.55 9.80 -13.73
C PHE A 153 4.04 10.04 -13.39
N GLY A 154 4.90 9.82 -14.38
CA GLY A 154 6.32 10.21 -14.45
C GLY A 154 6.61 11.73 -14.42
N PRO A 155 7.82 12.19 -14.83
CA PRO A 155 8.38 13.51 -14.49
C PRO A 155 7.56 14.78 -14.74
N ASP A 156 6.55 14.76 -15.61
CA ASP A 156 5.63 15.91 -15.78
C ASP A 156 4.59 16.06 -14.64
N ASN A 157 4.56 15.14 -13.65
CA ASN A 157 3.69 15.07 -12.46
C ASN A 157 3.72 16.28 -11.47
N GLU A 158 4.31 17.39 -11.88
CA GLU A 158 4.45 18.63 -11.11
C GLU A 158 3.13 19.09 -10.49
N ALA A 159 2.01 18.97 -11.22
CA ALA A 159 0.70 19.44 -10.74
C ALA A 159 0.23 18.70 -9.49
N GLU A 160 0.22 17.36 -9.50
CA GLU A 160 -0.21 16.56 -8.35
C GLU A 160 0.82 16.56 -7.21
N TYR A 161 2.11 16.74 -7.53
CA TYR A 161 3.17 17.00 -6.54
C TYR A 161 2.95 18.35 -5.82
N GLN A 162 2.70 19.43 -6.56
CA GLN A 162 2.37 20.75 -5.98
C GLN A 162 1.06 20.71 -5.17
N ALA A 163 0.04 19.97 -5.63
CA ALA A 163 -1.19 19.73 -4.85
C ALA A 163 -0.93 19.01 -3.50
N LEU A 164 0.11 18.17 -3.43
CA LEU A 164 0.47 17.40 -2.25
C LEU A 164 1.24 18.29 -1.25
N LEU A 165 2.30 18.98 -1.68
CA LEU A 165 3.12 19.80 -0.77
C LEU A 165 2.31 20.99 -0.24
N ARG A 166 1.32 21.44 -1.03
CA ARG A 166 0.35 22.46 -0.60
C ARG A 166 -0.73 21.91 0.33
N ASP A 167 -1.03 20.60 0.29
CA ASP A 167 -1.84 19.92 1.32
C ASP A 167 -1.11 19.71 2.66
N ILE A 168 0.22 19.55 2.66
CA ILE A 168 1.01 19.46 3.91
C ILE A 168 1.18 20.84 4.54
N TYR A 169 1.36 21.89 3.72
CA TYR A 169 1.09 23.27 4.15
C TYR A 169 -0.40 23.52 4.47
N ALA A 170 -1.29 22.56 4.25
CA ALA A 170 -2.69 22.62 4.71
C ALA A 170 -3.02 21.65 5.87
N ARG A 171 -2.00 21.29 6.66
CA ARG A 171 -2.05 20.70 8.02
C ARG A 171 -3.33 20.93 8.82
N ALA A 1 12.35 -15.02 19.14
CA ALA A 1 12.80 -16.42 19.11
C ALA A 1 11.59 -17.36 19.13
N GLY A 2 11.66 -18.50 18.45
CA GLY A 2 10.60 -19.51 18.37
C GLY A 2 9.46 -19.22 17.36
N HIS A 3 9.31 -17.98 16.90
CA HIS A 3 8.24 -17.52 15.98
C HIS A 3 8.82 -16.67 14.81
N MET A 4 8.03 -15.80 14.16
CA MET A 4 8.50 -14.91 13.09
C MET A 4 9.57 -13.91 13.57
N GLU A 5 10.37 -13.34 12.65
CA GLU A 5 11.42 -12.36 12.99
C GLU A 5 11.30 -11.06 12.18
N ILE A 6 10.69 -10.04 12.78
CA ILE A 6 10.43 -8.77 12.12
C ILE A 6 11.69 -7.90 12.03
N ASP A 7 12.17 -7.87 10.78
CA ASP A 7 13.43 -7.24 10.37
C ASP A 7 13.58 -5.83 11.01
N LYS A 8 14.69 -5.63 11.74
CA LYS A 8 14.75 -4.80 12.97
C LYS A 8 14.30 -3.35 12.85
N ASN A 9 14.56 -2.69 11.73
CA ASN A 9 14.12 -1.33 11.43
C ASN A 9 12.92 -1.30 10.46
N VAL A 10 12.69 -2.39 9.70
CA VAL A 10 11.75 -2.40 8.56
C VAL A 10 10.30 -2.26 9.01
N GLY A 11 9.81 -3.07 9.94
CA GLY A 11 8.48 -2.94 10.52
C GLY A 11 8.29 -1.59 11.21
N ALA A 12 9.23 -1.18 12.08
CA ALA A 12 9.13 0.10 12.80
C ALA A 12 9.04 1.30 11.85
N ASP A 13 9.94 1.37 10.86
CA ASP A 13 10.00 2.46 9.88
C ASP A 13 8.82 2.45 8.89
N LEU A 14 8.43 1.27 8.39
CA LEU A 14 7.36 1.12 7.39
C LEU A 14 5.96 1.28 7.99
N ILE A 15 5.75 0.89 9.25
CA ILE A 15 4.51 1.23 9.97
C ILE A 15 4.50 2.74 10.27
N SER A 16 5.63 3.35 10.65
CA SER A 16 5.74 4.82 10.76
C SER A 16 5.46 5.54 9.42
N ASN A 17 5.86 4.94 8.30
CA ASN A 17 5.62 5.45 6.95
C ASN A 17 4.13 5.32 6.55
N THR A 18 3.48 4.19 6.90
CA THR A 18 2.04 3.99 6.69
C THR A 18 1.22 4.98 7.53
N ARG A 19 1.62 5.19 8.79
CA ARG A 19 1.09 6.23 9.70
C ARG A 19 1.16 7.64 9.09
N ARG A 20 2.22 7.95 8.33
CA ARG A 20 2.50 9.26 7.74
C ARG A 20 1.78 9.50 6.40
N ILE A 21 1.86 8.56 5.46
CA ILE A 21 1.27 8.72 4.11
C ILE A 21 -0.26 8.69 4.16
N LEU A 22 -0.85 7.77 4.96
CA LEU A 22 -2.31 7.70 5.17
C LEU A 22 -2.80 8.63 6.28
N ARG A 23 -1.90 9.35 6.97
CA ARG A 23 -2.14 10.32 8.06
C ARG A 23 -3.00 9.82 9.23
N LEU A 24 -3.06 8.51 9.42
CA LEU A 24 -3.73 7.81 10.54
C LEU A 24 -2.77 7.55 11.71
N ASP A 25 -3.31 7.44 12.94
CA ASP A 25 -2.51 7.29 14.17
C ASP A 25 -2.03 5.84 14.42
N GLU A 26 -1.00 5.63 15.25
CA GLU A 26 -0.34 4.32 15.34
C GLU A 26 -1.17 3.20 15.99
N ASN A 27 -2.16 3.50 16.85
CA ASN A 27 -3.16 2.55 17.32
C ASN A 27 -4.47 2.61 16.50
N GLU A 28 -4.49 3.36 15.39
CA GLU A 28 -5.59 3.44 14.41
C GLU A 28 -5.17 2.79 13.07
N LEU A 29 -3.91 2.33 13.01
CA LEU A 29 -3.36 1.44 12.02
C LEU A 29 -3.48 0.04 12.61
N ARG A 30 -4.23 -0.86 11.97
CA ARG A 30 -4.20 -2.27 12.45
C ARG A 30 -3.09 -2.99 11.72
N ILE A 31 -2.27 -3.76 12.44
CA ILE A 31 -1.25 -4.64 11.88
C ILE A 31 -1.39 -6.08 12.37
N THR A 32 -1.12 -7.02 11.46
CA THR A 32 -1.45 -8.45 11.60
C THR A 32 -0.49 -9.29 10.77
N ASP A 33 -0.15 -10.47 11.27
CA ASP A 33 0.91 -11.31 10.71
C ASP A 33 0.88 -12.75 11.27
N THR A 34 -0.24 -13.42 11.05
CA THR A 34 -0.28 -14.90 10.97
C THR A 34 -0.07 -15.39 9.54
N ALA A 35 -0.93 -14.95 8.61
CA ALA A 35 -1.25 -15.75 7.43
C ALA A 35 -0.22 -15.60 6.30
N LEU A 36 0.00 -14.35 5.88
CA LEU A 36 1.04 -13.96 4.94
C LEU A 36 2.46 -14.28 5.47
N ILE A 37 2.67 -14.26 6.78
CA ILE A 37 3.95 -14.64 7.41
C ILE A 37 4.25 -16.12 7.20
N CYS A 38 3.20 -16.92 7.10
CA CYS A 38 3.27 -18.37 6.83
C CYS A 38 3.36 -18.74 5.33
N LYS A 39 3.48 -17.78 4.40
CA LYS A 39 3.78 -18.06 2.98
C LYS A 39 5.29 -18.21 2.73
N ASN A 40 6.11 -17.79 3.69
CA ASN A 40 7.57 -17.88 3.71
C ASN A 40 8.04 -18.69 4.94
N PRO A 41 9.28 -19.21 4.96
CA PRO A 41 9.76 -20.04 6.06
C PRO A 41 9.73 -19.36 7.44
N ASN A 42 10.04 -18.05 7.53
CA ASN A 42 10.02 -17.29 8.78
C ASN A 42 9.10 -16.06 8.83
N TYR A 43 8.92 -15.29 7.75
CA TYR A 43 8.22 -14.01 7.72
C TYR A 43 7.94 -13.60 6.27
N SER A 44 6.80 -12.98 6.01
CA SER A 44 6.74 -11.80 5.15
C SER A 44 6.52 -10.58 6.04
N LEU A 45 6.19 -9.40 5.51
CA LEU A 45 6.27 -8.19 6.34
C LEU A 45 5.10 -8.10 7.34
N CYS A 46 3.91 -7.74 6.87
CA CYS A 46 2.74 -7.47 7.72
C CYS A 46 1.52 -7.14 6.84
N ASP A 47 0.41 -6.76 7.45
CA ASP A 47 -0.81 -6.35 6.76
C ASP A 47 -1.38 -5.14 7.50
N ALA A 48 -1.84 -4.10 6.81
CA ALA A 48 -2.21 -2.80 7.38
C ALA A 48 -3.69 -2.45 7.15
N MET A 49 -4.41 -1.85 8.11
CA MET A 49 -5.84 -1.49 7.94
C MET A 49 -6.06 0.01 7.93
N LEU A 50 -6.79 0.44 6.91
CA LEU A 50 -6.79 1.76 6.27
C LEU A 50 -8.21 2.34 6.09
N THR A 51 -8.24 3.67 5.89
CA THR A 51 -9.28 4.69 6.16
C THR A 51 -10.20 5.00 4.97
N THR A 52 -11.18 5.92 5.12
CA THR A 52 -12.14 6.25 4.03
C THR A 52 -11.99 7.74 3.71
N ASP A 53 -11.43 8.05 2.54
CA ASP A 53 -10.42 9.11 2.38
C ASP A 53 -10.26 9.61 0.92
N ILE A 54 -9.08 10.14 0.59
CA ILE A 54 -8.67 11.07 -0.46
C ILE A 54 -7.25 10.72 -0.94
N VAL A 55 -6.71 11.44 -1.93
CA VAL A 55 -5.52 11.05 -2.70
C VAL A 55 -4.21 11.26 -1.92
N TYR A 56 -3.42 10.19 -1.77
CA TYR A 56 -2.22 10.15 -0.94
C TYR A 56 -0.96 9.75 -1.76
N PRO A 57 0.24 10.27 -1.40
CA PRO A 57 1.49 10.12 -2.15
C PRO A 57 2.12 8.73 -1.95
N VAL A 58 1.50 7.71 -2.55
CA VAL A 58 1.80 6.29 -2.29
C VAL A 58 3.21 5.88 -2.75
N GLU A 59 3.78 6.61 -3.72
CA GLU A 59 5.15 6.37 -4.24
C GLU A 59 6.23 6.25 -3.15
N TYR A 60 6.15 7.09 -2.10
CA TYR A 60 7.12 7.08 -1.00
C TYR A 60 7.14 5.73 -0.28
N LEU A 61 5.97 5.11 -0.09
CA LEU A 61 5.78 3.87 0.66
C LEU A 61 6.39 2.67 -0.10
N LEU A 62 6.10 2.57 -1.40
CA LEU A 62 6.69 1.56 -2.29
C LEU A 62 8.23 1.68 -2.34
N SER A 63 8.73 2.91 -2.44
CA SER A 63 10.16 3.20 -2.67
C SER A 63 11.00 2.97 -1.43
N TYR A 64 10.56 3.49 -0.27
CA TYR A 64 11.21 3.23 1.02
C TYR A 64 11.21 1.72 1.31
N TRP A 65 10.09 1.01 1.11
CA TRP A 65 10.01 -0.43 1.39
C TRP A 65 11.03 -1.25 0.60
N GLU A 66 11.13 -1.01 -0.72
CA GLU A 66 12.13 -1.67 -1.56
C GLU A 66 13.57 -1.39 -1.09
N CYS A 67 13.88 -0.13 -0.75
CA CYS A 67 15.24 0.27 -0.36
C CYS A 67 15.64 -0.19 1.06
N ARG A 68 14.68 -0.47 1.96
CA ARG A 68 14.92 -0.66 3.40
C ARG A 68 15.59 -1.98 3.81
N SER A 69 15.59 -3.00 2.95
CA SER A 69 16.31 -4.28 3.20
C SER A 69 16.94 -4.93 1.97
N GLY A 70 16.84 -4.28 0.80
CA GLY A 70 17.29 -4.73 -0.51
C GLY A 70 16.52 -5.97 -0.94
N ARG A 71 15.23 -5.80 -1.26
CA ARG A 71 14.24 -6.82 -1.59
C ARG A 71 13.08 -6.08 -2.22
N THR A 72 12.67 -6.57 -3.37
CA THR A 72 11.51 -6.13 -4.15
C THR A 72 10.24 -6.83 -3.66
N ALA A 73 9.12 -6.11 -3.62
CA ALA A 73 7.89 -6.55 -2.98
C ALA A 73 6.61 -5.97 -3.61
N CYS A 74 5.50 -6.70 -3.53
CA CYS A 74 4.18 -6.24 -3.98
C CYS A 74 3.32 -5.80 -2.78
N PHE A 75 2.67 -4.63 -2.93
CA PHE A 75 1.62 -4.17 -2.03
C PHE A 75 0.30 -4.70 -2.56
N VAL A 76 -0.38 -5.54 -1.79
CA VAL A 76 -1.54 -6.31 -2.23
C VAL A 76 -2.74 -5.96 -1.36
N PHE A 77 -3.77 -5.32 -1.89
CA PHE A 77 -4.90 -4.91 -1.08
C PHE A 77 -5.90 -6.05 -1.07
N LYS A 78 -6.27 -6.48 0.12
CA LYS A 78 -7.38 -7.39 0.37
C LYS A 78 -8.46 -6.61 1.12
N ASN A 79 -9.42 -6.15 0.33
CA ASN A 79 -10.60 -5.46 0.83
C ASN A 79 -11.55 -6.45 1.51
N THR A 80 -11.75 -6.26 2.82
CA THR A 80 -12.26 -7.20 3.80
C THR A 80 -13.03 -6.35 4.80
N GLY A 81 -13.96 -6.87 5.58
CA GLY A 81 -15.35 -6.36 5.70
C GLY A 81 -15.57 -4.99 5.06
N CYS A 82 -16.19 -4.01 5.74
CA CYS A 82 -15.96 -2.65 5.22
C CYS A 82 -14.78 -2.02 5.98
N ARG A 83 -13.64 -2.07 5.30
CA ARG A 83 -12.40 -1.28 5.40
C ARG A 83 -11.52 -1.66 4.21
N VAL A 84 -10.49 -0.90 3.91
CA VAL A 84 -9.36 -1.41 3.10
C VAL A 84 -8.32 -2.09 4.01
N SER A 85 -7.97 -3.36 3.76
CA SER A 85 -6.76 -3.98 4.34
C SER A 85 -5.70 -4.14 3.24
N LEU A 86 -4.45 -3.92 3.59
CA LEU A 86 -3.32 -3.99 2.66
C LEU A 86 -2.36 -5.06 3.15
N SER A 87 -2.33 -6.21 2.47
CA SER A 87 -1.37 -7.27 2.74
C SER A 87 -0.01 -6.96 2.08
N CYS A 88 1.09 -6.96 2.84
CA CYS A 88 2.39 -6.54 2.34
C CYS A 88 3.32 -7.75 2.26
N TYR A 89 3.60 -8.22 1.03
CA TYR A 89 4.42 -9.42 0.80
C TYR A 89 5.84 -9.07 0.32
N ILE A 90 6.80 -9.06 1.26
CA ILE A 90 8.14 -9.62 1.01
C ILE A 90 7.96 -11.14 1.06
N GLY A 91 7.53 -11.72 -0.06
CA GLY A 91 6.95 -13.07 0.02
C GLY A 91 6.47 -13.82 -1.21
N PHE A 92 5.99 -15.03 -0.93
CA PHE A 92 5.49 -16.00 -1.91
C PHE A 92 3.95 -16.19 -1.86
N PRO A 93 3.13 -15.17 -2.22
CA PRO A 93 1.67 -15.24 -2.14
C PRO A 93 1.05 -16.31 -3.05
N GLU A 94 0.12 -17.07 -2.49
CA GLU A 94 -0.73 -18.03 -3.22
C GLU A 94 -1.84 -17.32 -4.00
N ARG A 95 -2.48 -16.30 -3.41
CA ARG A 95 -3.67 -15.66 -3.99
C ARG A 95 -3.40 -14.82 -5.25
N LEU A 96 -2.13 -14.56 -5.54
CA LEU A 96 -1.62 -14.09 -6.84
C LEU A 96 -1.99 -14.99 -8.03
N LYS A 97 -2.40 -16.25 -7.82
CA LYS A 97 -2.97 -17.13 -8.85
C LYS A 97 -4.45 -16.85 -9.17
N ASP A 98 -5.09 -15.90 -8.49
CA ASP A 98 -6.44 -15.44 -8.85
C ASP A 98 -6.58 -13.91 -8.86
N LEU A 99 -5.91 -13.16 -7.96
CA LEU A 99 -6.23 -11.76 -7.69
C LEU A 99 -5.73 -10.75 -8.75
N LYS A 100 -6.23 -9.52 -8.69
CA LYS A 100 -6.18 -8.53 -9.78
C LYS A 100 -4.95 -7.61 -9.70
N ARG A 101 -4.87 -6.63 -10.59
CA ARG A 101 -4.04 -5.42 -10.45
C ARG A 101 -4.93 -4.17 -10.54
N VAL A 102 -4.38 -3.00 -10.21
CA VAL A 102 -5.03 -1.71 -10.50
C VAL A 102 -4.16 -0.76 -11.35
N CYS A 103 -4.69 -0.31 -12.48
CA CYS A 103 -4.82 1.13 -12.72
C CYS A 103 -6.30 1.39 -13.04
N ASP A 104 -7.00 2.12 -12.18
CA ASP A 104 -8.46 2.20 -12.19
C ASP A 104 -8.92 3.18 -11.10
N PHE A 105 -10.19 3.49 -11.19
CA PHE A 105 -11.02 4.11 -10.16
C PHE A 105 -12.43 3.51 -10.21
N ASN A 106 -12.80 2.70 -9.20
CA ASN A 106 -14.01 1.87 -9.26
C ASN A 106 -14.68 1.56 -7.91
N PHE A 107 -15.94 1.14 -7.99
CA PHE A 107 -16.67 0.49 -6.89
C PHE A 107 -16.19 -0.95 -6.65
N LEU A 108 -16.27 -1.37 -5.39
CA LEU A 108 -15.53 -2.45 -4.74
C LEU A 108 -16.46 -3.21 -3.77
N SER A 109 -16.25 -4.52 -3.59
CA SER A 109 -16.98 -5.42 -2.68
C SER A 109 -16.12 -6.01 -1.53
N VAL A 110 -16.76 -6.76 -0.63
CA VAL A 110 -16.15 -7.43 0.56
C VAL A 110 -15.19 -8.59 0.22
N ASN A 111 -15.18 -9.08 -1.02
CA ASN A 111 -14.41 -10.26 -1.42
C ASN A 111 -13.30 -9.91 -2.45
N GLU A 112 -12.69 -8.73 -2.37
CA GLU A 112 -11.75 -8.26 -3.39
C GLU A 112 -10.26 -8.40 -3.01
N ALA A 113 -9.37 -8.53 -3.99
CA ALA A 113 -7.95 -8.80 -3.82
C ALA A 113 -7.20 -8.32 -5.09
N LEU A 114 -6.15 -7.51 -4.92
CA LEU A 114 -5.51 -6.77 -6.03
C LEU A 114 -4.05 -6.34 -5.72
N VAL A 115 -3.16 -6.20 -6.71
CA VAL A 115 -1.76 -5.70 -6.58
C VAL A 115 -1.64 -4.23 -6.98
N VAL A 116 -0.73 -3.49 -6.32
CA VAL A 116 0.04 -2.41 -6.95
C VAL A 116 1.54 -2.57 -6.65
N THR A 117 2.39 -2.43 -7.68
CA THR A 117 3.86 -2.62 -7.60
C THR A 117 4.61 -1.83 -8.69
N LEU A 118 5.86 -1.46 -8.47
CA LEU A 118 6.62 -0.47 -9.27
C LEU A 118 6.79 -0.87 -10.76
N ALA A 119 6.81 -2.15 -11.08
CA ALA A 119 6.88 -2.64 -12.46
C ALA A 119 5.53 -2.57 -13.21
N ASP A 120 4.41 -2.72 -12.49
CA ASP A 120 3.08 -2.44 -13.05
C ASP A 120 2.84 -0.93 -13.19
N ILE A 121 3.39 -0.10 -12.29
CA ILE A 121 3.46 1.35 -12.51
C ILE A 121 4.29 1.68 -13.75
N GLU A 122 5.38 0.95 -14.01
CA GLU A 122 6.17 1.09 -15.23
C GLU A 122 5.41 0.67 -16.50
N ARG A 123 4.38 -0.20 -16.42
CA ARG A 123 3.44 -0.42 -17.53
C ARG A 123 2.53 0.79 -17.79
N ILE A 124 2.21 1.57 -16.76
CA ILE A 124 1.42 2.81 -16.89
C ILE A 124 2.30 3.97 -17.41
N LYS A 125 3.56 4.06 -16.96
CA LYS A 125 4.52 5.16 -17.24
C LYS A 125 5.93 4.62 -17.59
N PRO A 126 6.42 4.71 -18.85
CA PRO A 126 7.60 3.98 -19.32
C PRO A 126 8.98 4.23 -18.66
N CYS A 127 9.18 5.28 -17.85
CA CYS A 127 10.41 5.51 -17.09
C CYS A 127 10.13 5.90 -15.63
N ASP A 128 10.81 5.23 -14.69
CA ASP A 128 10.47 5.27 -13.26
C ASP A 128 11.28 6.27 -12.40
N LYS A 129 12.03 7.20 -12.99
CA LYS A 129 12.99 8.11 -12.31
C LYS A 129 12.36 9.31 -11.57
N GLY A 130 11.06 9.31 -11.34
CA GLY A 130 10.31 10.45 -10.80
C GLY A 130 8.83 10.16 -10.60
N VAL A 131 8.51 8.97 -10.11
CA VAL A 131 7.13 8.47 -10.02
C VAL A 131 6.34 9.23 -8.96
N LEU A 132 5.31 9.95 -9.40
CA LEU A 132 4.19 10.36 -8.55
C LEU A 132 3.01 9.40 -8.82
N THR A 133 2.96 8.30 -8.08
CA THR A 133 1.74 7.49 -7.96
C THR A 133 0.92 8.04 -6.80
N ASN A 134 -0.39 8.21 -7.01
CA ASN A 134 -1.29 8.89 -6.09
C ASN A 134 -2.54 8.01 -5.90
N CYS A 135 -2.94 7.73 -4.66
CA CYS A 135 -3.89 6.63 -4.36
C CYS A 135 -4.95 7.04 -3.35
N VAL A 136 -6.21 6.68 -3.61
CA VAL A 136 -7.38 7.19 -2.92
C VAL A 136 -8.41 6.08 -2.73
N VAL A 137 -8.91 5.91 -1.51
CA VAL A 137 -9.91 4.88 -1.19
C VAL A 137 -11.05 5.47 -0.38
N ARG A 138 -12.27 5.00 -0.60
CA ARG A 138 -13.46 5.34 0.18
C ARG A 138 -14.20 4.05 0.52
N LYS A 139 -14.92 4.06 1.62
CA LYS A 139 -15.90 3.03 1.99
C LYS A 139 -17.02 3.70 2.80
N SER A 140 -18.23 3.14 2.78
CA SER A 140 -19.33 3.56 3.66
C SER A 140 -19.90 2.32 4.33
N ASN A 141 -20.23 2.42 5.62
CA ASN A 141 -20.82 1.33 6.40
C ASN A 141 -22.36 1.44 6.36
N SER A 142 -22.90 2.62 6.72
CA SER A 142 -24.32 2.97 6.61
C SER A 142 -24.91 2.68 5.21
N GLY A 143 -24.14 2.99 4.16
CA GLY A 143 -24.49 2.77 2.75
C GLY A 143 -23.87 1.53 2.11
N MET A 144 -23.28 0.62 2.91
CA MET A 144 -22.69 -0.67 2.52
C MET A 144 -22.12 -0.72 1.09
N SER A 145 -21.09 0.08 0.80
CA SER A 145 -20.51 0.20 -0.55
C SER A 145 -19.09 0.77 -0.48
N TYR A 146 -18.16 0.25 -1.28
CA TYR A 146 -16.73 0.44 -1.05
C TYR A 146 -16.03 0.89 -2.34
N ASN A 147 -14.87 1.56 -2.26
CA ASN A 147 -14.33 2.33 -3.40
C ASN A 147 -12.81 2.39 -3.42
N ILE A 148 -12.21 2.21 -4.61
CA ILE A 148 -10.81 1.81 -4.74
C ILE A 148 -10.17 2.45 -5.98
N GLU A 149 -9.18 3.33 -5.79
CA GLU A 149 -8.64 4.19 -6.86
C GLU A 149 -7.12 4.38 -6.73
N VAL A 150 -6.41 4.31 -7.86
CA VAL A 150 -5.03 4.83 -7.96
C VAL A 150 -4.74 5.29 -9.38
N VAL A 151 -4.01 6.41 -9.44
CA VAL A 151 -3.50 7.10 -10.64
C VAL A 151 -1.97 7.14 -10.60
N ALA A 152 -1.33 7.13 -11.77
CA ALA A 152 0.13 7.11 -11.86
C ALA A 152 0.70 8.11 -12.86
N PHE A 153 1.75 8.81 -12.44
CA PHE A 153 2.51 9.79 -13.20
C PHE A 153 4.01 9.59 -12.98
N GLY A 154 4.82 10.10 -13.91
CA GLY A 154 6.25 10.30 -13.74
C GLY A 154 6.54 11.80 -13.52
N PRO A 155 7.65 12.33 -14.05
CA PRO A 155 7.94 13.77 -14.10
C PRO A 155 6.75 14.64 -14.55
N ASP A 156 5.94 14.14 -15.49
CA ASP A 156 4.86 14.87 -16.17
C ASP A 156 3.70 15.40 -15.29
N ASN A 157 3.59 15.00 -14.02
CA ASN A 157 2.70 15.65 -13.04
C ASN A 157 3.50 16.47 -12.01
N GLU A 158 4.05 17.57 -12.53
CA GLU A 158 4.61 18.69 -11.76
C GLU A 158 3.58 19.30 -10.79
N ALA A 159 2.27 19.18 -11.08
CA ALA A 159 1.21 19.81 -10.29
C ALA A 159 0.97 19.13 -8.93
N GLU A 160 0.71 17.82 -8.86
CA GLU A 160 0.67 17.10 -7.58
C GLU A 160 2.06 16.86 -6.99
N TYR A 161 3.15 16.90 -7.77
CA TYR A 161 4.49 16.99 -7.16
C TYR A 161 4.63 18.27 -6.31
N GLN A 162 4.43 19.45 -6.92
CA GLN A 162 4.51 20.74 -6.22
C GLN A 162 3.45 20.89 -5.12
N ALA A 163 2.27 20.26 -5.25
CA ALA A 163 1.25 20.20 -4.19
C ALA A 163 1.71 19.41 -2.96
N LEU A 164 2.52 18.36 -3.13
CA LEU A 164 3.06 17.61 -2.01
C LEU A 164 4.18 18.36 -1.31
N LEU A 165 5.21 18.83 -2.02
CA LEU A 165 6.23 19.74 -1.49
C LEU A 165 5.66 20.98 -0.78
N ARG A 166 4.52 21.50 -1.28
CA ARG A 166 3.71 22.55 -0.66
C ARG A 166 3.20 22.11 0.71
N ASP A 167 2.59 20.92 0.79
CA ASP A 167 2.04 20.39 2.04
C ASP A 167 3.10 19.90 3.04
N ILE A 168 4.35 19.65 2.64
CA ILE A 168 5.45 19.35 3.59
C ILE A 168 6.05 20.64 4.15
N TYR A 169 6.20 21.70 3.34
CA TYR A 169 6.48 23.06 3.83
C TYR A 169 5.36 23.62 4.73
N ALA A 170 4.13 23.09 4.61
CA ALA A 170 2.96 23.43 5.43
C ALA A 170 2.64 22.40 6.54
N ARG A 171 3.66 21.67 7.05
CA ARG A 171 3.57 20.80 8.24
C ARG A 171 3.02 21.44 9.52
N ALA A 1 8.29 -21.26 20.20
CA ALA A 1 9.08 -21.01 18.97
C ALA A 1 8.26 -20.17 17.97
N GLY A 2 8.94 -19.54 17.01
CA GLY A 2 8.29 -18.90 15.85
C GLY A 2 7.68 -17.50 16.07
N HIS A 3 7.74 -16.92 17.27
CA HIS A 3 7.23 -15.56 17.53
C HIS A 3 7.89 -14.52 16.61
N MET A 4 7.14 -13.51 16.17
CA MET A 4 7.55 -12.53 15.16
C MET A 4 8.61 -11.54 15.68
N GLU A 5 9.89 -11.81 15.42
CA GLU A 5 10.98 -10.92 15.82
C GLU A 5 11.16 -9.81 14.77
N ILE A 6 10.48 -8.69 15.00
CA ILE A 6 10.40 -7.62 14.02
C ILE A 6 11.64 -6.72 14.00
N ASP A 7 12.41 -6.96 12.95
CA ASP A 7 13.74 -6.38 12.73
C ASP A 7 13.72 -4.85 12.94
N LYS A 8 14.62 -4.38 13.81
CA LYS A 8 14.48 -3.11 14.56
C LYS A 8 14.36 -1.84 13.72
N ASN A 9 14.85 -1.82 12.48
CA ASN A 9 14.76 -0.67 11.58
C ASN A 9 13.72 -0.89 10.45
N VAL A 10 13.47 -2.16 10.08
CA VAL A 10 12.66 -2.54 8.92
C VAL A 10 11.16 -2.33 9.20
N GLY A 11 10.60 -3.02 10.21
CA GLY A 11 9.21 -2.81 10.62
C GLY A 11 8.95 -1.37 11.04
N ALA A 12 9.85 -0.78 11.84
CA ALA A 12 9.78 0.63 12.24
C ALA A 12 9.57 1.58 11.06
N ASP A 13 10.41 1.52 10.01
CA ASP A 13 10.25 2.37 8.84
C ASP A 13 9.01 2.04 8.01
N LEU A 14 8.66 0.77 7.80
CA LEU A 14 7.57 0.40 6.89
C LEU A 14 6.19 0.65 7.51
N ILE A 15 6.01 0.37 8.81
CA ILE A 15 4.77 0.66 9.55
C ILE A 15 4.61 2.18 9.72
N SER A 16 5.66 2.88 10.13
CA SER A 16 5.56 4.33 10.40
C SER A 16 5.38 5.13 9.12
N ASN A 17 6.10 4.80 8.04
CA ASN A 17 5.85 5.44 6.74
C ASN A 17 4.49 5.03 6.13
N THR A 18 3.89 3.88 6.49
CA THR A 18 2.49 3.61 6.12
C THR A 18 1.56 4.63 6.79
N ARG A 19 1.71 4.88 8.09
CA ARG A 19 0.91 5.91 8.80
C ARG A 19 1.09 7.31 8.20
N ARG A 20 2.33 7.69 7.87
CA ARG A 20 2.73 9.02 7.34
C ARG A 20 2.27 9.27 5.90
N ILE A 21 2.38 8.27 5.00
CA ILE A 21 1.89 8.45 3.62
C ILE A 21 0.36 8.43 3.59
N LEU A 22 -0.31 7.57 4.37
CA LEU A 22 -1.78 7.51 4.47
C LEU A 22 -2.39 8.59 5.38
N ARG A 23 -1.58 9.35 6.12
CA ARG A 23 -1.99 10.37 7.10
C ARG A 23 -2.93 9.86 8.20
N LEU A 24 -2.73 8.63 8.67
CA LEU A 24 -3.48 8.03 9.78
C LEU A 24 -2.57 7.82 11.01
N ASP A 25 -3.16 7.67 12.19
CA ASP A 25 -2.41 7.47 13.44
C ASP A 25 -1.74 6.08 13.51
N GLU A 26 -0.67 5.93 14.29
CA GLU A 26 -0.11 4.60 14.58
C GLU A 26 -1.12 3.67 15.27
N ASN A 27 -2.09 4.24 16.01
CA ASN A 27 -3.23 3.56 16.62
C ASN A 27 -4.48 3.53 15.72
N GLU A 28 -4.37 3.86 14.42
CA GLU A 28 -5.46 3.74 13.43
C GLU A 28 -5.09 2.79 12.29
N LEU A 29 -3.82 2.38 12.21
CA LEU A 29 -3.33 1.36 11.30
C LEU A 29 -3.47 0.02 12.01
N ARG A 30 -4.39 -0.84 11.53
CA ARG A 30 -4.47 -2.18 12.14
C ARG A 30 -3.47 -3.12 11.49
N ILE A 31 -2.65 -3.70 12.33
CA ILE A 31 -1.70 -4.74 12.00
C ILE A 31 -2.36 -6.12 12.16
N THR A 32 -2.05 -7.06 11.25
CA THR A 32 -2.33 -8.48 11.45
C THR A 32 -1.03 -9.26 11.44
N ASP A 33 -0.97 -10.27 12.33
CA ASP A 33 0.16 -11.16 12.58
C ASP A 33 0.07 -12.46 11.74
N THR A 34 0.66 -13.58 12.21
CA THR A 34 1.07 -14.75 11.42
C THR A 34 -0.01 -15.34 10.49
N ALA A 35 -1.29 -15.28 10.86
CA ALA A 35 -2.40 -15.99 10.22
C ALA A 35 -2.48 -15.84 8.68
N LEU A 36 -2.29 -14.62 8.14
CA LEU A 36 -2.35 -14.31 6.70
C LEU A 36 -0.97 -14.20 6.00
N ILE A 37 0.13 -14.23 6.77
CA ILE A 37 1.54 -14.12 6.32
C ILE A 37 2.36 -15.41 6.47
N CYS A 38 1.76 -16.46 7.02
CA CYS A 38 2.10 -17.90 6.97
C CYS A 38 2.55 -18.49 5.60
N LYS A 39 2.83 -17.66 4.58
CA LYS A 39 3.44 -18.05 3.31
C LYS A 39 4.88 -18.50 3.56
N ASN A 40 5.62 -17.68 4.29
CA ASN A 40 6.87 -18.09 4.92
C ASN A 40 6.58 -19.07 6.09
N PRO A 41 7.55 -19.89 6.54
CA PRO A 41 7.34 -20.90 7.58
C PRO A 41 6.69 -20.36 8.87
N ASN A 42 6.98 -19.14 9.29
CA ASN A 42 6.17 -18.38 10.25
C ASN A 42 5.62 -17.07 9.66
N TYR A 43 6.49 -16.22 9.10
CA TYR A 43 6.15 -14.81 8.84
C TYR A 43 6.75 -14.18 7.57
N SER A 44 5.88 -13.66 6.70
CA SER A 44 6.13 -12.44 5.89
C SER A 44 6.03 -11.19 6.79
N LEU A 45 5.80 -9.97 6.26
CA LEU A 45 5.76 -8.80 7.15
C LEU A 45 4.52 -8.79 8.06
N CYS A 46 3.35 -8.44 7.51
CA CYS A 46 2.14 -8.13 8.29
C CYS A 46 0.92 -7.88 7.37
N ASP A 47 -0.10 -7.24 7.93
CA ASP A 47 -1.19 -6.55 7.20
C ASP A 47 -1.30 -5.12 7.73
N ALA A 48 -1.88 -4.20 6.96
CA ALA A 48 -2.10 -2.78 7.22
C ALA A 48 -3.57 -2.44 6.90
N MET A 49 -4.28 -1.71 7.77
CA MET A 49 -5.73 -1.55 7.67
C MET A 49 -6.13 -0.07 7.63
N LEU A 50 -7.01 0.25 6.67
CA LEU A 50 -6.98 1.45 5.84
C LEU A 50 -8.37 2.12 5.64
N THR A 51 -8.27 3.37 5.19
CA THR A 51 -9.07 4.59 5.44
C THR A 51 -10.21 4.82 4.43
N THR A 52 -11.00 5.89 4.57
CA THR A 52 -11.97 6.32 3.56
C THR A 52 -11.78 7.83 3.44
N ASP A 53 -11.30 8.26 2.28
CA ASP A 53 -10.33 9.38 2.28
C ASP A 53 -10.10 10.08 0.92
N ILE A 54 -8.89 10.64 0.77
CA ILE A 54 -8.38 11.60 -0.21
C ILE A 54 -7.12 11.03 -0.88
N VAL A 55 -6.50 11.85 -1.74
CA VAL A 55 -5.30 11.44 -2.53
C VAL A 55 -4.03 11.42 -1.66
N TYR A 56 -3.23 10.35 -1.76
CA TYR A 56 -1.94 10.23 -1.04
C TYR A 56 -0.79 9.77 -1.95
N PRO A 57 0.46 10.24 -1.71
CA PRO A 57 1.63 10.00 -2.57
C PRO A 57 2.21 8.59 -2.37
N VAL A 58 1.46 7.60 -2.87
CA VAL A 58 1.65 6.16 -2.63
C VAL A 58 3.04 5.65 -3.07
N GLU A 59 3.60 6.31 -4.09
CA GLU A 59 4.98 6.12 -4.59
C GLU A 59 6.06 6.21 -3.50
N TYR A 60 5.90 7.11 -2.52
CA TYR A 60 6.88 7.23 -1.44
C TYR A 60 6.87 5.97 -0.55
N LEU A 61 5.70 5.34 -0.36
CA LEU A 61 5.57 4.11 0.42
C LEU A 61 6.07 2.88 -0.36
N LEU A 62 5.77 2.76 -1.66
CA LEU A 62 6.38 1.74 -2.53
C LEU A 62 7.92 1.85 -2.56
N SER A 63 8.44 3.08 -2.43
CA SER A 63 9.89 3.34 -2.41
C SER A 63 10.52 2.91 -1.09
N TYR A 64 9.99 3.32 0.06
CA TYR A 64 10.46 2.86 1.38
C TYR A 64 10.40 1.33 1.53
N TRP A 65 9.37 0.69 0.96
CA TRP A 65 9.18 -0.76 0.96
C TRP A 65 10.26 -1.51 0.16
N GLU A 66 10.40 -1.21 -1.12
CA GLU A 66 11.33 -1.97 -1.99
C GLU A 66 12.80 -1.60 -1.76
N CYS A 67 13.09 -0.32 -1.50
CA CYS A 67 14.46 0.20 -1.35
C CYS A 67 15.16 -0.30 -0.07
N ARG A 68 14.44 -0.89 0.90
CA ARG A 68 15.01 -1.25 2.21
C ARG A 68 16.04 -2.38 2.14
N SER A 69 16.06 -3.11 1.02
CA SER A 69 17.15 -4.02 0.62
C SER A 69 17.43 -3.96 -0.89
N GLY A 70 16.40 -3.64 -1.69
CA GLY A 70 16.37 -3.85 -3.13
C GLY A 70 16.10 -5.32 -3.43
N ARG A 71 14.81 -5.70 -3.34
CA ARG A 71 14.27 -7.05 -3.47
C ARG A 71 12.79 -6.90 -3.81
N THR A 72 12.42 -7.43 -4.96
CA THR A 72 11.05 -7.33 -5.50
C THR A 72 10.04 -8.07 -4.60
N ALA A 73 9.12 -7.29 -4.04
CA ALA A 73 8.13 -7.70 -3.05
C ALA A 73 6.78 -6.98 -3.25
N CYS A 74 5.66 -7.67 -3.02
CA CYS A 74 4.33 -7.13 -3.30
C CYS A 74 3.69 -6.51 -2.03
N PHE A 75 3.23 -5.26 -2.15
CA PHE A 75 2.09 -4.83 -1.34
C PHE A 75 0.84 -5.37 -2.04
N VAL A 76 -0.03 -6.06 -1.30
CA VAL A 76 -1.20 -6.73 -1.86
C VAL A 76 -2.43 -6.19 -1.15
N PHE A 77 -3.30 -5.51 -1.87
CA PHE A 77 -4.46 -4.81 -1.32
C PHE A 77 -5.59 -5.84 -1.27
N LYS A 78 -5.97 -6.23 -0.07
CA LYS A 78 -7.06 -7.18 0.22
C LYS A 78 -8.17 -6.39 0.91
N ASN A 79 -9.24 -6.04 0.19
CA ASN A 79 -10.46 -5.46 0.78
C ASN A 79 -11.26 -6.55 1.51
N THR A 80 -11.57 -6.31 2.78
CA THR A 80 -12.04 -7.25 3.79
C THR A 80 -13.01 -6.44 4.66
N GLY A 81 -13.91 -7.03 5.42
CA GLY A 81 -15.27 -6.51 5.75
C GLY A 81 -15.56 -5.07 5.36
N CYS A 82 -16.05 -4.21 6.27
CA CYS A 82 -15.92 -2.79 5.96
C CYS A 82 -14.62 -2.27 6.59
N ARG A 83 -13.62 -2.21 5.73
CA ARG A 83 -12.36 -1.46 5.71
C ARG A 83 -11.71 -1.72 4.34
N VAL A 84 -10.86 -0.85 3.80
CA VAL A 84 -9.79 -1.36 2.92
C VAL A 84 -8.65 -1.94 3.78
N SER A 85 -7.92 -2.96 3.32
CA SER A 85 -6.61 -3.30 3.91
C SER A 85 -5.61 -3.67 2.82
N LEU A 86 -4.31 -3.68 3.15
CA LEU A 86 -3.30 -4.32 2.31
C LEU A 86 -2.45 -5.25 3.16
N SER A 87 -2.29 -6.48 2.68
CA SER A 87 -1.40 -7.49 3.21
C SER A 87 0.03 -7.28 2.65
N CYS A 88 1.06 -7.30 3.50
CA CYS A 88 2.41 -6.95 3.10
C CYS A 88 3.27 -8.23 2.94
N TYR A 89 3.62 -8.57 1.71
CA TYR A 89 4.37 -9.80 1.42
C TYR A 89 5.80 -9.57 0.94
N ILE A 90 6.72 -9.60 1.91
CA ILE A 90 8.01 -10.30 1.76
C ILE A 90 7.69 -11.81 1.88
N GLY A 91 7.17 -12.35 0.78
CA GLY A 91 6.60 -13.70 0.76
C GLY A 91 5.99 -14.16 -0.56
N PHE A 92 5.51 -15.40 -0.54
CA PHE A 92 4.84 -16.06 -1.67
C PHE A 92 3.32 -16.30 -1.46
N PRO A 93 2.48 -15.24 -1.55
CA PRO A 93 1.02 -15.35 -1.43
C PRO A 93 0.38 -16.06 -2.62
N GLU A 94 -0.03 -17.31 -2.41
CA GLU A 94 -0.65 -18.15 -3.45
C GLU A 94 -1.91 -17.56 -4.12
N ARG A 95 -2.64 -16.60 -3.49
CA ARG A 95 -3.79 -15.95 -4.15
C ARG A 95 -3.38 -14.97 -5.25
N LEU A 96 -2.13 -14.48 -5.25
CA LEU A 96 -1.49 -13.67 -6.30
C LEU A 96 -1.49 -14.33 -7.69
N LYS A 97 -1.65 -15.66 -7.74
CA LYS A 97 -1.93 -16.40 -8.97
C LYS A 97 -3.12 -15.80 -9.72
N ASP A 98 -4.18 -15.35 -9.02
CA ASP A 98 -5.38 -14.79 -9.64
C ASP A 98 -5.84 -13.38 -9.21
N LEU A 99 -5.41 -12.78 -8.08
CA LEU A 99 -5.88 -11.44 -7.73
C LEU A 99 -5.31 -10.34 -8.65
N LYS A 100 -5.88 -9.13 -8.58
CA LYS A 100 -5.84 -8.11 -9.65
C LYS A 100 -4.62 -7.17 -9.58
N ARG A 101 -4.66 -6.03 -10.28
CA ARG A 101 -3.78 -4.84 -10.10
C ARG A 101 -4.51 -3.66 -9.44
N VAL A 102 -3.78 -2.61 -9.05
CA VAL A 102 -4.36 -1.26 -8.92
C VAL A 102 -4.63 -0.59 -10.28
N CYS A 103 -5.63 0.28 -10.31
CA CYS A 103 -6.04 1.16 -11.39
C CYS A 103 -6.72 2.42 -10.80
N ASP A 104 -7.19 3.32 -11.67
CA ASP A 104 -8.15 4.39 -11.56
C ASP A 104 -9.45 3.79 -11.07
N PHE A 105 -10.59 4.27 -11.58
CA PHE A 105 -11.76 4.26 -10.73
C PHE A 105 -12.55 2.94 -10.77
N ASN A 106 -12.83 2.33 -9.61
CA ASN A 106 -13.43 0.99 -9.49
C ASN A 106 -14.20 0.82 -8.14
N PHE A 107 -15.30 0.05 -8.17
CA PHE A 107 -16.05 -0.41 -6.97
C PHE A 107 -15.79 -1.90 -6.72
N LEU A 108 -15.45 -2.26 -5.48
CA LEU A 108 -14.92 -3.57 -5.10
C LEU A 108 -15.44 -4.11 -3.75
N SER A 109 -15.51 -5.43 -3.65
CA SER A 109 -16.21 -6.21 -2.61
C SER A 109 -15.38 -6.71 -1.40
N VAL A 110 -16.08 -7.30 -0.43
CA VAL A 110 -15.58 -7.89 0.86
C VAL A 110 -14.54 -9.01 0.69
N ASN A 111 -14.34 -9.49 -0.53
CA ASN A 111 -13.37 -10.53 -0.82
C ASN A 111 -12.54 -10.20 -2.07
N GLU A 112 -12.22 -8.91 -2.28
CA GLU A 112 -11.52 -8.46 -3.49
C GLU A 112 -10.07 -8.02 -3.21
N ALA A 113 -9.18 -8.23 -4.18
CA ALA A 113 -7.78 -8.52 -3.93
C ALA A 113 -6.97 -8.03 -5.15
N LEU A 114 -5.83 -7.35 -4.94
CA LEU A 114 -5.02 -6.73 -6.00
C LEU A 114 -3.54 -6.57 -5.57
N VAL A 115 -2.61 -6.46 -6.52
CA VAL A 115 -1.20 -6.09 -6.28
C VAL A 115 -0.99 -4.60 -6.53
N VAL A 116 -0.13 -3.98 -5.72
CA VAL A 116 0.56 -2.75 -6.08
C VAL A 116 2.08 -2.94 -5.94
N THR A 117 2.73 -3.04 -7.09
CA THR A 117 4.19 -2.93 -7.28
C THR A 117 4.47 -1.82 -8.29
N LEU A 118 5.71 -1.34 -8.35
CA LEU A 118 6.08 -0.24 -9.25
C LEU A 118 5.82 -0.58 -10.74
N ALA A 119 5.73 -1.87 -11.09
CA ALA A 119 5.37 -2.35 -12.42
C ALA A 119 3.86 -2.18 -12.75
N ASP A 120 2.96 -2.28 -11.76
CA ASP A 120 1.53 -2.04 -11.96
C ASP A 120 1.23 -0.55 -12.21
N ILE A 121 2.06 0.33 -11.65
CA ILE A 121 2.09 1.76 -11.99
C ILE A 121 2.71 1.95 -13.38
N GLU A 122 3.77 1.21 -13.70
CA GLU A 122 4.40 1.22 -15.03
C GLU A 122 3.40 0.91 -16.16
N ARG A 123 2.31 0.15 -15.91
CA ARG A 123 1.19 -0.03 -16.86
C ARG A 123 0.18 1.12 -16.90
N ILE A 124 0.10 1.98 -15.89
CA ILE A 124 -0.78 3.17 -15.87
C ILE A 124 -0.06 4.35 -16.58
N LYS A 125 1.25 4.53 -16.33
CA LYS A 125 2.19 5.37 -17.10
C LYS A 125 3.62 4.81 -16.94
N PRO A 126 4.46 4.78 -17.99
CA PRO A 126 5.86 4.36 -17.85
C PRO A 126 6.62 5.20 -16.82
N CYS A 127 7.14 4.56 -15.78
CA CYS A 127 7.76 5.23 -14.63
C CYS A 127 9.10 5.91 -15.00
N ASP A 128 9.54 6.83 -14.16
CA ASP A 128 10.85 7.46 -14.16
C ASP A 128 11.14 7.87 -12.72
N LYS A 129 12.42 7.87 -12.33
CA LYS A 129 12.89 8.45 -11.05
C LYS A 129 12.31 9.87 -10.91
N GLY A 130 11.43 10.07 -9.93
CA GLY A 130 10.58 11.25 -9.83
C GLY A 130 9.06 11.03 -9.97
N VAL A 131 8.55 9.78 -9.97
CA VAL A 131 7.09 9.54 -10.02
C VAL A 131 6.37 10.18 -8.82
N LEU A 132 5.13 10.61 -9.05
CA LEU A 132 4.12 10.87 -8.03
C LEU A 132 2.81 10.19 -8.43
N THR A 133 2.70 8.92 -8.05
CA THR A 133 1.44 8.14 -8.10
C THR A 133 0.59 8.56 -6.90
N ASN A 134 -0.71 8.73 -7.10
CA ASN A 134 -1.63 9.23 -6.09
C ASN A 134 -2.72 8.17 -5.93
N CYS A 135 -3.02 7.76 -4.70
CA CYS A 135 -4.07 6.79 -4.42
C CYS A 135 -5.18 7.41 -3.57
N VAL A 136 -6.42 7.14 -3.95
CA VAL A 136 -7.61 7.37 -3.13
C VAL A 136 -8.18 5.99 -2.78
N VAL A 137 -8.47 5.76 -1.51
CA VAL A 137 -9.38 4.69 -1.11
C VAL A 137 -10.57 5.27 -0.36
N ARG A 138 -11.74 4.66 -0.56
CA ARG A 138 -13.04 5.15 -0.13
C ARG A 138 -13.90 3.94 0.24
N LYS A 139 -14.89 4.13 1.10
CA LYS A 139 -15.98 3.16 1.29
C LYS A 139 -17.29 3.92 1.58
N SER A 140 -18.44 3.38 1.16
CA SER A 140 -19.67 4.14 0.89
C SER A 140 -20.94 3.29 1.06
N ASN A 141 -22.10 3.83 0.66
CA ASN A 141 -23.43 3.21 0.67
C ASN A 141 -23.75 2.55 2.03
N SER A 142 -24.16 3.33 3.02
CA SER A 142 -24.22 3.00 4.46
C SER A 142 -22.95 2.46 5.13
N GLY A 143 -21.84 2.30 4.39
CA GLY A 143 -20.67 1.53 4.81
C GLY A 143 -20.75 0.04 4.42
N MET A 144 -21.36 -0.27 3.28
CA MET A 144 -21.64 -1.63 2.77
C MET A 144 -21.06 -1.88 1.36
N SER A 145 -20.30 -0.92 0.81
CA SER A 145 -19.51 -1.05 -0.42
C SER A 145 -18.19 -0.28 -0.31
N TYR A 146 -17.17 -0.68 -1.07
CA TYR A 146 -15.77 -0.28 -0.89
C TYR A 146 -15.17 0.11 -2.25
N ASN A 147 -14.28 1.11 -2.30
CA ASN A 147 -14.14 1.93 -3.51
C ASN A 147 -12.73 2.49 -3.65
N ILE A 148 -12.25 2.63 -4.89
CA ILE A 148 -10.85 2.96 -5.14
C ILE A 148 -10.67 3.85 -6.37
N GLU A 149 -9.66 4.72 -6.32
CA GLU A 149 -9.11 5.41 -7.49
C GLU A 149 -7.58 5.47 -7.38
N VAL A 150 -6.85 4.95 -8.37
CA VAL A 150 -5.37 5.12 -8.43
C VAL A 150 -4.88 5.60 -9.81
N VAL A 151 -4.11 6.69 -9.72
CA VAL A 151 -3.73 7.59 -10.82
C VAL A 151 -2.23 7.87 -10.79
N ALA A 152 -1.61 8.12 -11.94
CA ALA A 152 -0.14 8.27 -12.07
C ALA A 152 0.29 9.58 -12.76
N PHE A 153 1.33 10.21 -12.22
CA PHE A 153 2.07 11.31 -12.84
C PHE A 153 3.59 11.15 -12.59
N GLY A 154 4.43 11.74 -13.44
CA GLY A 154 5.89 11.61 -13.38
C GLY A 154 6.58 12.76 -12.63
N PRO A 155 7.86 13.08 -12.97
CA PRO A 155 8.64 14.18 -12.37
C PRO A 155 7.99 15.58 -12.48
N ASP A 156 7.00 15.71 -13.36
CA ASP A 156 6.18 16.88 -13.65
C ASP A 156 5.16 17.27 -12.56
N ASN A 157 4.88 16.41 -11.58
CA ASN A 157 3.84 16.61 -10.55
C ASN A 157 4.31 17.53 -9.39
N GLU A 158 5.03 18.59 -9.76
CA GLU A 158 5.78 19.46 -8.85
C GLU A 158 4.90 20.24 -7.87
N ALA A 159 3.60 20.41 -8.14
CA ALA A 159 2.70 21.15 -7.24
C ALA A 159 2.37 20.30 -5.99
N GLU A 160 1.91 19.06 -6.19
CA GLU A 160 1.71 18.08 -5.11
C GLU A 160 3.02 17.77 -4.37
N TYR A 161 4.12 17.60 -5.11
CA TYR A 161 5.43 17.28 -4.52
C TYR A 161 5.88 18.38 -3.54
N GLN A 162 5.90 19.65 -3.99
CA GLN A 162 6.31 20.75 -3.12
C GLN A 162 5.34 20.96 -1.95
N ALA A 163 4.03 20.75 -2.14
CA ALA A 163 3.04 20.84 -1.06
C ALA A 163 3.26 19.79 0.05
N LEU A 164 3.75 18.59 -0.30
CA LEU A 164 4.11 17.56 0.65
C LEU A 164 5.36 17.90 1.43
N LEU A 165 6.45 18.28 0.75
CA LEU A 165 7.68 18.72 1.44
C LEU A 165 7.40 19.87 2.41
N ARG A 166 6.50 20.77 2.00
CA ARG A 166 6.08 21.97 2.73
C ARG A 166 5.25 21.64 3.97
N ASP A 167 4.52 20.53 3.96
CA ASP A 167 3.82 20.05 5.16
C ASP A 167 4.69 19.13 6.04
N ILE A 168 5.30 18.08 5.49
CA ILE A 168 5.90 16.95 6.25
C ILE A 168 7.43 16.90 6.36
N TYR A 169 8.17 17.77 5.66
CA TYR A 169 9.59 18.03 5.94
C TYR A 169 9.83 19.50 6.36
N ALA A 170 8.75 20.26 6.57
CA ALA A 170 8.77 21.61 7.13
C ALA A 170 7.67 21.88 8.17
N ARG A 171 7.21 20.84 8.89
CA ARG A 171 6.34 20.99 10.09
C ARG A 171 7.01 21.76 11.23
N ALA A 1 14.04 -18.99 17.56
CA ALA A 1 12.97 -19.15 16.56
C ALA A 1 11.75 -19.88 17.14
N GLY A 2 11.09 -19.29 18.13
CA GLY A 2 9.83 -19.79 18.73
C GLY A 2 8.61 -18.88 18.47
N HIS A 3 8.83 -17.73 17.85
CA HIS A 3 7.85 -16.65 17.66
C HIS A 3 7.74 -16.23 16.17
N MET A 4 6.64 -15.58 15.81
CA MET A 4 6.61 -14.66 14.65
C MET A 4 7.00 -13.27 15.15
N GLU A 5 7.96 -12.59 14.51
CA GLU A 5 8.61 -11.41 15.10
C GLU A 5 8.79 -10.30 14.07
N ILE A 6 8.06 -9.19 14.25
CA ILE A 6 8.11 -8.10 13.33
C ILE A 6 9.38 -7.26 13.50
N ASP A 7 10.30 -7.60 12.60
CA ASP A 7 11.73 -7.25 12.71
C ASP A 7 11.96 -5.78 13.10
N LYS A 8 12.78 -5.57 14.14
CA LYS A 8 12.53 -4.55 15.17
C LYS A 8 12.37 -3.13 14.62
N ASN A 9 13.25 -2.69 13.72
CA ASN A 9 13.17 -1.37 13.08
C ASN A 9 12.40 -1.39 11.77
N VAL A 10 12.37 -2.53 11.06
CA VAL A 10 11.85 -2.65 9.70
C VAL A 10 10.34 -2.43 9.65
N GLY A 11 9.60 -3.21 10.46
CA GLY A 11 8.18 -2.98 10.72
C GLY A 11 7.95 -1.58 11.28
N ALA A 12 8.63 -1.20 12.37
CA ALA A 12 8.40 0.08 13.04
C ALA A 12 8.53 1.30 12.12
N ASP A 13 9.53 1.34 11.23
CA ASP A 13 9.75 2.42 10.26
C ASP A 13 8.72 2.40 9.11
N LEU A 14 8.36 1.22 8.59
CA LEU A 14 7.32 1.09 7.54
C LEU A 14 5.91 1.36 8.08
N ILE A 15 5.61 0.95 9.30
CA ILE A 15 4.33 1.20 9.99
C ILE A 15 4.21 2.70 10.30
N SER A 16 5.28 3.34 10.79
CA SER A 16 5.27 4.78 11.06
C SER A 16 5.12 5.60 9.78
N ASN A 17 5.79 5.22 8.68
CA ASN A 17 5.59 5.84 7.37
C ASN A 17 4.16 5.63 6.84
N THR A 18 3.59 4.42 6.99
CA THR A 18 2.21 4.12 6.54
C THR A 18 1.21 5.02 7.25
N ARG A 19 1.29 5.11 8.59
CA ARG A 19 0.36 5.94 9.37
C ARG A 19 0.57 7.45 9.15
N ARG A 20 1.81 7.91 8.90
CA ARG A 20 2.14 9.30 8.56
C ARG A 20 1.48 9.73 7.25
N ILE A 21 1.61 8.91 6.21
CA ILE A 21 1.13 9.23 4.85
C ILE A 21 -0.39 9.06 4.72
N LEU A 22 -1.00 8.12 5.45
CA LEU A 22 -2.46 7.96 5.53
C LEU A 22 -3.12 8.76 6.68
N ARG A 23 -2.33 9.48 7.49
CA ARG A 23 -2.76 10.33 8.61
C ARG A 23 -3.56 9.61 9.70
N LEU A 24 -3.31 8.32 9.95
CA LEU A 24 -3.98 7.55 11.02
C LEU A 24 -3.07 7.39 12.27
N ASP A 25 -3.66 7.04 13.42
CA ASP A 25 -2.93 6.77 14.67
C ASP A 25 -2.25 5.40 14.66
N GLU A 26 -1.17 5.17 15.43
CA GLU A 26 -0.52 3.84 15.44
C GLU A 26 -1.43 2.72 16.02
N ASN A 27 -2.45 3.07 16.81
CA ASN A 27 -3.53 2.18 17.23
C ASN A 27 -4.80 2.30 16.35
N GLU A 28 -4.75 2.99 15.22
CA GLU A 28 -5.80 2.99 14.17
C GLU A 28 -5.26 2.34 12.88
N LEU A 29 -4.13 1.63 13.00
CA LEU A 29 -3.59 0.71 12.05
C LEU A 29 -3.72 -0.63 12.76
N ARG A 30 -4.43 -1.57 12.16
CA ARG A 30 -4.26 -2.96 12.58
C ARG A 30 -3.08 -3.54 11.80
N ILE A 31 -2.10 -4.07 12.53
CA ILE A 31 -1.01 -4.90 12.02
C ILE A 31 -0.99 -6.33 12.56
N THR A 32 -0.59 -7.27 11.69
CA THR A 32 -0.86 -8.71 11.80
C THR A 32 0.21 -9.49 11.05
N ASP A 33 0.57 -10.65 11.58
CA ASP A 33 1.74 -11.44 11.19
C ASP A 33 1.71 -12.86 11.79
N THR A 34 0.69 -13.64 11.40
CA THR A 34 0.77 -15.11 11.41
C THR A 34 1.25 -15.69 10.08
N ALA A 35 0.50 -15.38 9.02
CA ALA A 35 0.43 -16.26 7.85
C ALA A 35 1.52 -15.96 6.82
N LEU A 36 1.53 -14.73 6.31
CA LEU A 36 2.50 -14.21 5.34
C LEU A 36 3.95 -14.38 5.81
N ILE A 37 4.23 -14.17 7.11
CA ILE A 37 5.56 -14.40 7.74
C ILE A 37 6.05 -15.84 7.50
N CYS A 38 5.12 -16.77 7.29
CA CYS A 38 5.34 -18.19 7.03
C CYS A 38 5.00 -18.65 5.59
N LYS A 39 4.60 -17.75 4.65
CA LYS A 39 4.47 -18.04 3.20
C LYS A 39 5.72 -17.65 2.40
N ASN A 40 6.85 -17.54 3.11
CA ASN A 40 8.20 -17.33 2.62
C ASN A 40 9.16 -18.13 3.55
N PRO A 41 10.46 -18.27 3.23
CA PRO A 41 11.38 -19.07 4.05
C PRO A 41 11.52 -18.59 5.50
N ASN A 42 11.67 -17.29 5.77
CA ASN A 42 11.99 -16.77 7.10
C ASN A 42 10.95 -15.80 7.73
N TYR A 43 10.55 -14.73 7.04
CA TYR A 43 9.80 -13.57 7.54
C TYR A 43 9.38 -12.75 6.32
N SER A 44 8.12 -12.34 6.28
CA SER A 44 7.59 -11.42 5.26
C SER A 44 7.69 -9.99 5.80
N LEU A 45 6.89 -9.04 5.32
CA LEU A 45 6.78 -7.79 6.07
C LEU A 45 5.66 -7.85 7.13
N CYS A 46 4.40 -7.62 6.75
CA CYS A 46 3.29 -7.45 7.68
C CYS A 46 2.00 -7.20 6.88
N ASP A 47 0.92 -6.95 7.60
CA ASP A 47 -0.43 -6.79 7.04
C ASP A 47 -1.06 -5.60 7.74
N ALA A 48 -1.39 -4.50 7.05
CA ALA A 48 -1.58 -3.16 7.61
C ALA A 48 -2.92 -2.56 7.18
N MET A 49 -3.73 -1.99 8.08
CA MET A 49 -5.18 -1.86 7.86
C MET A 49 -5.70 -0.44 8.07
N LEU A 50 -6.34 0.06 7.02
CA LEU A 50 -6.34 1.46 6.56
C LEU A 50 -7.74 2.10 6.52
N THR A 51 -7.79 3.37 6.91
CA THR A 51 -9.00 4.19 6.99
C THR A 51 -9.16 5.05 5.72
N THR A 52 -10.38 5.52 5.46
CA THR A 52 -10.83 5.83 4.09
C THR A 52 -11.35 7.27 3.94
N ASP A 53 -11.73 7.63 2.71
CA ASP A 53 -11.91 9.00 2.21
C ASP A 53 -10.59 9.79 2.32
N ILE A 54 -9.52 9.18 1.79
CA ILE A 54 -8.13 9.59 1.98
C ILE A 54 -7.31 9.39 0.68
N VAL A 55 -6.36 10.28 0.41
CA VAL A 55 -5.38 10.17 -0.70
C VAL A 55 -3.97 9.85 -0.19
N TYR A 56 -3.21 8.99 -0.88
CA TYR A 56 -1.78 8.78 -0.58
C TYR A 56 -0.92 8.79 -1.86
N PRO A 57 0.28 9.44 -1.83
CA PRO A 57 1.28 9.38 -2.89
C PRO A 57 1.94 7.98 -2.90
N VAL A 58 1.17 6.99 -3.34
CA VAL A 58 1.37 5.57 -3.03
C VAL A 58 2.78 5.05 -3.30
N GLU A 59 3.38 5.51 -4.38
CA GLU A 59 4.70 5.08 -4.85
C GLU A 59 5.84 5.57 -3.93
N TYR A 60 5.62 6.64 -3.14
CA TYR A 60 6.53 7.05 -2.09
C TYR A 60 6.61 6.02 -0.96
N LEU A 61 5.55 5.25 -0.68
CA LEU A 61 5.55 4.16 0.31
C LEU A 61 6.26 2.92 -0.26
N LEU A 62 5.91 2.54 -1.51
CA LEU A 62 6.59 1.45 -2.23
C LEU A 62 8.11 1.68 -2.28
N SER A 63 8.56 2.87 -2.67
CA SER A 63 10.00 3.20 -2.75
C SER A 63 10.69 3.37 -1.39
N TYR A 64 9.97 3.79 -0.34
CA TYR A 64 10.49 3.86 1.05
C TYR A 64 10.82 2.48 1.61
N TRP A 65 10.06 1.44 1.24
CA TRP A 65 10.57 0.05 1.41
C TRP A 65 11.62 -0.35 0.37
N GLU A 66 11.27 -0.29 -0.91
CA GLU A 66 11.94 -1.09 -1.95
C GLU A 66 13.40 -0.66 -2.18
N CYS A 67 13.71 0.64 -2.06
CA CYS A 67 15.08 1.14 -2.16
C CYS A 67 15.93 0.95 -0.88
N ARG A 68 15.32 0.56 0.25
CA ARG A 68 15.91 0.66 1.60
C ARG A 68 17.07 -0.29 1.85
N SER A 69 16.98 -1.51 1.30
CA SER A 69 18.05 -2.52 1.28
C SER A 69 17.93 -3.48 0.08
N GLY A 70 17.12 -3.11 -0.93
CA GLY A 70 16.96 -3.81 -2.21
C GLY A 70 16.33 -5.18 -2.06
N ARG A 71 14.99 -5.25 -1.98
CA ARG A 71 14.24 -6.50 -1.94
C ARG A 71 12.83 -6.34 -2.52
N THR A 72 12.62 -7.01 -3.65
CA THR A 72 11.38 -6.97 -4.44
C THR A 72 10.19 -7.61 -3.70
N ALA A 73 9.04 -6.92 -3.72
CA ALA A 73 7.82 -7.28 -2.99
C ALA A 73 6.53 -7.23 -3.85
N CYS A 74 5.49 -7.93 -3.42
CA CYS A 74 4.10 -7.83 -3.83
C CYS A 74 3.36 -6.93 -2.83
N PHE A 75 2.99 -5.70 -3.22
CA PHE A 75 2.22 -4.81 -2.34
C PHE A 75 0.72 -5.02 -2.59
N VAL A 76 0.10 -5.85 -1.76
CA VAL A 76 -1.23 -6.44 -2.02
C VAL A 76 -2.31 -5.69 -1.25
N PHE A 77 -3.22 -5.03 -1.95
CA PHE A 77 -4.34 -4.34 -1.34
C PHE A 77 -5.52 -5.33 -1.28
N LYS A 78 -5.96 -5.66 -0.06
CA LYS A 78 -7.15 -6.47 0.22
C LYS A 78 -8.27 -5.64 0.83
N ASN A 79 -9.46 -5.69 0.25
CA ASN A 79 -10.67 -5.04 0.75
C ASN A 79 -11.48 -6.04 1.59
N THR A 80 -11.84 -5.65 2.81
CA THR A 80 -12.35 -6.42 3.95
C THR A 80 -13.37 -5.51 4.65
N GLY A 81 -14.22 -6.03 5.54
CA GLY A 81 -15.35 -5.40 6.26
C GLY A 81 -15.39 -3.86 6.22
N CYS A 82 -15.37 -3.14 7.35
CA CYS A 82 -14.77 -1.81 7.23
C CYS A 82 -13.28 -1.88 7.59
N ARG A 83 -12.42 -1.82 6.55
CA ARG A 83 -11.19 -1.04 6.27
C ARG A 83 -10.72 -1.47 4.84
N VAL A 84 -10.15 -0.60 4.00
CA VAL A 84 -9.13 -1.13 3.04
C VAL A 84 -7.93 -1.68 3.81
N SER A 85 -7.40 -2.85 3.46
CA SER A 85 -6.14 -3.39 3.97
C SER A 85 -5.05 -3.32 2.91
N LEU A 86 -3.79 -3.12 3.30
CA LEU A 86 -2.62 -3.44 2.50
C LEU A 86 -1.93 -4.61 3.19
N SER A 87 -2.07 -5.79 2.59
CA SER A 87 -1.24 -6.93 2.90
C SER A 87 0.13 -6.81 2.21
N CYS A 88 1.24 -6.61 2.93
CA CYS A 88 2.53 -6.34 2.30
C CYS A 88 3.43 -7.58 2.33
N TYR A 89 3.67 -8.19 1.16
CA TYR A 89 4.38 -9.46 1.06
C TYR A 89 5.77 -9.35 0.43
N ILE A 90 6.83 -9.59 1.22
CA ILE A 90 7.92 -10.47 0.75
C ILE A 90 7.40 -11.92 0.87
N GLY A 91 6.74 -12.43 -0.17
CA GLY A 91 6.20 -13.80 -0.12
C GLY A 91 5.41 -14.39 -1.29
N PHE A 92 5.14 -15.69 -1.14
CA PHE A 92 4.39 -16.56 -2.07
C PHE A 92 2.98 -17.05 -1.58
N PRO A 93 2.05 -16.21 -1.07
CA PRO A 93 0.69 -16.67 -0.75
C PRO A 93 -0.15 -17.17 -1.95
N GLU A 94 -1.26 -17.83 -1.62
CA GLU A 94 -2.14 -18.51 -2.58
C GLU A 94 -3.09 -17.61 -3.40
N ARG A 95 -3.52 -16.44 -2.89
CA ARG A 95 -4.57 -15.62 -3.54
C ARG A 95 -4.06 -14.67 -4.64
N LEU A 96 -2.76 -14.40 -4.71
CA LEU A 96 -2.03 -13.65 -5.75
C LEU A 96 -2.34 -14.16 -7.17
N LYS A 97 -2.69 -15.45 -7.32
CA LYS A 97 -3.06 -16.02 -8.62
C LYS A 97 -4.32 -15.35 -9.20
N ASP A 98 -5.33 -15.03 -8.39
CA ASP A 98 -6.62 -14.50 -8.87
C ASP A 98 -6.91 -13.03 -8.49
N LEU A 99 -6.22 -12.43 -7.51
CA LEU A 99 -6.28 -10.99 -7.27
C LEU A 99 -5.37 -10.19 -8.24
N LYS A 100 -5.62 -8.90 -8.47
CA LYS A 100 -4.90 -8.07 -9.49
C LYS A 100 -5.16 -6.56 -9.39
N ARG A 101 -4.12 -5.70 -9.56
CA ARG A 101 -4.21 -4.21 -9.55
C ARG A 101 -3.92 -3.60 -10.93
N VAL A 102 -3.96 -2.28 -10.94
CA VAL A 102 -4.49 -1.45 -12.04
C VAL A 102 -4.03 0.02 -11.95
N CYS A 103 -4.34 0.83 -12.97
CA CYS A 103 -4.69 2.25 -12.81
C CYS A 103 -6.10 2.49 -13.38
N ASP A 104 -7.08 2.98 -12.59
CA ASP A 104 -8.47 3.12 -12.95
C ASP A 104 -9.21 3.86 -11.81
N PHE A 105 -10.45 4.21 -12.10
CA PHE A 105 -11.49 4.66 -11.15
C PHE A 105 -12.60 3.59 -11.03
N ASN A 106 -12.64 2.82 -9.93
CA ASN A 106 -13.54 1.65 -9.79
C ASN A 106 -14.35 1.64 -8.48
N PHE A 107 -15.39 0.80 -8.41
CA PHE A 107 -16.11 0.46 -7.17
C PHE A 107 -16.42 -1.05 -7.04
N LEU A 108 -16.22 -1.58 -5.83
CA LEU A 108 -15.57 -2.84 -5.59
C LEU A 108 -16.08 -3.53 -4.31
N SER A 109 -16.19 -4.87 -4.34
CA SER A 109 -16.74 -5.68 -3.23
C SER A 109 -15.86 -5.78 -1.96
N VAL A 110 -16.51 -6.05 -0.84
CA VAL A 110 -15.99 -6.21 0.55
C VAL A 110 -15.02 -7.39 0.72
N ASN A 111 -14.87 -8.20 -0.33
CA ASN A 111 -14.04 -9.38 -0.43
C ASN A 111 -13.34 -9.38 -1.82
N GLU A 112 -12.56 -8.33 -2.10
CA GLU A 112 -11.85 -8.17 -3.38
C GLU A 112 -10.43 -7.56 -3.22
N ALA A 113 -9.48 -7.88 -4.10
CA ALA A 113 -8.05 -7.80 -3.81
C ALA A 113 -7.20 -7.51 -5.07
N LEU A 114 -6.00 -6.93 -4.87
CA LEU A 114 -5.19 -6.32 -5.91
C LEU A 114 -3.68 -6.41 -5.56
N VAL A 115 -2.76 -6.56 -6.53
CA VAL A 115 -1.32 -6.28 -6.31
C VAL A 115 -0.72 -5.39 -7.39
N VAL A 116 0.06 -4.40 -6.96
CA VAL A 116 0.87 -3.54 -7.83
C VAL A 116 2.32 -3.48 -7.31
N THR A 117 3.24 -3.15 -8.20
CA THR A 117 4.69 -3.04 -7.96
C THR A 117 5.29 -2.13 -9.05
N LEU A 118 6.49 -1.58 -8.84
CA LEU A 118 7.14 -0.66 -9.79
C LEU A 118 7.27 -1.21 -11.23
N ALA A 119 7.31 -2.54 -11.44
CA ALA A 119 7.26 -3.15 -12.78
C ALA A 119 5.84 -3.27 -13.37
N ASP A 120 4.85 -3.56 -12.51
CA ASP A 120 3.46 -3.68 -12.94
C ASP A 120 2.84 -2.31 -13.26
N ILE A 121 3.27 -1.25 -12.57
CA ILE A 121 2.96 0.13 -12.97
C ILE A 121 3.71 0.53 -14.25
N GLU A 122 4.94 0.02 -14.44
CA GLU A 122 5.72 0.16 -15.68
C GLU A 122 5.07 -0.54 -16.88
N ARG A 123 4.06 -1.42 -16.69
CA ARG A 123 3.16 -1.87 -17.77
C ARG A 123 2.21 -0.76 -18.28
N ILE A 124 1.81 0.19 -17.43
CA ILE A 124 0.73 1.17 -17.70
C ILE A 124 1.27 2.41 -18.42
N LYS A 125 2.46 2.86 -17.99
CA LYS A 125 3.27 3.96 -18.55
C LYS A 125 4.73 3.71 -18.15
N PRO A 126 5.75 4.21 -18.86
CA PRO A 126 7.13 4.13 -18.40
C PRO A 126 7.31 4.72 -16.99
N CYS A 127 7.96 3.95 -16.12
CA CYS A 127 8.21 4.27 -14.71
C CYS A 127 9.64 4.81 -14.50
N ASP A 128 9.88 5.64 -13.48
CA ASP A 128 11.10 6.38 -13.26
C ASP A 128 11.25 6.72 -11.77
N LYS A 129 12.47 7.08 -11.41
CA LYS A 129 12.88 7.64 -10.11
C LYS A 129 12.10 8.94 -9.85
N GLY A 130 11.45 9.05 -8.68
CA GLY A 130 10.57 10.17 -8.35
C GLY A 130 9.11 10.03 -8.83
N VAL A 131 8.67 8.83 -9.23
CA VAL A 131 7.30 8.59 -9.74
C VAL A 131 6.27 8.94 -8.67
N LEU A 132 5.18 9.59 -9.08
CA LEU A 132 4.02 9.89 -8.25
C LEU A 132 2.73 9.50 -9.01
N THR A 133 2.43 8.21 -8.92
CA THR A 133 1.07 7.66 -9.08
C THR A 133 0.35 7.95 -7.76
N ASN A 134 -0.93 8.28 -7.80
CA ASN A 134 -1.63 8.85 -6.64
C ASN A 134 -2.95 8.10 -6.44
N CYS A 135 -3.26 7.69 -5.20
CA CYS A 135 -4.35 6.74 -4.94
C CYS A 135 -5.32 7.30 -3.92
N VAL A 136 -6.62 7.25 -4.22
CA VAL A 136 -7.71 7.77 -3.41
C VAL A 136 -8.63 6.60 -3.06
N VAL A 137 -8.70 6.23 -1.78
CA VAL A 137 -9.65 5.22 -1.31
C VAL A 137 -10.73 5.84 -0.44
N ARG A 138 -11.96 5.42 -0.70
CA ARG A 138 -13.18 5.67 0.06
C ARG A 138 -13.88 4.31 0.24
N LYS A 139 -14.77 4.21 1.21
CA LYS A 139 -15.70 3.08 1.34
C LYS A 139 -17.06 3.59 1.85
N SER A 140 -18.17 2.97 1.46
CA SER A 140 -19.52 3.43 1.82
C SER A 140 -20.03 2.64 3.02
N ASN A 141 -20.66 3.34 3.96
CA ASN A 141 -21.03 2.82 5.29
C ASN A 141 -22.01 1.63 5.27
N SER A 142 -22.20 0.96 6.40
CA SER A 142 -22.94 -0.32 6.51
C SER A 142 -22.44 -1.42 5.57
N GLY A 143 -21.15 -1.39 5.19
CA GLY A 143 -20.54 -2.36 4.27
C GLY A 143 -21.00 -2.23 2.82
N MET A 144 -21.46 -1.06 2.37
CA MET A 144 -22.20 -0.91 1.10
C MET A 144 -21.34 -0.78 -0.16
N SER A 145 -20.07 -0.37 -0.02
CA SER A 145 -19.12 -0.31 -1.14
C SER A 145 -17.66 -0.14 -0.69
N TYR A 146 -16.69 -0.55 -1.53
CA TYR A 146 -15.36 0.06 -1.61
C TYR A 146 -15.23 0.92 -2.86
N ASN A 147 -14.62 2.10 -2.73
CA ASN A 147 -14.52 3.07 -3.83
C ASN A 147 -13.05 3.46 -4.01
N ILE A 148 -12.46 2.99 -5.10
CA ILE A 148 -11.06 2.54 -5.10
C ILE A 148 -10.40 2.99 -6.40
N GLU A 149 -9.60 4.05 -6.31
CA GLU A 149 -9.26 4.91 -7.44
C GLU A 149 -7.76 5.24 -7.43
N VAL A 150 -7.13 5.28 -8.60
CA VAL A 150 -5.72 5.64 -8.75
C VAL A 150 -5.45 6.20 -10.15
N VAL A 151 -4.51 7.15 -10.19
CA VAL A 151 -4.11 7.96 -11.36
C VAL A 151 -2.59 7.98 -11.50
N ALA A 152 -2.05 7.78 -12.71
CA ALA A 152 -0.62 7.53 -12.92
C ALA A 152 0.15 8.74 -13.50
N PHE A 153 1.11 9.27 -12.73
CA PHE A 153 2.03 10.32 -13.19
C PHE A 153 3.47 10.07 -12.73
N GLY A 154 4.43 10.67 -13.43
CA GLY A 154 5.85 10.69 -13.09
C GLY A 154 6.22 11.85 -12.13
N PRO A 155 7.50 12.22 -12.06
CA PRO A 155 7.98 13.35 -11.24
C PRO A 155 7.36 14.71 -11.55
N ASP A 156 6.70 14.89 -12.71
CA ASP A 156 6.02 16.11 -13.16
C ASP A 156 4.53 16.18 -12.75
N ASN A 157 4.11 15.36 -11.77
CA ASN A 157 2.84 15.46 -11.05
C ASN A 157 2.84 16.68 -10.10
N GLU A 158 3.09 17.87 -10.64
CA GLU A 158 3.28 19.11 -9.88
C GLU A 158 2.04 19.46 -9.03
N ALA A 159 0.85 19.02 -9.43
CA ALA A 159 -0.39 19.32 -8.70
C ALA A 159 -0.48 18.55 -7.36
N GLU A 160 -0.33 17.22 -7.37
CA GLU A 160 -0.34 16.42 -6.14
C GLU A 160 0.99 16.52 -5.37
N TYR A 161 2.11 16.80 -6.05
CA TYR A 161 3.40 17.06 -5.38
C TYR A 161 3.27 18.33 -4.51
N GLN A 162 2.89 19.47 -5.09
CA GLN A 162 2.60 20.70 -4.33
C GLN A 162 1.54 20.49 -3.23
N ALA A 163 0.55 19.62 -3.45
CA ALA A 163 -0.44 19.27 -2.42
C ALA A 163 0.16 18.46 -1.24
N LEU A 164 1.16 17.59 -1.47
CA LEU A 164 1.88 16.94 -0.39
C LEU A 164 2.74 17.92 0.41
N LEU A 165 3.56 18.79 -0.20
CA LEU A 165 4.25 19.81 0.58
C LEU A 165 3.31 20.77 1.34
N ARG A 166 2.07 20.96 0.86
CA ARG A 166 0.99 21.66 1.56
C ARG A 166 0.51 20.87 2.80
N ASP A 167 0.40 19.54 2.73
CA ASP A 167 0.08 18.66 3.87
C ASP A 167 1.25 18.53 4.87
N ILE A 168 2.50 18.61 4.41
CA ILE A 168 3.71 18.69 5.26
C ILE A 168 3.70 20.00 6.05
N TYR A 169 3.42 21.11 5.36
CA TYR A 169 3.09 22.39 5.99
C TYR A 169 1.79 22.36 6.85
N ALA A 170 1.06 21.23 6.88
CA ALA A 170 -0.12 21.04 7.73
C ALA A 170 -0.10 19.82 8.66
N ARG A 171 1.08 19.35 9.09
CA ARG A 171 1.25 18.36 10.17
C ARG A 171 0.73 18.90 11.51
N ALA A 1 19.18 -20.89 1.95
CA ALA A 1 18.39 -19.80 2.53
C ALA A 1 18.92 -18.43 2.11
N GLY A 2 20.22 -18.17 2.25
CA GLY A 2 20.82 -16.89 1.90
C GLY A 2 20.48 -15.76 2.88
N HIS A 3 20.45 -14.52 2.38
CA HIS A 3 20.38 -13.30 3.19
C HIS A 3 18.96 -12.94 3.71
N MET A 4 18.16 -13.93 4.13
CA MET A 4 16.79 -13.75 4.62
C MET A 4 16.75 -13.00 5.96
N GLU A 5 16.54 -11.68 5.92
CA GLU A 5 16.24 -10.86 7.09
C GLU A 5 15.18 -9.78 6.81
N ILE A 6 14.08 -9.80 7.56
CA ILE A 6 13.38 -8.58 7.98
C ILE A 6 13.71 -8.34 9.44
N ASP A 7 14.32 -7.19 9.65
CA ASP A 7 14.65 -6.62 10.95
C ASP A 7 13.47 -5.84 11.53
N LYS A 8 13.34 -5.80 12.85
CA LYS A 8 12.28 -5.05 13.55
C LYS A 8 12.21 -3.57 13.14
N ASN A 9 13.32 -2.96 12.72
CA ASN A 9 13.39 -1.53 12.42
C ASN A 9 12.79 -1.23 11.04
N VAL A 10 12.80 -2.22 10.14
CA VAL A 10 12.15 -2.14 8.83
C VAL A 10 10.63 -2.15 8.98
N GLY A 11 10.08 -3.06 9.81
CA GLY A 11 8.68 -3.01 10.20
C GLY A 11 8.35 -1.69 10.90
N ALA A 12 9.12 -1.32 11.93
CA ALA A 12 8.83 -0.12 12.71
C ALA A 12 8.93 1.19 11.88
N ASP A 13 9.74 1.26 10.83
CA ASP A 13 9.74 2.35 9.85
C ASP A 13 8.57 2.33 8.87
N LEU A 14 8.20 1.17 8.31
CA LEU A 14 7.09 1.05 7.36
C LEU A 14 5.74 1.30 8.07
N ILE A 15 5.56 0.79 9.29
CA ILE A 15 4.38 1.09 10.13
C ILE A 15 4.39 2.58 10.53
N SER A 16 5.53 3.16 10.90
CA SER A 16 5.67 4.60 11.21
C SER A 16 5.26 5.49 10.03
N ASN A 17 5.73 5.19 8.83
CA ASN A 17 5.41 5.96 7.63
C ASN A 17 3.96 5.73 7.18
N THR A 18 3.36 4.55 7.43
CA THR A 18 1.92 4.33 7.23
C THR A 18 1.10 5.24 8.16
N ARG A 19 1.45 5.29 9.46
CA ARG A 19 0.89 6.24 10.44
C ARG A 19 1.00 7.69 9.94
N ARG A 20 2.19 8.10 9.49
CA ARG A 20 2.53 9.50 9.19
C ARG A 20 1.97 10.01 7.86
N ILE A 21 1.95 9.19 6.80
CA ILE A 21 1.41 9.61 5.48
C ILE A 21 -0.12 9.55 5.47
N LEU A 22 -0.74 8.51 6.04
CA LEU A 22 -2.20 8.38 6.09
C LEU A 22 -2.82 9.20 7.25
N ARG A 23 -1.99 9.76 8.14
CA ARG A 23 -2.37 10.59 9.30
C ARG A 23 -3.34 9.87 10.26
N LEU A 24 -3.08 8.58 10.50
CA LEU A 24 -3.72 7.78 11.54
C LEU A 24 -2.69 7.35 12.59
N ASP A 25 -3.14 7.17 13.84
CA ASP A 25 -2.27 6.72 14.93
C ASP A 25 -1.79 5.28 14.72
N GLU A 26 -0.63 4.89 15.27
CA GLU A 26 -0.15 3.52 15.07
C GLU A 26 -1.00 2.47 15.82
N ASN A 27 -1.77 2.89 16.83
CA ASN A 27 -2.85 2.10 17.46
C ASN A 27 -4.24 2.32 16.81
N GLU A 28 -4.32 3.06 15.69
CA GLU A 28 -5.50 3.18 14.80
C GLU A 28 -5.21 2.68 13.38
N LEU A 29 -4.04 2.03 13.21
CA LEU A 29 -3.67 1.16 12.12
C LEU A 29 -3.88 -0.24 12.64
N ARG A 30 -4.58 -1.10 11.89
CA ARG A 30 -4.61 -2.52 12.26
C ARG A 30 -3.55 -3.27 11.47
N ILE A 31 -2.52 -3.77 12.16
CA ILE A 31 -1.46 -4.62 11.64
C ILE A 31 -1.57 -6.06 12.13
N THR A 32 -1.23 -6.98 11.23
CA THR A 32 -1.97 -8.23 11.04
C THR A 32 -1.02 -9.24 10.45
N ASP A 33 -0.99 -10.43 11.04
CA ASP A 33 0.10 -11.37 10.89
C ASP A 33 -0.24 -12.73 11.52
N THR A 34 -1.32 -13.35 11.07
CA THR A 34 -1.48 -14.82 11.11
C THR A 34 -0.88 -15.45 9.85
N ALA A 35 -1.34 -14.99 8.68
CA ALA A 35 -1.23 -15.76 7.42
C ALA A 35 0.13 -15.66 6.75
N LEU A 36 0.67 -14.45 6.67
CA LEU A 36 2.00 -14.17 6.14
C LEU A 36 3.06 -14.93 6.97
N ILE A 37 2.85 -14.90 8.28
CA ILE A 37 3.65 -15.54 9.33
C ILE A 37 3.39 -17.07 9.38
N CYS A 38 2.26 -17.54 8.85
CA CYS A 38 1.93 -18.95 8.68
C CYS A 38 2.72 -19.58 7.52
N LYS A 39 2.92 -18.88 6.40
CA LYS A 39 3.73 -19.37 5.28
C LYS A 39 5.21 -19.36 5.64
N ASN A 40 5.69 -18.25 6.22
CA ASN A 40 7.09 -18.05 6.61
C ASN A 40 7.16 -17.14 7.86
N PRO A 41 7.25 -17.68 9.09
CA PRO A 41 7.17 -16.85 10.31
C PRO A 41 8.35 -15.89 10.45
N ASN A 42 9.56 -16.43 10.46
CA ASN A 42 10.80 -15.69 10.65
C ASN A 42 11.40 -15.27 9.31
N TYR A 43 10.55 -15.05 8.28
CA TYR A 43 10.91 -14.17 7.18
C TYR A 43 9.61 -13.75 6.46
N SER A 44 9.10 -12.56 6.76
CA SER A 44 7.79 -12.03 6.29
C SER A 44 7.58 -10.60 6.82
N LEU A 45 6.46 -9.92 6.54
CA LEU A 45 6.14 -8.67 7.25
C LEU A 45 4.76 -8.56 7.92
N CYS A 46 3.70 -8.13 7.21
CA CYS A 46 2.49 -7.60 7.85
C CYS A 46 1.41 -7.20 6.84
N ASP A 47 0.27 -6.79 7.37
CA ASP A 47 -0.93 -6.41 6.61
C ASP A 47 -1.66 -5.34 7.40
N ALA A 48 -1.83 -4.16 6.80
CA ALA A 48 -2.07 -2.87 7.42
C ALA A 48 -3.45 -2.33 6.98
N MET A 49 -4.20 -1.64 7.85
CA MET A 49 -5.64 -1.44 7.60
C MET A 49 -6.07 0.00 7.80
N LEU A 50 -6.82 0.43 6.78
CA LEU A 50 -6.87 1.76 6.17
C LEU A 50 -8.32 2.30 6.06
N THR A 51 -8.43 3.62 6.23
CA THR A 51 -9.65 4.42 6.37
C THR A 51 -9.74 5.51 5.30
N THR A 52 -10.93 6.08 5.09
CA THR A 52 -11.31 6.91 3.92
C THR A 52 -10.32 8.06 3.65
N ASP A 53 -9.83 8.18 2.42
CA ASP A 53 -8.40 8.44 2.26
C ASP A 53 -7.90 9.86 2.48
N ILE A 54 -6.63 9.91 2.89
CA ILE A 54 -5.76 11.09 2.93
C ILE A 54 -4.77 10.86 1.78
N VAL A 55 -4.78 11.74 0.79
CA VAL A 55 -4.31 11.35 -0.56
C VAL A 55 -2.79 11.32 -0.63
N TYR A 56 -2.21 10.23 -1.15
CA TYR A 56 -0.76 9.97 -1.00
C TYR A 56 -0.07 9.49 -2.27
N PRO A 57 1.23 9.83 -2.46
CA PRO A 57 2.05 9.35 -3.58
C PRO A 57 2.40 7.86 -3.39
N VAL A 58 1.43 6.99 -3.65
CA VAL A 58 1.43 5.56 -3.31
C VAL A 58 2.66 4.81 -3.84
N GLU A 59 3.07 5.02 -5.08
CA GLU A 59 4.28 4.38 -5.62
C GLU A 59 5.63 5.03 -5.19
N TYR A 60 5.63 6.24 -4.61
CA TYR A 60 6.78 6.75 -3.84
C TYR A 60 6.91 5.98 -2.51
N LEU A 61 5.77 5.62 -1.90
CA LEU A 61 5.71 4.74 -0.74
C LEU A 61 6.27 3.34 -1.08
N LEU A 62 5.92 2.75 -2.24
CA LEU A 62 6.56 1.51 -2.74
C LEU A 62 8.09 1.64 -2.88
N SER A 63 8.58 2.77 -3.40
CA SER A 63 10.03 2.99 -3.54
C SER A 63 10.73 2.99 -2.18
N TYR A 64 10.18 3.69 -1.18
CA TYR A 64 10.71 3.73 0.19
C TYR A 64 10.60 2.36 0.89
N TRP A 65 9.51 1.63 0.69
CA TRP A 65 9.28 0.28 1.22
C TRP A 65 10.35 -0.69 0.72
N GLU A 66 10.50 -0.82 -0.60
CA GLU A 66 11.47 -1.75 -1.21
C GLU A 66 12.91 -1.39 -0.84
N CYS A 67 13.23 -0.09 -0.73
CA CYS A 67 14.59 0.39 -0.47
C CYS A 67 15.04 0.21 0.99
N ARG A 68 14.13 0.12 1.99
CA ARG A 68 14.46 0.26 3.43
C ARG A 68 15.54 -0.70 3.95
N SER A 69 15.65 -1.88 3.35
CA SER A 69 16.86 -2.73 3.36
C SER A 69 17.16 -3.38 2.00
N GLY A 70 16.53 -2.91 0.92
CA GLY A 70 16.66 -3.41 -0.46
C GLY A 70 16.11 -4.82 -0.65
N ARG A 71 14.78 -4.98 -0.78
CA ARG A 71 14.07 -6.27 -0.87
C ARG A 71 12.71 -6.11 -1.55
N THR A 72 12.57 -6.74 -2.71
CA THR A 72 11.35 -6.68 -3.53
C THR A 72 10.24 -7.65 -3.11
N ALA A 73 9.00 -7.17 -3.27
CA ALA A 73 7.79 -7.73 -2.69
C ALA A 73 6.52 -7.46 -3.52
N CYS A 74 5.48 -8.27 -3.31
CA CYS A 74 4.12 -7.99 -3.71
C CYS A 74 3.50 -6.98 -2.73
N PHE A 75 3.19 -5.76 -3.22
CA PHE A 75 2.47 -4.75 -2.46
C PHE A 75 0.99 -4.84 -2.82
N VAL A 76 0.25 -5.53 -1.95
CA VAL A 76 -1.11 -6.05 -2.16
C VAL A 76 -2.11 -5.13 -1.47
N PHE A 77 -3.33 -5.06 -1.98
CA PHE A 77 -4.46 -4.49 -1.26
C PHE A 77 -5.56 -5.54 -1.15
N LYS A 78 -6.07 -5.77 0.06
CA LYS A 78 -7.12 -6.77 0.37
C LYS A 78 -8.32 -6.09 1.04
N ASN A 79 -9.47 -6.12 0.37
CA ASN A 79 -10.73 -5.52 0.83
C ASN A 79 -11.56 -6.59 1.55
N THR A 80 -11.81 -6.41 2.85
CA THR A 80 -12.39 -7.38 3.77
C THR A 80 -13.18 -6.57 4.78
N GLY A 81 -14.14 -7.12 5.50
CA GLY A 81 -15.49 -6.56 5.74
C GLY A 81 -15.66 -5.15 5.20
N CYS A 82 -16.08 -4.15 5.98
CA CYS A 82 -15.54 -2.84 5.61
C CYS A 82 -14.27 -2.53 6.44
N ARG A 83 -13.14 -2.51 5.74
CA ARG A 83 -12.01 -1.56 5.71
C ARG A 83 -11.11 -1.95 4.52
N VAL A 84 -10.45 -1.01 3.82
CA VAL A 84 -9.37 -1.42 2.90
C VAL A 84 -8.13 -1.86 3.70
N SER A 85 -7.43 -2.91 3.28
CA SER A 85 -6.08 -3.25 3.74
C SER A 85 -5.02 -2.98 2.66
N LEU A 86 -3.80 -2.61 3.06
CA LEU A 86 -2.57 -2.75 2.26
C LEU A 86 -1.75 -3.86 2.91
N SER A 87 -1.66 -4.97 2.21
CA SER A 87 -1.03 -6.21 2.64
C SER A 87 0.39 -6.26 2.06
N CYS A 88 1.43 -6.21 2.88
CA CYS A 88 2.81 -6.13 2.37
C CYS A 88 3.49 -7.49 2.48
N TYR A 89 3.69 -8.15 1.34
CA TYR A 89 4.18 -9.53 1.33
C TYR A 89 5.65 -9.59 0.94
N ILE A 90 6.49 -9.62 1.98
CA ILE A 90 7.49 -10.69 2.07
C ILE A 90 6.68 -11.95 2.46
N GLY A 91 6.31 -12.70 1.43
CA GLY A 91 5.35 -13.80 1.60
C GLY A 91 5.03 -14.68 0.40
N PHE A 92 4.72 -15.94 0.71
CA PHE A 92 4.16 -16.92 -0.24
C PHE A 92 2.71 -17.40 0.03
N PRO A 93 1.69 -16.51 0.09
CA PRO A 93 0.27 -16.92 0.05
C PRO A 93 -0.19 -17.49 -1.30
N GLU A 94 -1.43 -17.98 -1.35
CA GLU A 94 -2.08 -18.53 -2.55
C GLU A 94 -2.71 -17.49 -3.50
N ARG A 95 -3.35 -16.43 -2.99
CA ARG A 95 -4.35 -15.64 -3.74
C ARG A 95 -3.77 -14.70 -4.81
N LEU A 96 -2.45 -14.46 -4.81
CA LEU A 96 -1.65 -13.75 -5.83
C LEU A 96 -1.88 -14.30 -7.25
N LYS A 97 -2.18 -15.60 -7.38
CA LYS A 97 -2.61 -16.21 -8.64
C LYS A 97 -3.81 -15.44 -9.25
N ASP A 98 -4.77 -15.04 -8.41
CA ASP A 98 -6.05 -14.49 -8.84
C ASP A 98 -6.14 -12.96 -8.76
N LEU A 99 -5.51 -12.30 -7.77
CA LEU A 99 -5.75 -10.89 -7.46
C LEU A 99 -4.93 -9.88 -8.29
N LYS A 100 -5.45 -8.64 -8.41
CA LYS A 100 -5.10 -7.65 -9.47
C LYS A 100 -5.24 -6.15 -9.09
N ARG A 101 -4.16 -5.34 -9.21
CA ARG A 101 -4.12 -3.84 -9.06
C ARG A 101 -3.95 -3.17 -10.43
N VAL A 102 -3.92 -1.85 -10.43
CA VAL A 102 -4.41 -1.02 -11.56
C VAL A 102 -3.95 0.45 -11.52
N CYS A 103 -4.22 1.25 -12.56
CA CYS A 103 -4.69 2.65 -12.37
C CYS A 103 -5.96 2.92 -13.19
N ASP A 104 -7.04 3.29 -12.52
CA ASP A 104 -8.41 3.47 -12.98
C ASP A 104 -9.19 4.01 -11.75
N PHE A 105 -10.48 4.25 -11.93
CA PHE A 105 -11.48 4.41 -10.86
C PHE A 105 -12.48 3.23 -10.88
N ASN A 106 -12.66 2.58 -9.72
CA ASN A 106 -13.23 1.23 -9.61
C ASN A 106 -14.04 1.01 -8.30
N PHE A 107 -14.91 -0.01 -8.34
CA PHE A 107 -15.72 -0.52 -7.23
C PHE A 107 -15.24 -1.91 -6.78
N LEU A 108 -15.43 -2.26 -5.50
CA LEU A 108 -14.96 -3.51 -4.89
C LEU A 108 -15.98 -4.08 -3.88
N SER A 109 -16.06 -5.39 -3.78
CA SER A 109 -16.81 -6.13 -2.75
C SER A 109 -15.90 -6.80 -1.68
N VAL A 110 -16.57 -7.44 -0.71
CA VAL A 110 -16.09 -7.85 0.63
C VAL A 110 -15.02 -8.96 0.66
N ASN A 111 -14.67 -9.56 -0.48
CA ASN A 111 -13.49 -10.44 -0.58
C ASN A 111 -12.67 -10.21 -1.88
N GLU A 112 -12.37 -8.94 -2.20
CA GLU A 112 -11.73 -8.51 -3.45
C GLU A 112 -10.29 -7.99 -3.22
N ALA A 113 -9.34 -8.18 -4.15
CA ALA A 113 -7.93 -8.24 -3.85
C ALA A 113 -7.07 -7.73 -5.02
N LEU A 114 -5.93 -7.09 -4.74
CA LEU A 114 -5.11 -6.36 -5.71
C LEU A 114 -3.60 -6.53 -5.47
N VAL A 115 -2.73 -6.52 -6.50
CA VAL A 115 -1.26 -6.30 -6.33
C VAL A 115 -0.62 -5.50 -7.44
N VAL A 116 0.32 -4.64 -7.04
CA VAL A 116 1.18 -3.85 -7.93
C VAL A 116 2.63 -3.93 -7.45
N THR A 117 3.55 -3.85 -8.42
CA THR A 117 4.98 -3.51 -8.25
C THR A 117 5.35 -2.61 -9.44
N LEU A 118 6.43 -1.83 -9.35
CA LEU A 118 6.77 -0.81 -10.35
C LEU A 118 6.76 -1.29 -11.82
N ALA A 119 7.06 -2.56 -12.14
CA ALA A 119 6.98 -3.08 -13.51
C ALA A 119 5.54 -3.15 -14.08
N ASP A 120 4.55 -3.42 -13.22
CA ASP A 120 3.13 -3.37 -13.56
C ASP A 120 2.64 -1.93 -13.78
N ILE A 121 3.29 -0.94 -13.16
CA ILE A 121 3.09 0.49 -13.48
C ILE A 121 3.85 0.89 -14.76
N GLU A 122 4.98 0.24 -15.07
CA GLU A 122 5.67 0.38 -16.35
C GLU A 122 4.87 -0.22 -17.54
N ARG A 123 3.82 -1.03 -17.32
CA ARG A 123 2.77 -1.24 -18.33
C ARG A 123 1.88 0.00 -18.56
N ILE A 124 1.57 0.77 -17.50
CA ILE A 124 0.67 1.93 -17.54
C ILE A 124 1.34 3.11 -18.26
N LYS A 125 2.65 3.31 -18.08
CA LYS A 125 3.49 4.25 -18.85
C LYS A 125 4.88 3.65 -19.14
N PRO A 126 5.42 3.75 -20.37
CA PRO A 126 6.47 2.85 -20.89
C PRO A 126 7.83 2.89 -20.17
N CYS A 127 8.16 4.00 -19.51
CA CYS A 127 9.38 4.17 -18.73
C CYS A 127 9.14 5.10 -17.54
N ASP A 128 9.54 4.68 -16.34
CA ASP A 128 9.60 5.46 -15.12
C ASP A 128 10.38 4.64 -14.07
N LYS A 129 10.92 5.34 -13.08
CA LYS A 129 11.53 4.79 -11.85
C LYS A 129 11.12 5.53 -10.57
N GLY A 130 10.87 6.83 -10.67
CA GLY A 130 10.57 7.73 -9.55
C GLY A 130 9.09 8.09 -9.38
N VAL A 131 8.17 7.28 -9.90
CA VAL A 131 6.78 7.70 -10.20
C VAL A 131 6.01 8.16 -8.95
N LEU A 132 5.12 9.14 -9.14
CA LEU A 132 4.13 9.58 -8.15
C LEU A 132 2.73 9.24 -8.69
N THR A 133 2.36 7.97 -8.49
CA THR A 133 0.96 7.54 -8.58
C THR A 133 0.28 8.00 -7.30
N ASN A 134 -1.00 8.36 -7.35
CA ASN A 134 -1.72 8.97 -6.23
C ASN A 134 -2.95 8.11 -5.96
N CYS A 135 -3.22 7.76 -4.70
CA CYS A 135 -4.23 6.74 -4.35
C CYS A 135 -5.27 7.32 -3.37
N VAL A 136 -6.55 7.06 -3.65
CA VAL A 136 -7.66 7.58 -2.86
C VAL A 136 -8.81 6.56 -2.79
N VAL A 137 -9.01 5.94 -1.62
CA VAL A 137 -10.13 5.03 -1.33
C VAL A 137 -11.27 5.71 -0.55
N ARG A 138 -12.50 5.35 -0.91
CA ARG A 138 -13.67 5.43 -0.04
C ARG A 138 -14.31 4.05 0.09
N LYS A 139 -15.14 3.91 1.11
CA LYS A 139 -16.04 2.78 1.34
C LYS A 139 -17.30 3.30 2.07
N SER A 140 -18.46 2.65 1.95
CA SER A 140 -19.65 2.96 2.76
C SER A 140 -20.19 1.64 3.28
N ASN A 141 -20.29 1.47 4.60
CA ASN A 141 -20.83 0.25 5.20
C ASN A 141 -22.37 0.19 5.00
N SER A 142 -23.04 1.32 5.22
CA SER A 142 -24.47 1.55 4.91
C SER A 142 -24.84 1.06 3.50
N GLY A 143 -24.02 1.40 2.49
CA GLY A 143 -24.18 1.00 1.09
C GLY A 143 -23.48 -0.30 0.67
N MET A 144 -22.87 -1.04 1.61
CA MET A 144 -22.03 -2.25 1.38
C MET A 144 -21.08 -2.11 0.18
N SER A 145 -20.31 -1.01 0.12
CA SER A 145 -19.65 -0.56 -1.10
C SER A 145 -18.23 -0.07 -0.83
N TYR A 146 -17.29 -0.39 -1.72
CA TYR A 146 -15.99 0.28 -1.82
C TYR A 146 -15.96 1.12 -3.10
N ASN A 147 -15.38 2.33 -3.04
CA ASN A 147 -15.37 3.23 -4.19
C ASN A 147 -14.04 4.00 -4.24
N ILE A 148 -13.16 3.64 -5.17
CA ILE A 148 -11.72 3.97 -5.10
C ILE A 148 -11.15 4.46 -6.44
N GLU A 149 -10.11 5.29 -6.41
CA GLU A 149 -9.28 5.59 -7.59
C GLU A 149 -7.79 5.59 -7.27
N VAL A 150 -6.97 5.22 -8.27
CA VAL A 150 -5.51 5.36 -8.23
C VAL A 150 -5.02 5.78 -9.63
N VAL A 151 -4.16 6.80 -9.65
CA VAL A 151 -3.94 7.66 -10.82
C VAL A 151 -2.44 7.96 -11.03
N ALA A 152 -1.88 7.64 -12.21
CA ALA A 152 -0.42 7.57 -12.41
C ALA A 152 0.20 8.76 -13.16
N PHE A 153 1.18 9.42 -12.54
CA PHE A 153 2.09 10.38 -13.17
C PHE A 153 3.52 10.23 -12.60
N GLY A 154 4.56 10.47 -13.39
CA GLY A 154 5.96 10.58 -12.93
C GLY A 154 6.31 11.88 -12.20
N PRO A 155 7.60 12.24 -12.06
CA PRO A 155 8.08 13.46 -11.39
C PRO A 155 7.52 14.80 -11.92
N ASP A 156 6.88 14.83 -13.10
CA ASP A 156 6.05 15.94 -13.60
C ASP A 156 4.79 16.24 -12.74
N ASN A 157 4.53 15.43 -11.72
CA ASN A 157 3.48 15.63 -10.71
C ASN A 157 3.84 16.74 -9.69
N GLU A 158 4.37 17.86 -10.20
CA GLU A 158 4.83 19.07 -9.50
C GLU A 158 3.80 19.63 -8.50
N ALA A 159 2.50 19.45 -8.76
CA ALA A 159 1.39 19.91 -7.92
C ALA A 159 1.16 19.07 -6.64
N GLU A 160 1.23 17.74 -6.71
CA GLU A 160 1.24 16.89 -5.51
C GLU A 160 2.58 17.00 -4.75
N TYR A 161 3.70 17.23 -5.43
CA TYR A 161 4.98 17.58 -4.77
C TYR A 161 4.83 18.87 -3.93
N GLN A 162 4.36 19.97 -4.53
CA GLN A 162 4.13 21.22 -3.81
C GLN A 162 3.22 21.01 -2.59
N ALA A 163 2.07 20.34 -2.75
CA ALA A 163 1.15 20.09 -1.64
C ALA A 163 1.82 19.33 -0.47
N LEU A 164 2.60 18.29 -0.76
CA LEU A 164 3.28 17.49 0.25
C LEU A 164 4.33 18.27 1.03
N LEU A 165 5.36 18.81 0.37
CA LEU A 165 6.40 19.63 0.98
C LEU A 165 5.84 20.82 1.78
N ARG A 166 4.74 21.40 1.29
CA ARG A 166 4.04 22.53 1.91
C ARG A 166 3.38 22.14 3.23
N ASP A 167 2.85 20.91 3.35
CA ASP A 167 2.29 20.45 4.63
C ASP A 167 3.34 19.81 5.58
N ILE A 168 4.44 19.24 5.05
CA ILE A 168 5.41 18.44 5.84
C ILE A 168 6.75 19.10 6.20
N TYR A 169 7.44 19.79 5.27
CA TYR A 169 8.71 20.49 5.53
C TYR A 169 8.43 21.93 5.97
N ALA A 170 7.35 22.48 5.43
CA ALA A 170 6.80 23.77 5.84
C ALA A 170 5.62 23.63 6.83
N ARG A 171 5.54 22.51 7.55
CA ARG A 171 4.71 22.36 8.77
C ARG A 171 5.00 23.45 9.80
N ALA A 1 15.00 -14.98 10.35
CA ALA A 1 15.22 -16.41 10.62
C ALA A 1 14.06 -17.00 11.43
N GLY A 2 14.14 -17.03 12.77
CA GLY A 2 13.05 -17.51 13.63
C GLY A 2 11.83 -16.59 13.65
N HIS A 3 12.08 -15.28 13.59
CA HIS A 3 11.12 -14.27 13.17
C HIS A 3 11.41 -13.80 11.73
N MET A 4 10.45 -13.14 11.09
CA MET A 4 10.52 -12.82 9.66
C MET A 4 11.73 -11.92 9.36
N GLU A 5 12.51 -12.25 8.31
CA GLU A 5 13.84 -11.65 8.16
C GLU A 5 13.76 -10.17 7.72
N ILE A 6 13.85 -9.33 8.75
CA ILE A 6 13.98 -7.92 8.88
C ILE A 6 14.86 -7.66 10.08
N ASP A 7 15.63 -6.61 9.98
CA ASP A 7 16.29 -5.97 11.12
C ASP A 7 15.23 -5.16 11.90
N LYS A 8 15.14 -5.34 13.23
CA LYS A 8 13.92 -5.07 14.04
C LYS A 8 13.43 -3.60 14.14
N ASN A 9 14.17 -2.65 13.57
CA ASN A 9 13.74 -1.24 13.41
C ASN A 9 13.08 -0.96 12.04
N VAL A 10 13.36 -1.77 11.03
CA VAL A 10 13.01 -1.51 9.62
C VAL A 10 11.52 -1.67 9.31
N GLY A 11 10.87 -2.72 9.84
CA GLY A 11 9.42 -2.85 9.82
C GLY A 11 8.78 -1.72 10.61
N ALA A 12 9.26 -1.44 11.83
CA ALA A 12 8.72 -0.37 12.66
C ALA A 12 8.76 1.01 11.95
N ASP A 13 9.80 1.29 11.18
CA ASP A 13 9.96 2.48 10.35
C ASP A 13 9.10 2.48 9.06
N LEU A 14 8.88 1.33 8.43
CA LEU A 14 8.02 1.16 7.24
C LEU A 14 6.51 1.19 7.61
N ILE A 15 6.15 0.62 8.75
CA ILE A 15 4.81 0.70 9.36
C ILE A 15 4.55 2.16 9.82
N SER A 16 5.54 2.79 10.47
CA SER A 16 5.53 4.24 10.77
C SER A 16 5.30 5.08 9.50
N ASN A 17 5.99 4.76 8.40
CA ASN A 17 5.77 5.42 7.11
C ASN A 17 4.32 5.23 6.63
N THR A 18 3.72 4.06 6.85
CA THR A 18 2.35 3.74 6.43
C THR A 18 1.31 4.59 7.17
N ARG A 19 1.37 4.68 8.51
CA ARG A 19 0.48 5.61 9.24
C ARG A 19 0.74 7.08 8.91
N ARG A 20 2.00 7.49 8.75
CA ARG A 20 2.40 8.90 8.60
C ARG A 20 2.16 9.49 7.20
N ILE A 21 2.34 8.73 6.12
CA ILE A 21 2.07 9.19 4.74
C ILE A 21 0.56 9.13 4.41
N LEU A 22 -0.21 8.29 5.11
CA LEU A 22 -1.69 8.33 5.08
C LEU A 22 -2.30 9.29 6.11
N ARG A 23 -1.49 9.80 7.06
CA ARG A 23 -1.89 10.71 8.14
C ARG A 23 -3.07 10.13 8.97
N LEU A 24 -3.02 8.84 9.28
CA LEU A 24 -3.97 8.20 10.20
C LEU A 24 -3.30 7.88 11.55
N ASP A 25 -4.11 7.64 12.59
CA ASP A 25 -3.60 7.33 13.94
C ASP A 25 -3.01 5.91 14.00
N GLU A 26 -2.00 5.67 14.85
CA GLU A 26 -1.48 4.31 15.07
C GLU A 26 -2.51 3.37 15.72
N ASN A 27 -3.47 3.93 16.46
CA ASN A 27 -4.68 3.25 16.97
C ASN A 27 -5.78 3.08 15.91
N GLU A 28 -5.55 3.50 14.66
CA GLU A 28 -6.52 3.44 13.54
C GLU A 28 -5.88 2.79 12.30
N LEU A 29 -4.57 2.51 12.36
CA LEU A 29 -3.88 1.50 11.59
C LEU A 29 -3.98 0.20 12.40
N ARG A 30 -4.23 -0.92 11.74
CA ARG A 30 -4.01 -2.25 12.36
C ARG A 30 -2.97 -3.08 11.64
N ILE A 31 -2.15 -3.75 12.45
CA ILE A 31 -1.05 -4.63 12.02
C ILE A 31 -1.46 -6.11 12.07
N THR A 32 -1.02 -6.89 11.07
CA THR A 32 -1.23 -8.35 11.06
C THR A 32 -0.03 -9.07 10.47
N ASP A 33 0.24 -10.30 10.92
CA ASP A 33 1.18 -11.21 10.26
C ASP A 33 0.96 -12.70 10.61
N THR A 34 -0.26 -13.20 10.38
CA THR A 34 -0.50 -14.65 10.31
C THR A 34 -0.28 -15.21 8.91
N ALA A 35 -0.99 -14.66 7.94
CA ALA A 35 -1.28 -15.33 6.66
C ALA A 35 -0.17 -15.15 5.63
N LEU A 36 0.15 -13.88 5.34
CA LEU A 36 1.10 -13.44 4.32
C LEU A 36 2.54 -13.89 4.63
N ILE A 37 2.96 -13.80 5.89
CA ILE A 37 4.26 -14.30 6.39
C ILE A 37 4.34 -15.82 6.22
N CYS A 38 3.20 -16.52 6.24
CA CYS A 38 3.10 -17.96 5.97
C CYS A 38 2.81 -18.32 4.50
N LYS A 39 2.75 -17.35 3.56
CA LYS A 39 2.64 -17.61 2.11
C LYS A 39 4.01 -17.63 1.46
N ASN A 40 4.91 -16.71 1.83
CA ASN A 40 6.34 -16.82 1.58
C ASN A 40 7.04 -17.31 2.87
N PRO A 41 6.98 -18.61 3.23
CA PRO A 41 6.41 -18.99 4.53
C PRO A 41 7.22 -18.69 5.81
N ASN A 42 8.41 -18.11 5.69
CA ASN A 42 9.30 -17.73 6.78
C ASN A 42 9.60 -16.20 6.83
N TYR A 43 9.00 -15.36 5.98
CA TYR A 43 9.65 -14.13 5.49
C TYR A 43 8.74 -12.89 5.55
N SER A 44 9.33 -11.71 5.31
CA SER A 44 8.72 -10.39 5.54
C SER A 44 7.54 -10.09 4.60
N LEU A 45 6.62 -9.16 4.92
CA LEU A 45 6.73 -8.14 5.97
C LEU A 45 5.56 -8.09 6.96
N CYS A 46 4.41 -7.49 6.61
CA CYS A 46 3.29 -7.25 7.55
C CYS A 46 2.02 -6.72 6.85
N ASP A 47 1.01 -6.30 7.61
CA ASP A 47 -0.29 -5.87 7.11
C ASP A 47 -0.65 -4.55 7.80
N ALA A 48 -1.40 -3.70 7.11
CA ALA A 48 -1.87 -2.38 7.46
C ALA A 48 -3.38 -2.30 7.20
N MET A 49 -4.16 -1.63 8.05
CA MET A 49 -5.63 -1.58 7.95
C MET A 49 -6.05 -0.11 7.91
N LEU A 50 -6.87 0.25 6.90
CA LEU A 50 -6.89 1.56 6.22
C LEU A 50 -8.30 2.15 6.02
N THR A 51 -8.34 3.49 6.07
CA THR A 51 -9.52 4.38 6.12
C THR A 51 -9.55 5.41 4.99
N THR A 52 -10.70 6.10 4.85
CA THR A 52 -11.19 6.82 3.66
C THR A 52 -10.90 8.33 3.64
N ASP A 53 -11.28 8.98 2.53
CA ASP A 53 -11.39 10.45 2.36
C ASP A 53 -10.09 11.27 2.43
N ILE A 54 -8.95 10.61 2.17
CA ILE A 54 -7.66 11.25 1.88
C ILE A 54 -7.01 10.65 0.63
N VAL A 55 -6.06 11.38 0.06
CA VAL A 55 -5.21 10.93 -1.04
C VAL A 55 -3.84 10.53 -0.49
N TYR A 56 -3.24 9.45 -0.98
CA TYR A 56 -1.86 9.10 -0.63
C TYR A 56 -1.08 8.74 -1.91
N PRO A 57 0.09 9.39 -2.18
CA PRO A 57 1.04 9.04 -3.23
C PRO A 57 1.69 7.65 -3.01
N VAL A 58 0.86 6.62 -3.08
CA VAL A 58 1.02 5.29 -2.50
C VAL A 58 2.33 4.60 -2.86
N GLU A 59 2.80 4.73 -4.10
CA GLU A 59 4.01 4.05 -4.56
C GLU A 59 5.31 4.69 -4.01
N TYR A 60 5.24 5.87 -3.39
CA TYR A 60 6.32 6.38 -2.52
C TYR A 60 6.59 5.43 -1.33
N LEU A 61 5.57 4.71 -0.82
CA LEU A 61 5.73 3.71 0.24
C LEU A 61 6.43 2.45 -0.29
N LEU A 62 6.04 1.98 -1.49
CA LEU A 62 6.77 0.91 -2.20
C LEU A 62 8.24 1.32 -2.44
N SER A 63 8.45 2.57 -2.87
CA SER A 63 9.79 3.15 -3.08
C SER A 63 10.58 3.20 -1.77
N TYR A 64 9.93 3.53 -0.64
CA TYR A 64 10.57 3.63 0.66
C TYR A 64 11.07 2.26 1.15
N TRP A 65 10.35 1.18 0.86
CA TRP A 65 10.85 -0.18 1.08
C TRP A 65 11.98 -0.57 0.10
N GLU A 66 11.76 -0.42 -1.22
CA GLU A 66 12.74 -0.92 -2.21
C GLU A 66 14.09 -0.19 -2.09
N CYS A 67 14.08 1.11 -1.78
CA CYS A 67 15.30 1.89 -1.54
C CYS A 67 15.98 1.59 -0.18
N ARG A 68 15.32 0.82 0.72
CA ARG A 68 15.84 0.53 2.07
C ARG A 68 16.96 -0.51 2.06
N SER A 69 16.94 -1.46 1.12
CA SER A 69 18.03 -2.44 0.90
C SER A 69 18.15 -2.88 -0.56
N GLY A 70 16.99 -3.01 -1.22
CA GLY A 70 16.83 -3.53 -2.58
C GLY A 70 16.39 -4.98 -2.55
N ARG A 71 15.08 -5.20 -2.35
CA ARG A 71 14.37 -6.48 -2.49
C ARG A 71 12.94 -6.25 -2.96
N THR A 72 12.65 -6.72 -4.17
CA THR A 72 11.34 -6.57 -4.82
C THR A 72 10.22 -7.33 -4.11
N ALA A 73 9.03 -6.69 -4.05
CA ALA A 73 7.88 -7.13 -3.25
C ALA A 73 6.50 -6.87 -3.88
N CYS A 74 5.54 -7.76 -3.61
CA CYS A 74 4.10 -7.65 -3.81
C CYS A 74 3.45 -6.75 -2.74
N PHE A 75 2.99 -5.55 -3.11
CA PHE A 75 2.13 -4.77 -2.21
C PHE A 75 0.67 -5.11 -2.55
N VAL A 76 0.09 -6.00 -1.72
CA VAL A 76 -1.20 -6.66 -1.95
C VAL A 76 -2.29 -5.97 -1.14
N PHE A 77 -3.26 -5.36 -1.80
CA PHE A 77 -4.37 -4.69 -1.13
C PHE A 77 -5.56 -5.67 -1.08
N LYS A 78 -6.10 -5.92 0.10
CA LYS A 78 -7.27 -6.81 0.33
C LYS A 78 -8.45 -6.04 0.94
N ASN A 79 -9.61 -6.07 0.26
CA ASN A 79 -10.85 -5.44 0.69
C ASN A 79 -11.74 -6.46 1.41
N THR A 80 -12.00 -6.27 2.72
CA THR A 80 -12.71 -7.20 3.61
C THR A 80 -13.52 -6.31 4.55
N GLY A 81 -14.56 -6.78 5.23
CA GLY A 81 -15.86 -6.12 5.44
C GLY A 81 -15.89 -4.67 4.95
N CYS A 82 -16.35 -3.67 5.72
CA CYS A 82 -15.88 -2.33 5.35
C CYS A 82 -14.66 -1.94 6.20
N ARG A 83 -13.49 -2.05 5.56
CA ARG A 83 -12.24 -1.27 5.62
C ARG A 83 -11.29 -1.82 4.53
N VAL A 84 -10.53 -0.98 3.82
CA VAL A 84 -9.41 -1.53 3.03
C VAL A 84 -8.30 -2.06 3.96
N SER A 85 -7.71 -3.22 3.66
CA SER A 85 -6.38 -3.61 4.18
C SER A 85 -5.33 -3.48 3.08
N LEU A 86 -4.09 -3.11 3.43
CA LEU A 86 -2.90 -3.31 2.60
C LEU A 86 -2.08 -4.39 3.30
N SER A 87 -2.05 -5.56 2.67
CA SER A 87 -1.18 -6.66 3.04
C SER A 87 0.16 -6.51 2.29
N CYS A 88 1.20 -5.93 2.88
CA CYS A 88 2.43 -5.64 2.15
C CYS A 88 3.49 -6.70 2.48
N TYR A 89 3.85 -7.55 1.50
CA TYR A 89 4.87 -8.56 1.76
C TYR A 89 5.77 -8.96 0.59
N ILE A 90 7.00 -9.35 0.94
CA ILE A 90 7.94 -9.99 0.01
C ILE A 90 7.33 -11.35 -0.36
N GLY A 91 6.86 -11.49 -1.61
CA GLY A 91 5.59 -12.17 -1.90
C GLY A 91 5.66 -13.64 -2.34
N PHE A 92 4.72 -14.45 -1.83
CA PHE A 92 4.26 -15.67 -2.55
C PHE A 92 2.72 -15.82 -2.51
N PRO A 93 1.95 -14.88 -3.09
CA PRO A 93 0.50 -14.80 -2.94
C PRO A 93 -0.28 -15.93 -3.64
N GLU A 94 -0.80 -16.86 -2.83
CA GLU A 94 -1.65 -17.98 -3.27
C GLU A 94 -2.90 -17.55 -4.08
N ARG A 95 -3.45 -16.36 -3.78
CA ARG A 95 -4.64 -15.82 -4.46
C ARG A 95 -4.31 -14.92 -5.66
N LEU A 96 -3.04 -14.74 -6.04
CA LEU A 96 -2.62 -14.16 -7.33
C LEU A 96 -2.88 -15.06 -8.55
N LYS A 97 -3.46 -16.24 -8.32
CA LYS A 97 -4.32 -16.90 -9.32
C LYS A 97 -5.42 -15.94 -9.82
N ASP A 98 -5.98 -15.09 -8.92
CA ASP A 98 -7.18 -14.29 -9.23
C ASP A 98 -7.03 -12.77 -9.04
N LEU A 99 -6.28 -12.25 -8.06
CA LEU A 99 -6.34 -10.84 -7.69
C LEU A 99 -5.49 -9.89 -8.59
N LYS A 100 -5.72 -8.57 -8.46
CA LYS A 100 -5.23 -7.55 -9.44
C LYS A 100 -5.33 -6.06 -9.01
N ARG A 101 -4.21 -5.30 -9.06
CA ARG A 101 -4.17 -3.82 -8.89
C ARG A 101 -3.94 -3.13 -10.25
N VAL A 102 -3.93 -1.81 -10.21
CA VAL A 102 -4.41 -0.97 -11.34
C VAL A 102 -3.95 0.50 -11.35
N CYS A 103 -4.18 1.25 -12.44
CA CYS A 103 -4.67 2.64 -12.37
C CYS A 103 -5.98 2.80 -13.17
N ASP A 104 -7.05 3.25 -12.51
CA ASP A 104 -8.41 3.40 -12.97
C ASP A 104 -9.21 4.06 -11.80
N PHE A 105 -10.47 4.37 -12.06
CA PHE A 105 -11.52 4.70 -11.10
C PHE A 105 -12.72 3.75 -11.23
N ASN A 106 -13.09 3.05 -10.15
CA ASN A 106 -14.17 2.05 -10.16
C ASN A 106 -14.78 1.71 -8.78
N PHE A 107 -15.87 0.95 -8.82
CA PHE A 107 -16.61 0.39 -7.68
C PHE A 107 -16.23 -1.09 -7.47
N LEU A 108 -16.04 -1.52 -6.22
CA LEU A 108 -15.25 -2.70 -5.84
C LEU A 108 -15.86 -3.39 -4.59
N SER A 109 -15.85 -4.73 -4.50
CA SER A 109 -16.55 -5.47 -3.43
C SER A 109 -15.75 -5.84 -2.16
N VAL A 110 -16.49 -6.46 -1.22
CA VAL A 110 -16.08 -6.98 0.11
C VAL A 110 -15.29 -8.30 0.06
N ASN A 111 -15.17 -8.92 -1.12
CA ASN A 111 -14.51 -10.21 -1.33
C ASN A 111 -13.35 -10.09 -2.36
N GLU A 112 -12.65 -8.96 -2.44
CA GLU A 112 -11.84 -8.66 -3.62
C GLU A 112 -10.44 -8.10 -3.26
N ALA A 113 -9.48 -8.16 -4.18
CA ALA A 113 -8.07 -8.25 -3.85
C ALA A 113 -7.21 -7.71 -5.00
N LEU A 114 -6.05 -7.13 -4.69
CA LEU A 114 -5.22 -6.39 -5.62
C LEU A 114 -3.71 -6.62 -5.33
N VAL A 115 -2.82 -6.61 -6.33
CA VAL A 115 -1.36 -6.42 -6.13
C VAL A 115 -0.72 -5.52 -7.17
N VAL A 116 0.17 -4.65 -6.70
CA VAL A 116 1.06 -3.85 -7.53
C VAL A 116 2.48 -3.93 -6.97
N THR A 117 3.46 -3.68 -7.83
CA THR A 117 4.86 -3.50 -7.51
C THR A 117 5.46 -2.45 -8.45
N LEU A 118 6.65 -1.94 -8.19
CA LEU A 118 7.22 -0.81 -8.97
C LEU A 118 7.37 -1.13 -10.47
N ALA A 119 7.67 -2.38 -10.85
CA ALA A 119 7.69 -2.83 -12.24
C ALA A 119 6.30 -2.84 -12.91
N ASP A 120 5.23 -3.09 -12.15
CA ASP A 120 3.85 -3.06 -12.66
C ASP A 120 3.38 -1.62 -12.94
N ILE A 121 3.81 -0.66 -12.12
CA ILE A 121 3.58 0.79 -12.33
C ILE A 121 4.53 1.36 -13.40
N GLU A 122 5.77 0.87 -13.50
CA GLU A 122 6.67 1.15 -14.63
C GLU A 122 6.03 0.73 -15.96
N ARG A 123 5.24 -0.36 -16.00
CA ARG A 123 4.43 -0.75 -17.16
C ARG A 123 3.24 0.19 -17.40
N ILE A 124 2.71 0.90 -16.40
CA ILE A 124 1.70 1.93 -16.63
C ILE A 124 2.34 3.17 -17.27
N LYS A 125 3.51 3.62 -16.79
CA LYS A 125 4.42 4.63 -17.37
C LYS A 125 5.47 5.05 -16.33
N PRO A 126 5.13 5.43 -15.07
CA PRO A 126 6.08 6.09 -14.18
C PRO A 126 7.31 5.24 -13.82
N CYS A 127 8.46 5.69 -14.30
CA CYS A 127 9.79 5.17 -14.00
C CYS A 127 10.21 5.39 -12.53
N ASP A 128 11.10 4.54 -12.02
CA ASP A 128 11.15 4.18 -10.59
C ASP A 128 11.82 5.17 -9.63
N LYS A 129 12.44 6.23 -10.16
CA LYS A 129 13.21 7.26 -9.43
C LYS A 129 12.41 8.51 -9.01
N GLY A 130 11.08 8.51 -9.16
CA GLY A 130 10.27 9.72 -9.08
C GLY A 130 8.76 9.53 -8.96
N VAL A 131 8.29 8.32 -8.63
CA VAL A 131 6.85 7.97 -8.67
C VAL A 131 6.08 8.68 -7.56
N LEU A 132 5.08 9.44 -7.98
CA LEU A 132 3.89 9.75 -7.19
C LEU A 132 2.64 9.42 -8.03
N THR A 133 2.34 8.12 -8.04
CA THR A 133 1.03 7.57 -8.38
C THR A 133 0.19 7.62 -7.10
N ASN A 134 -1.03 8.16 -7.18
CA ASN A 134 -1.77 8.69 -6.04
C ASN A 134 -3.16 8.05 -5.95
N CYS A 135 -3.54 7.59 -4.76
CA CYS A 135 -4.71 6.73 -4.54
C CYS A 135 -5.67 7.35 -3.52
N VAL A 136 -6.97 7.18 -3.77
CA VAL A 136 -8.07 7.80 -3.01
C VAL A 136 -9.16 6.75 -2.80
N VAL A 137 -9.57 6.52 -1.55
CA VAL A 137 -10.53 5.46 -1.20
C VAL A 137 -11.72 5.98 -0.39
N ARG A 138 -12.89 5.40 -0.65
CA ARG A 138 -14.13 5.45 0.13
C ARG A 138 -14.68 4.03 0.25
N LYS A 139 -15.52 3.75 1.25
CA LYS A 139 -16.23 2.46 1.37
C LYS A 139 -17.67 2.57 1.96
N SER A 140 -18.69 2.51 1.12
CA SER A 140 -20.11 2.60 1.51
C SER A 140 -20.53 1.49 2.50
N ASN A 141 -21.09 1.87 3.66
CA ASN A 141 -21.59 0.93 4.67
C ASN A 141 -23.01 0.40 4.32
N SER A 142 -23.98 1.29 4.08
CA SER A 142 -25.35 0.94 3.64
C SER A 142 -25.42 0.11 2.35
N GLY A 143 -24.38 0.19 1.51
CA GLY A 143 -24.20 -0.61 0.30
C GLY A 143 -22.96 -1.51 0.31
N MET A 144 -22.42 -1.86 1.49
CA MET A 144 -21.26 -2.74 1.73
C MET A 144 -20.28 -2.88 0.55
N SER A 145 -19.52 -1.82 0.26
CA SER A 145 -18.71 -1.73 -0.98
C SER A 145 -17.66 -0.63 -0.91
N TYR A 146 -16.76 -0.60 -1.89
CA TYR A 146 -15.66 0.35 -2.02
C TYR A 146 -15.84 1.27 -3.21
N ASN A 147 -15.32 2.49 -3.07
CA ASN A 147 -15.14 3.40 -4.21
C ASN A 147 -13.68 3.81 -4.27
N ILE A 148 -13.01 3.41 -5.36
CA ILE A 148 -11.56 3.54 -5.49
C ILE A 148 -11.21 4.37 -6.72
N GLU A 149 -10.17 5.19 -6.60
CA GLU A 149 -9.44 5.70 -7.76
C GLU A 149 -7.93 5.72 -7.47
N VAL A 150 -7.12 5.47 -8.50
CA VAL A 150 -5.68 5.72 -8.48
C VAL A 150 -5.17 6.18 -9.85
N VAL A 151 -4.31 7.19 -9.77
CA VAL A 151 -3.90 8.07 -10.89
C VAL A 151 -2.38 8.18 -10.94
N ALA A 152 -1.78 7.96 -12.11
CA ALA A 152 -0.34 7.71 -12.23
C ALA A 152 0.48 8.94 -12.67
N PHE A 153 1.46 9.37 -11.85
CA PHE A 153 2.42 10.41 -12.24
C PHE A 153 3.85 10.11 -11.75
N GLY A 154 4.85 10.63 -12.47
CA GLY A 154 6.22 10.81 -12.01
C GLY A 154 6.42 12.15 -11.28
N PRO A 155 7.59 12.82 -11.43
CA PRO A 155 7.85 14.16 -10.91
C PRO A 155 6.83 15.26 -11.27
N ASP A 156 5.95 15.01 -12.23
CA ASP A 156 4.79 15.85 -12.60
C ASP A 156 3.80 16.07 -11.45
N ASN A 157 3.86 15.30 -10.34
CA ASN A 157 3.00 15.45 -9.17
C ASN A 157 3.61 16.30 -8.02
N GLU A 158 4.62 17.11 -8.31
CA GLU A 158 5.35 17.92 -7.31
C GLU A 158 4.43 18.84 -6.47
N ALA A 159 3.30 19.33 -7.01
CA ALA A 159 2.31 20.09 -6.24
C ALA A 159 1.62 19.24 -5.14
N GLU A 160 1.33 17.96 -5.40
CA GLU A 160 0.80 17.04 -4.39
C GLU A 160 1.87 16.65 -3.36
N TYR A 161 3.12 16.47 -3.79
CA TYR A 161 4.27 16.29 -2.89
C TYR A 161 4.39 17.46 -1.90
N GLN A 162 4.29 18.70 -2.39
CA GLN A 162 4.28 19.92 -1.58
C GLN A 162 3.08 19.95 -0.60
N ALA A 163 1.91 19.46 -1.00
CA ALA A 163 0.75 19.34 -0.10
C ALA A 163 0.93 18.28 1.00
N LEU A 164 1.54 17.13 0.70
CA LEU A 164 1.85 16.10 1.66
C LEU A 164 2.80 16.56 2.76
N LEU A 165 3.99 17.05 2.39
CA LEU A 165 4.91 17.79 3.23
C LEU A 165 4.20 18.86 4.09
N ARG A 166 3.21 19.55 3.52
CA ARG A 166 2.45 20.62 4.22
C ARG A 166 1.48 20.09 5.28
N ASP A 167 1.04 18.83 5.21
CA ASP A 167 0.26 18.19 6.29
C ASP A 167 1.12 17.44 7.31
N ILE A 168 2.20 16.78 6.88
CA ILE A 168 3.06 15.95 7.76
C ILE A 168 4.09 16.76 8.56
N TYR A 169 4.63 17.85 7.98
CA TYR A 169 5.29 18.92 8.74
C TYR A 169 4.26 19.81 9.47
N ALA A 170 2.97 19.43 9.45
CA ALA A 170 1.93 20.03 10.31
C ALA A 170 1.15 19.01 11.16
N ARG A 171 1.75 17.83 11.42
CA ARG A 171 1.37 16.88 12.49
C ARG A 171 2.52 16.72 13.48
N ALA A 1 17.71 -17.38 11.42
CA ALA A 1 17.67 -18.02 10.10
C ALA A 1 16.40 -18.86 9.87
N GLY A 2 15.99 -19.73 10.81
CA GLY A 2 14.90 -20.71 10.61
C GLY A 2 13.46 -20.17 10.46
N HIS A 3 13.24 -18.88 10.74
CA HIS A 3 11.96 -18.15 10.61
C HIS A 3 12.19 -16.75 9.98
N MET A 4 11.14 -15.98 9.69
CA MET A 4 11.30 -14.62 9.13
C MET A 4 12.00 -13.65 10.09
N GLU A 5 12.81 -12.74 9.55
CA GLU A 5 13.68 -11.83 10.32
C GLU A 5 13.48 -10.36 9.93
N ILE A 6 12.78 -9.62 10.79
CA ILE A 6 12.66 -8.17 10.84
C ILE A 6 13.30 -7.70 12.13
N ASP A 7 14.36 -6.92 11.96
CA ASP A 7 15.14 -6.25 13.01
C ASP A 7 14.29 -5.26 13.83
N LYS A 8 14.69 -4.99 15.08
CA LYS A 8 14.06 -4.05 16.03
C LYS A 8 13.86 -2.61 15.49
N ASN A 9 14.44 -2.28 14.34
CA ASN A 9 14.33 -0.97 13.69
C ASN A 9 13.56 -0.98 12.35
N VAL A 10 13.57 -2.09 11.59
CA VAL A 10 13.05 -2.11 10.20
C VAL A 10 11.53 -2.03 10.14
N GLY A 11 10.82 -2.82 10.96
CA GLY A 11 9.38 -2.70 11.13
C GLY A 11 9.01 -1.34 11.73
N ALA A 12 9.73 -0.90 12.76
CA ALA A 12 9.50 0.39 13.41
C ALA A 12 9.52 1.56 12.40
N ASP A 13 10.49 1.60 11.49
CA ASP A 13 10.59 2.60 10.41
C ASP A 13 9.59 2.40 9.25
N LEU A 14 9.32 1.17 8.79
CA LEU A 14 8.35 0.90 7.72
C LEU A 14 6.91 1.24 8.19
N ILE A 15 6.52 0.77 9.39
CA ILE A 15 5.22 1.11 10.00
C ILE A 15 5.13 2.64 10.20
N SER A 16 6.22 3.30 10.62
CA SER A 16 6.30 4.77 10.74
C SER A 16 5.99 5.48 9.42
N ASN A 17 6.55 4.99 8.30
CA ASN A 17 6.26 5.56 6.98
C ASN A 17 4.79 5.38 6.58
N THR A 18 4.13 4.25 6.89
CA THR A 18 2.67 4.15 6.67
C THR A 18 1.89 5.19 7.46
N ARG A 19 2.13 5.36 8.77
CA ARG A 19 1.35 6.33 9.59
C ARG A 19 1.57 7.79 9.15
N ARG A 20 2.80 8.16 8.79
CA ARG A 20 3.20 9.47 8.22
C ARG A 20 2.48 9.80 6.90
N ILE A 21 2.36 8.84 5.98
CA ILE A 21 1.78 9.04 4.63
C ILE A 21 0.25 8.88 4.63
N LEU A 22 -0.31 8.02 5.50
CA LEU A 22 -1.76 7.84 5.70
C LEU A 22 -2.36 8.83 6.72
N ARG A 23 -1.49 9.60 7.40
CA ARG A 23 -1.78 10.57 8.48
C ARG A 23 -2.35 9.97 9.77
N LEU A 24 -2.39 8.65 9.94
CA LEU A 24 -3.05 7.98 11.08
C LEU A 24 -2.08 7.67 12.24
N ASP A 25 -2.57 7.09 13.32
CA ASP A 25 -1.76 6.61 14.46
C ASP A 25 -1.45 5.10 14.35
N GLU A 26 -0.36 4.59 14.93
CA GLU A 26 -0.12 3.12 14.91
C GLU A 26 -1.19 2.33 15.69
N ASN A 27 -1.88 2.96 16.65
CA ASN A 27 -3.07 2.45 17.33
C ASN A 27 -4.36 2.60 16.48
N GLU A 28 -4.27 3.14 15.26
CA GLU A 28 -5.37 3.17 14.28
C GLU A 28 -5.07 2.23 13.09
N LEU A 29 -3.81 1.84 12.90
CA LEU A 29 -3.34 0.98 11.84
C LEU A 29 -3.46 -0.45 12.35
N ARG A 30 -4.37 -1.25 11.78
CA ARG A 30 -4.43 -2.67 12.20
C ARG A 30 -3.39 -3.44 11.39
N ILE A 31 -2.22 -3.66 11.98
CA ILE A 31 -1.14 -4.50 11.48
C ILE A 31 -1.24 -5.93 12.02
N THR A 32 -0.78 -6.90 11.23
CA THR A 32 -0.98 -8.33 11.48
C THR A 32 0.23 -9.10 10.96
N ASP A 33 0.56 -10.24 11.58
CA ASP A 33 1.86 -10.89 11.48
C ASP A 33 1.76 -12.35 10.99
N THR A 34 2.78 -13.18 11.27
CA THR A 34 3.08 -14.45 10.57
C THR A 34 1.87 -15.34 10.24
N ALA A 35 0.91 -15.49 11.16
CA ALA A 35 -0.19 -16.45 11.00
C ALA A 35 -1.05 -16.26 9.73
N LEU A 36 -1.21 -15.03 9.22
CA LEU A 36 -1.93 -14.75 7.96
C LEU A 36 -1.06 -14.48 6.70
N ILE A 37 0.26 -14.32 6.84
CA ILE A 37 1.20 -14.03 5.73
C ILE A 37 2.16 -15.17 5.36
N CYS A 38 2.39 -16.16 6.24
CA CYS A 38 3.42 -17.21 6.15
C CYS A 38 3.33 -18.17 4.92
N LYS A 39 2.50 -17.84 3.93
CA LYS A 39 2.25 -18.61 2.69
C LYS A 39 3.43 -18.52 1.71
N ASN A 40 4.25 -17.50 1.89
CA ASN A 40 5.59 -17.34 1.34
C ASN A 40 6.56 -18.46 1.80
N PRO A 41 7.82 -18.44 1.33
CA PRO A 41 8.90 -19.20 1.93
C PRO A 41 9.22 -18.73 3.37
N ASN A 42 10.08 -17.73 3.56
CA ASN A 42 10.54 -17.26 4.87
C ASN A 42 10.44 -15.75 5.18
N TYR A 43 9.55 -14.95 4.56
CA TYR A 43 9.78 -13.52 4.37
C TYR A 43 8.48 -12.81 4.04
N SER A 44 8.34 -11.60 4.58
CA SER A 44 7.15 -10.74 4.51
C SER A 44 7.41 -9.47 5.34
N LEU A 45 6.38 -8.63 5.47
CA LEU A 45 6.25 -7.78 6.67
C LEU A 45 4.91 -8.02 7.37
N CYS A 46 3.80 -7.51 6.82
CA CYS A 46 2.56 -7.39 7.59
C CYS A 46 1.32 -7.16 6.71
N ASP A 47 0.21 -6.84 7.38
CA ASP A 47 -1.08 -6.54 6.75
C ASP A 47 -1.78 -5.48 7.60
N ALA A 48 -1.97 -4.30 7.02
CA ALA A 48 -2.11 -3.00 7.65
C ALA A 48 -3.49 -2.41 7.30
N MET A 49 -4.17 -1.67 8.19
CA MET A 49 -5.60 -1.37 7.99
C MET A 49 -5.84 0.13 7.97
N LEU A 50 -6.53 0.55 6.90
CA LEU A 50 -6.56 1.91 6.36
C LEU A 50 -7.93 2.35 5.77
N THR A 51 -8.01 3.68 5.65
CA THR A 51 -9.19 4.51 5.89
C THR A 51 -9.86 4.92 4.59
N THR A 52 -11.18 5.07 4.63
CA THR A 52 -11.96 5.73 3.58
C THR A 52 -11.65 7.22 3.45
N ASP A 53 -11.91 7.78 2.27
CA ASP A 53 -11.92 9.22 1.96
C ASP A 53 -10.54 9.93 1.98
N ILE A 54 -9.45 9.22 2.27
CA ILE A 54 -8.06 9.74 2.31
C ILE A 54 -7.27 9.29 1.08
N VAL A 55 -6.35 10.14 0.61
CA VAL A 55 -5.35 9.82 -0.43
C VAL A 55 -4.08 9.20 0.17
N TYR A 56 -3.53 8.13 -0.45
CA TYR A 56 -2.25 7.54 -0.09
C TYR A 56 -1.21 7.90 -1.19
N PRO A 57 -0.21 8.77 -0.89
CA PRO A 57 1.02 8.97 -1.67
C PRO A 57 1.90 7.72 -1.80
N VAL A 58 1.36 6.73 -2.53
CA VAL A 58 1.74 5.32 -2.43
C VAL A 58 3.16 5.00 -2.95
N GLU A 59 3.67 5.81 -3.90
CA GLU A 59 5.05 5.75 -4.44
C GLU A 59 6.13 5.64 -3.34
N TYR A 60 5.99 6.45 -2.28
CA TYR A 60 6.99 6.49 -1.21
C TYR A 60 6.99 5.21 -0.38
N LEU A 61 5.84 4.54 -0.23
CA LEU A 61 5.72 3.30 0.53
C LEU A 61 6.30 2.09 -0.22
N LEU A 62 6.00 1.94 -1.53
CA LEU A 62 6.66 0.94 -2.39
C LEU A 62 8.19 1.09 -2.29
N SER A 63 8.66 2.34 -2.45
CA SER A 63 10.07 2.68 -2.47
C SER A 63 10.78 2.44 -1.12
N TYR A 64 10.13 2.74 0.01
CA TYR A 64 10.73 2.56 1.34
C TYR A 64 10.80 1.08 1.76
N TRP A 65 9.82 0.25 1.37
CA TRP A 65 9.88 -1.20 1.57
C TRP A 65 11.04 -1.82 0.76
N GLU A 66 11.10 -1.54 -0.55
CA GLU A 66 11.99 -2.26 -1.47
C GLU A 66 13.47 -1.85 -1.33
N CYS A 67 13.73 -0.58 -0.99
CA CYS A 67 15.06 0.00 -0.85
C CYS A 67 15.76 -0.32 0.49
N ARG A 68 15.00 -0.72 1.53
CA ARG A 68 15.51 -0.78 2.92
C ARG A 68 16.24 -2.07 3.28
N SER A 69 15.93 -3.19 2.62
CA SER A 69 16.50 -4.50 3.00
C SER A 69 16.92 -5.36 1.81
N GLY A 70 16.68 -4.89 0.58
CA GLY A 70 16.91 -5.64 -0.66
C GLY A 70 15.96 -6.83 -0.78
N ARG A 71 14.72 -6.58 -1.21
CA ARG A 71 13.69 -7.54 -1.59
C ARG A 71 12.67 -6.75 -2.39
N THR A 72 12.17 -7.39 -3.43
CA THR A 72 11.04 -6.94 -4.24
C THR A 72 9.74 -6.92 -3.42
N ALA A 73 8.89 -5.91 -3.62
CA ALA A 73 7.65 -5.70 -2.87
C ALA A 73 6.37 -5.89 -3.71
N CYS A 74 5.55 -6.88 -3.33
CA CYS A 74 4.14 -6.97 -3.61
C CYS A 74 3.40 -5.99 -2.68
N PHE A 75 2.97 -4.82 -3.19
CA PHE A 75 2.03 -3.97 -2.44
C PHE A 75 0.62 -4.46 -2.74
N VAL A 76 0.12 -5.30 -1.84
CA VAL A 76 -1.12 -6.07 -1.98
C VAL A 76 -2.22 -5.36 -1.21
N PHE A 77 -3.43 -5.33 -1.74
CA PHE A 77 -4.58 -4.73 -1.09
C PHE A 77 -5.71 -5.75 -1.07
N LYS A 78 -6.21 -6.06 0.12
CA LYS A 78 -7.32 -6.98 0.36
C LYS A 78 -8.52 -6.19 0.90
N ASN A 79 -9.60 -6.20 0.13
CA ASN A 79 -10.80 -5.40 0.33
C ASN A 79 -11.92 -6.29 0.89
N THR A 80 -12.35 -5.99 2.12
CA THR A 80 -13.08 -6.83 3.06
C THR A 80 -14.05 -5.89 3.76
N GLY A 81 -15.06 -6.41 4.45
CA GLY A 81 -16.40 -5.82 4.76
C GLY A 81 -16.52 -4.33 4.46
N CYS A 82 -16.93 -3.48 5.42
CA CYS A 82 -16.43 -2.11 5.25
C CYS A 82 -15.11 -1.93 6.03
N ARG A 83 -14.02 -2.02 5.28
CA ARG A 83 -12.66 -1.50 5.49
C ARG A 83 -11.81 -1.68 4.20
N VAL A 84 -10.69 -0.99 4.02
CA VAL A 84 -9.58 -1.58 3.22
C VAL A 84 -8.41 -2.05 4.11
N SER A 85 -7.85 -3.22 3.79
CA SER A 85 -6.54 -3.66 4.27
C SER A 85 -5.51 -3.54 3.15
N LEU A 86 -4.31 -3.07 3.47
CA LEU A 86 -3.14 -3.09 2.60
C LEU A 86 -2.22 -4.16 3.20
N SER A 87 -2.12 -5.28 2.50
CA SER A 87 -1.18 -6.32 2.82
C SER A 87 0.16 -5.92 2.21
N CYS A 88 1.03 -5.26 2.97
CA CYS A 88 2.24 -4.66 2.39
C CYS A 88 3.43 -5.51 2.80
N TYR A 89 3.94 -6.30 1.85
CA TYR A 89 5.06 -7.19 2.17
C TYR A 89 6.13 -7.38 1.09
N ILE A 90 7.34 -7.63 1.61
CA ILE A 90 8.40 -8.35 0.90
C ILE A 90 8.07 -9.87 0.98
N GLY A 91 7.05 -10.26 0.23
CA GLY A 91 6.30 -11.53 0.43
C GLY A 91 5.23 -11.96 -0.57
N PHE A 92 4.65 -13.13 -0.29
CA PHE A 92 3.70 -13.84 -1.17
C PHE A 92 2.53 -14.53 -0.43
N PRO A 93 1.27 -14.42 -0.93
CA PRO A 93 0.09 -15.14 -0.44
C PRO A 93 -0.18 -16.45 -1.23
N GLU A 94 -1.37 -17.04 -1.07
CA GLU A 94 -1.89 -18.09 -1.97
C GLU A 94 -2.49 -17.57 -3.31
N ARG A 95 -3.19 -16.42 -3.30
CA ARG A 95 -4.04 -15.91 -4.40
C ARG A 95 -3.45 -14.89 -5.39
N LEU A 96 -2.20 -14.44 -5.30
CA LEU A 96 -1.59 -13.41 -6.18
C LEU A 96 -1.69 -13.73 -7.67
N LYS A 97 -1.75 -15.01 -8.03
CA LYS A 97 -2.05 -15.48 -9.40
C LYS A 97 -3.40 -14.98 -9.92
N ASP A 98 -4.39 -14.76 -9.06
CA ASP A 98 -5.75 -14.34 -9.42
C ASP A 98 -6.13 -12.91 -8.99
N LEU A 99 -5.61 -12.34 -7.89
CA LEU A 99 -5.96 -10.98 -7.52
C LEU A 99 -5.29 -9.92 -8.44
N LYS A 100 -5.77 -8.67 -8.38
CA LYS A 100 -5.62 -7.68 -9.49
C LYS A 100 -5.67 -6.16 -9.13
N ARG A 101 -4.52 -5.44 -9.16
CA ARG A 101 -4.41 -3.95 -9.07
C ARG A 101 -4.15 -3.32 -10.44
N VAL A 102 -4.09 -1.99 -10.44
CA VAL A 102 -4.63 -1.17 -11.55
C VAL A 102 -4.20 0.33 -11.60
N CYS A 103 -4.53 1.03 -12.70
CA CYS A 103 -4.98 2.43 -12.68
C CYS A 103 -6.39 2.54 -13.33
N ASP A 104 -7.36 3.11 -12.62
CA ASP A 104 -8.74 3.28 -13.03
C ASP A 104 -9.48 4.14 -11.99
N PHE A 105 -10.67 4.57 -12.38
CA PHE A 105 -11.80 4.85 -11.49
C PHE A 105 -12.88 3.75 -11.66
N ASN A 106 -13.31 3.11 -10.57
CA ASN A 106 -14.10 1.87 -10.64
C ASN A 106 -15.05 1.65 -9.44
N PHE A 107 -15.99 0.72 -9.58
CA PHE A 107 -16.91 0.26 -8.53
C PHE A 107 -16.45 -1.07 -7.92
N LEU A 108 -16.69 -1.25 -6.62
CA LEU A 108 -15.96 -2.19 -5.77
C LEU A 108 -16.92 -2.88 -4.77
N SER A 109 -16.68 -4.17 -4.50
CA SER A 109 -17.44 -5.02 -3.56
C SER A 109 -16.66 -5.44 -2.29
N VAL A 110 -17.28 -6.34 -1.52
CA VAL A 110 -16.71 -7.03 -0.33
C VAL A 110 -15.67 -8.12 -0.69
N ASN A 111 -15.50 -8.44 -1.97
CA ASN A 111 -14.78 -9.63 -2.42
C ASN A 111 -13.33 -9.38 -2.87
N GLU A 112 -12.84 -8.13 -2.91
CA GLU A 112 -11.84 -7.76 -3.94
C GLU A 112 -10.38 -7.83 -3.42
N ALA A 113 -9.39 -8.15 -4.27
CA ALA A 113 -8.01 -8.34 -3.89
C ALA A 113 -7.10 -7.81 -5.02
N LEU A 114 -5.94 -7.20 -4.71
CA LEU A 114 -5.11 -6.45 -5.65
C LEU A 114 -3.59 -6.58 -5.35
N VAL A 115 -2.67 -6.51 -6.32
CA VAL A 115 -1.23 -6.15 -6.13
C VAL A 115 -0.65 -5.22 -7.19
N VAL A 116 0.20 -4.30 -6.75
CA VAL A 116 1.03 -3.47 -7.65
C VAL A 116 2.50 -3.46 -7.18
N THR A 117 3.42 -3.32 -8.13
CA THR A 117 4.89 -3.33 -7.95
C THR A 117 5.51 -2.36 -8.97
N LEU A 118 6.70 -1.81 -8.69
CA LEU A 118 7.23 -0.64 -9.41
C LEU A 118 7.35 -0.78 -10.94
N ALA A 119 7.71 -1.96 -11.47
CA ALA A 119 7.76 -2.18 -12.92
C ALA A 119 6.35 -2.23 -13.57
N ASP A 120 5.36 -2.74 -12.85
CA ASP A 120 3.98 -2.89 -13.33
C ASP A 120 3.21 -1.57 -13.29
N ILE A 121 3.56 -0.68 -12.37
CA ILE A 121 3.08 0.71 -12.37
C ILE A 121 3.82 1.57 -13.40
N GLU A 122 5.11 1.32 -13.63
CA GLU A 122 5.87 1.93 -14.73
C GLU A 122 5.30 1.57 -16.11
N ARG A 123 4.63 0.41 -16.26
CA ARG A 123 3.93 -0.01 -17.48
C ARG A 123 2.56 0.67 -17.71
N ILE A 124 2.09 1.50 -16.77
CA ILE A 124 0.92 2.37 -16.98
C ILE A 124 1.32 3.62 -17.80
N LYS A 125 2.60 4.01 -17.74
CA LYS A 125 3.31 4.76 -18.81
C LYS A 125 3.98 3.75 -19.77
N PRO A 126 4.68 4.17 -20.84
CA PRO A 126 5.66 3.30 -21.51
C PRO A 126 6.90 3.06 -20.63
N CYS A 127 7.40 4.13 -20.00
CA CYS A 127 8.43 4.16 -18.97
C CYS A 127 8.28 5.48 -18.20
N ASP A 128 8.60 5.53 -16.89
CA ASP A 128 8.65 6.79 -16.15
C ASP A 128 9.51 6.66 -14.86
N LYS A 129 10.79 6.98 -14.98
CA LYS A 129 11.79 7.05 -13.89
C LYS A 129 11.50 8.24 -12.97
N GLY A 130 10.34 8.21 -12.31
CA GLY A 130 9.79 9.33 -11.53
C GLY A 130 8.29 9.24 -11.21
N VAL A 131 7.70 8.03 -11.10
CA VAL A 131 6.24 7.88 -10.91
C VAL A 131 5.77 8.53 -9.59
N LEU A 132 4.77 9.39 -9.69
CA LEU A 132 3.99 9.95 -8.60
C LEU A 132 2.55 9.40 -8.70
N THR A 133 2.33 8.25 -8.07
CA THR A 133 1.03 7.57 -7.99
C THR A 133 0.31 7.86 -6.67
N ASN A 134 -1.03 7.95 -6.71
CA ASN A 134 -1.86 8.31 -5.56
C ASN A 134 -3.10 7.42 -5.55
N CYS A 135 -3.44 6.85 -4.40
CA CYS A 135 -4.55 5.89 -4.24
C CYS A 135 -5.62 6.44 -3.30
N VAL A 136 -6.90 6.28 -3.66
CA VAL A 136 -8.08 6.80 -2.94
C VAL A 136 -9.16 5.71 -2.90
N VAL A 137 -9.84 5.53 -1.76
CA VAL A 137 -10.93 4.56 -1.59
C VAL A 137 -12.14 5.20 -0.93
N ARG A 138 -13.35 4.82 -1.35
CA ARG A 138 -14.60 5.07 -0.61
C ARG A 138 -15.14 3.73 -0.10
N LYS A 139 -15.15 3.57 1.23
CA LYS A 139 -16.04 2.64 1.93
C LYS A 139 -17.32 3.44 2.27
N SER A 140 -18.50 3.03 1.74
CA SER A 140 -19.73 3.84 1.81
C SER A 140 -20.99 2.97 1.90
N ASN A 141 -22.18 3.58 1.71
CA ASN A 141 -23.49 2.94 1.52
C ASN A 141 -23.79 1.88 2.60
N SER A 142 -24.07 2.29 3.85
CA SER A 142 -24.24 1.43 5.05
C SER A 142 -23.10 0.46 5.39
N GLY A 143 -22.01 0.50 4.63
CA GLY A 143 -20.94 -0.50 4.67
C GLY A 143 -21.25 -1.70 3.76
N MET A 144 -21.83 -1.46 2.58
CA MET A 144 -22.20 -2.49 1.59
C MET A 144 -21.81 -2.18 0.14
N SER A 145 -21.43 -0.94 -0.18
CA SER A 145 -21.05 -0.53 -1.54
C SER A 145 -20.02 0.61 -1.56
N TYR A 146 -19.09 0.52 -2.51
CA TYR A 146 -17.76 1.14 -2.42
C TYR A 146 -17.29 1.73 -3.75
N ASN A 147 -16.16 2.45 -3.77
CA ASN A 147 -15.60 3.04 -4.97
C ASN A 147 -14.09 3.14 -4.80
N ILE A 148 -13.37 3.09 -5.92
CA ILE A 148 -11.91 3.08 -5.89
C ILE A 148 -11.33 3.93 -7.02
N GLU A 149 -10.32 4.72 -6.70
CA GLU A 149 -9.60 5.58 -7.66
C GLU A 149 -8.09 5.49 -7.39
N VAL A 150 -7.29 5.16 -8.40
CA VAL A 150 -5.83 5.26 -8.28
C VAL A 150 -5.20 5.67 -9.60
N VAL A 151 -4.31 6.64 -9.50
CA VAL A 151 -3.76 7.42 -10.61
C VAL A 151 -2.25 7.18 -10.76
N ALA A 152 -1.73 7.25 -11.98
CA ALA A 152 -0.33 6.97 -12.30
C ALA A 152 0.24 8.01 -13.28
N PHE A 153 0.99 8.97 -12.74
CA PHE A 153 1.70 10.02 -13.48
C PHE A 153 3.20 9.92 -13.20
N GLY A 154 4.04 10.54 -14.04
CA GLY A 154 5.45 10.75 -13.72
C GLY A 154 5.66 11.94 -12.78
N PRO A 155 6.79 12.67 -12.90
CA PRO A 155 6.97 14.01 -12.30
C PRO A 155 5.88 15.02 -12.72
N ASP A 156 5.08 14.69 -13.73
CA ASP A 156 3.98 15.50 -14.28
C ASP A 156 2.91 15.85 -13.22
N ASN A 157 2.79 15.08 -12.13
CA ASN A 157 1.94 15.40 -10.98
C ASN A 157 2.67 16.29 -9.96
N GLU A 158 3.13 17.44 -10.44
CA GLU A 158 3.70 18.52 -9.61
C GLU A 158 2.69 18.99 -8.55
N ALA A 159 1.38 18.95 -8.82
CA ALA A 159 0.35 19.43 -7.89
C ALA A 159 0.31 18.63 -6.56
N GLU A 160 0.21 17.29 -6.61
CA GLU A 160 0.25 16.48 -5.39
C GLU A 160 1.68 16.31 -4.84
N TYR A 161 2.73 16.42 -5.66
CA TYR A 161 4.10 16.50 -5.13
C TYR A 161 4.30 17.76 -4.27
N GLN A 162 4.01 18.95 -4.79
CA GLN A 162 4.13 20.22 -4.06
C GLN A 162 3.17 20.29 -2.86
N ALA A 163 2.02 19.62 -2.92
CA ALA A 163 1.14 19.42 -1.77
C ALA A 163 1.80 18.58 -0.65
N LEU A 164 2.61 17.57 -1.00
CA LEU A 164 3.35 16.77 -0.04
C LEU A 164 4.48 17.53 0.64
N LEU A 165 5.34 18.24 -0.10
CA LEU A 165 6.26 19.21 0.47
C LEU A 165 5.59 20.18 1.45
N ARG A 166 4.37 20.63 1.14
CA ARG A 166 3.57 21.51 2.03
C ARG A 166 3.04 20.78 3.28
N ASP A 167 2.78 19.48 3.19
CA ASP A 167 2.37 18.63 4.30
C ASP A 167 3.54 18.23 5.22
N ILE A 168 4.75 18.08 4.68
CA ILE A 168 5.97 17.64 5.38
C ILE A 168 6.71 18.79 6.05
N TYR A 169 6.94 19.91 5.34
CA TYR A 169 7.39 21.17 5.96
C TYR A 169 6.29 21.79 6.85
N ALA A 170 5.13 21.13 6.98
CA ALA A 170 4.15 21.42 8.03
C ALA A 170 3.77 20.22 8.91
N ARG A 171 4.65 19.21 9.00
CA ARG A 171 4.61 18.02 9.88
C ARG A 171 3.40 17.09 9.70
N ALA A 1 9.04 -20.58 18.35
CA ALA A 1 9.33 -19.25 17.78
C ALA A 1 8.17 -18.73 16.93
N GLY A 2 8.22 -17.47 16.51
CA GLY A 2 7.14 -16.77 15.82
C GLY A 2 6.79 -17.26 14.41
N HIS A 3 5.54 -17.08 14.02
CA HIS A 3 5.04 -17.24 12.64
C HIS A 3 5.37 -16.02 11.75
N MET A 4 5.73 -14.89 12.38
CA MET A 4 6.52 -13.80 11.79
C MET A 4 7.85 -13.63 12.52
N GLU A 5 8.88 -13.13 11.82
CA GLU A 5 10.14 -12.67 12.45
C GLU A 5 10.53 -11.31 11.86
N ILE A 6 10.22 -10.22 12.58
CA ILE A 6 10.34 -8.87 12.10
C ILE A 6 11.76 -8.29 12.14
N ASP A 7 12.32 -8.21 10.93
CA ASP A 7 13.67 -7.64 10.73
C ASP A 7 13.73 -6.25 11.40
N LYS A 8 14.76 -6.04 12.25
CA LYS A 8 14.73 -4.97 13.26
C LYS A 8 14.63 -3.55 12.69
N ASN A 9 15.07 -3.30 11.45
CA ASN A 9 14.88 -2.02 10.78
C ASN A 9 13.62 -1.98 9.90
N VAL A 10 13.18 -3.12 9.35
CA VAL A 10 12.11 -3.16 8.35
C VAL A 10 10.75 -2.77 8.93
N GLY A 11 10.28 -3.42 10.01
CA GLY A 11 9.02 -3.10 10.66
C GLY A 11 9.00 -1.67 11.22
N ALA A 12 10.09 -1.25 11.86
CA ALA A 12 10.20 0.09 12.44
C ALA A 12 10.01 1.19 11.37
N ASP A 13 10.72 1.09 10.24
CA ASP A 13 10.63 2.06 9.16
C ASP A 13 9.36 1.91 8.30
N LEU A 14 8.80 0.71 8.12
CA LEU A 14 7.53 0.50 7.40
C LEU A 14 6.33 1.02 8.20
N ILE A 15 6.23 0.66 9.49
CA ILE A 15 5.10 1.05 10.33
C ILE A 15 5.16 2.57 10.62
N SER A 16 6.36 3.16 10.79
CA SER A 16 6.48 4.63 10.95
C SER A 16 6.17 5.37 9.64
N ASN A 17 6.67 4.91 8.50
CA ASN A 17 6.36 5.55 7.21
C ASN A 17 4.87 5.40 6.88
N THR A 18 4.22 4.25 7.15
CA THR A 18 2.78 4.10 6.89
C THR A 18 1.93 4.91 7.89
N ARG A 19 2.34 5.05 9.16
CA ARG A 19 1.72 6.00 10.13
C ARG A 19 1.65 7.42 9.57
N ARG A 20 2.74 7.88 8.94
CA ARG A 20 2.85 9.23 8.32
C ARG A 20 2.12 9.34 6.97
N ILE A 21 2.24 8.33 6.10
CA ILE A 21 1.64 8.30 4.75
C ILE A 21 0.11 8.09 4.81
N LEU A 22 -0.42 7.36 5.80
CA LEU A 22 -1.86 7.20 6.04
C LEU A 22 -2.45 8.27 6.97
N ARG A 23 -1.58 9.05 7.63
CA ARG A 23 -1.91 10.11 8.60
C ARG A 23 -2.70 9.62 9.82
N LEU A 24 -2.57 8.34 10.18
CA LEU A 24 -3.27 7.71 11.31
C LEU A 24 -2.28 7.20 12.37
N ASP A 25 -2.76 7.09 13.61
CA ASP A 25 -1.89 6.85 14.78
C ASP A 25 -1.46 5.38 14.95
N GLU A 26 -0.38 5.09 15.70
CA GLU A 26 0.25 3.76 15.67
C GLU A 26 -0.59 2.62 16.28
N ASN A 27 -1.58 2.93 17.11
CA ASN A 27 -2.62 2.01 17.59
C ASN A 27 -3.93 2.06 16.76
N GLU A 28 -4.01 2.98 15.80
CA GLU A 28 -5.17 3.26 14.93
C GLU A 28 -4.88 2.86 13.47
N LEU A 29 -3.68 2.30 13.27
CA LEU A 29 -3.28 1.38 12.22
C LEU A 29 -3.56 -0.01 12.78
N ARG A 30 -4.34 -0.86 12.10
CA ARG A 30 -4.34 -2.28 12.50
C ARG A 30 -3.20 -2.95 11.77
N ILE A 31 -2.24 -3.52 12.51
CA ILE A 31 -1.19 -4.38 11.96
C ILE A 31 -1.33 -5.83 12.42
N THR A 32 -1.04 -6.72 11.48
CA THR A 32 -1.48 -8.12 11.49
C THR A 32 -0.52 -8.92 10.61
N ASP A 33 -0.20 -10.14 11.04
CA ASP A 33 0.83 -10.96 10.41
C ASP A 33 0.74 -12.44 10.81
N THR A 34 -0.40 -13.07 10.50
CA THR A 34 -0.46 -14.51 10.22
C THR A 34 -0.34 -14.85 8.73
N ALA A 35 -1.24 -14.27 7.92
CA ALA A 35 -1.76 -14.95 6.72
C ALA A 35 -0.85 -14.79 5.51
N LEU A 36 -0.54 -13.53 5.18
CA LEU A 36 0.43 -13.12 4.17
C LEU A 36 1.88 -13.53 4.52
N ILE A 37 2.12 -14.02 5.73
CA ILE A 37 3.44 -14.47 6.22
C ILE A 37 3.65 -15.96 5.92
N CYS A 38 2.71 -16.56 5.18
CA CYS A 38 2.68 -18.00 4.91
C CYS A 38 3.81 -18.51 3.99
N LYS A 39 4.49 -17.63 3.23
CA LYS A 39 5.72 -17.99 2.50
C LYS A 39 6.83 -18.40 3.50
N ASN A 40 7.13 -17.56 4.48
CA ASN A 40 7.99 -17.87 5.64
C ASN A 40 7.88 -16.72 6.67
N PRO A 41 8.14 -16.94 7.98
CA PRO A 41 8.33 -15.85 8.95
C PRO A 41 9.32 -14.75 8.53
N ASN A 42 10.29 -15.13 7.69
CA ASN A 42 11.41 -14.35 7.15
C ASN A 42 11.27 -14.05 5.66
N TYR A 43 10.06 -14.16 5.09
CA TYR A 43 9.83 -13.78 3.69
C TYR A 43 8.35 -13.37 3.58
N SER A 44 8.11 -12.07 3.76
CA SER A 44 6.84 -11.33 3.78
C SER A 44 7.11 -9.93 4.38
N LEU A 45 6.08 -9.14 4.71
CA LEU A 45 6.22 -8.14 5.78
C LEU A 45 5.06 -8.14 6.82
N CYS A 46 3.90 -7.53 6.52
CA CYS A 46 2.81 -7.22 7.48
C CYS A 46 1.61 -6.60 6.72
N ASP A 47 0.54 -6.22 7.43
CA ASP A 47 -0.74 -5.82 6.81
C ASP A 47 -1.37 -4.69 7.61
N ALA A 48 -1.71 -3.57 6.96
CA ALA A 48 -2.31 -2.37 7.55
C ALA A 48 -3.84 -2.39 7.37
N MET A 49 -4.61 -1.72 8.24
CA MET A 49 -6.04 -1.47 8.01
C MET A 49 -6.29 0.03 8.09
N LEU A 50 -6.98 0.52 7.05
CA LEU A 50 -7.01 1.90 6.56
C LEU A 50 -8.37 2.36 5.96
N THR A 51 -8.49 3.69 5.86
CA THR A 51 -9.73 4.46 5.99
C THR A 51 -10.32 4.94 4.67
N THR A 52 -11.64 5.20 4.68
CA THR A 52 -12.38 5.80 3.56
C THR A 52 -12.07 7.30 3.35
N ASP A 53 -12.15 7.76 2.09
CA ASP A 53 -12.23 9.17 1.68
C ASP A 53 -10.96 10.03 1.91
N ILE A 54 -9.80 9.38 2.13
CA ILE A 54 -8.46 9.99 2.14
C ILE A 54 -7.72 9.62 0.84
N VAL A 55 -6.89 10.56 0.39
CA VAL A 55 -5.86 10.36 -0.66
C VAL A 55 -4.47 10.12 -0.03
N TYR A 56 -3.68 9.18 -0.58
CA TYR A 56 -2.44 8.69 0.01
C TYR A 56 -1.26 8.91 -0.95
N PRO A 57 -0.14 9.52 -0.50
CA PRO A 57 1.08 9.71 -1.28
C PRO A 57 1.86 8.39 -1.41
N VAL A 58 1.29 7.47 -2.19
CA VAL A 58 1.62 6.04 -2.17
C VAL A 58 3.04 5.71 -2.63
N GLU A 59 3.62 6.57 -3.48
CA GLU A 59 5.02 6.55 -3.91
C GLU A 59 6.00 6.39 -2.73
N TYR A 60 5.82 7.15 -1.64
CA TYR A 60 6.75 7.10 -0.52
C TYR A 60 6.79 5.70 0.12
N LEU A 61 5.64 5.04 0.24
CA LEU A 61 5.55 3.72 0.85
C LEU A 61 6.20 2.66 -0.03
N LEU A 62 5.80 2.57 -1.32
CA LEU A 62 6.38 1.64 -2.29
C LEU A 62 7.91 1.82 -2.41
N SER A 63 8.36 3.04 -2.66
CA SER A 63 9.75 3.30 -3.04
C SER A 63 10.74 3.24 -1.86
N TYR A 64 10.39 3.77 -0.68
CA TYR A 64 11.26 3.61 0.50
C TYR A 64 11.28 2.15 1.00
N TRP A 65 10.17 1.42 0.90
CA TRP A 65 10.16 -0.02 1.21
C TRP A 65 11.07 -0.82 0.26
N GLU A 66 10.95 -0.62 -1.06
CA GLU A 66 11.79 -1.29 -2.06
C GLU A 66 13.28 -1.05 -1.78
N CYS A 67 13.65 0.17 -1.41
CA CYS A 67 15.06 0.56 -1.21
C CYS A 67 15.73 -0.09 0.02
N ARG A 68 14.97 -0.62 1.00
CA ARG A 68 15.50 -1.20 2.26
C ARG A 68 16.39 -2.43 2.04
N SER A 69 16.08 -3.27 1.05
CA SER A 69 16.98 -4.34 0.56
C SER A 69 17.40 -4.12 -0.90
N GLY A 70 16.53 -3.44 -1.67
CA GLY A 70 16.57 -3.29 -3.12
C GLY A 70 16.02 -4.54 -3.79
N ARG A 71 14.69 -4.66 -3.80
CA ARG A 71 13.89 -5.81 -4.25
C ARG A 71 12.46 -5.34 -4.52
N THR A 72 12.03 -5.46 -5.77
CA THR A 72 10.70 -5.04 -6.22
C THR A 72 9.58 -5.82 -5.49
N ALA A 73 8.62 -5.07 -4.95
CA ALA A 73 7.66 -5.52 -3.93
C ALA A 73 6.18 -5.35 -4.34
N CYS A 74 5.27 -6.09 -3.66
CA CYS A 74 3.84 -6.10 -3.90
C CYS A 74 3.06 -5.28 -2.85
N PHE A 75 2.40 -4.21 -3.30
CA PHE A 75 1.39 -3.46 -2.54
C PHE A 75 0.02 -4.06 -2.87
N VAL A 76 -0.65 -4.67 -1.88
CA VAL A 76 -1.77 -5.59 -2.11
C VAL A 76 -2.98 -5.22 -1.26
N PHE A 77 -4.16 -4.98 -1.82
CA PHE A 77 -5.35 -4.74 -0.97
C PHE A 77 -6.13 -6.04 -0.81
N LYS A 78 -6.45 -6.42 0.43
CA LYS A 78 -7.49 -7.40 0.73
C LYS A 78 -8.74 -6.61 1.15
N ASN A 79 -9.66 -6.44 0.19
CA ASN A 79 -10.76 -5.46 0.24
C ASN A 79 -12.16 -6.10 0.48
N THR A 80 -12.75 -5.83 1.65
CA THR A 80 -13.69 -6.65 2.42
C THR A 80 -14.66 -5.66 3.08
N GLY A 81 -15.80 -6.08 3.61
CA GLY A 81 -17.02 -5.32 4.00
C GLY A 81 -16.87 -3.80 4.07
N CYS A 82 -17.15 -3.13 5.20
CA CYS A 82 -16.40 -1.88 5.34
C CYS A 82 -15.08 -2.13 6.11
N ARG A 83 -14.01 -2.13 5.31
CA ARG A 83 -12.56 -1.95 5.51
C ARG A 83 -11.95 -1.80 4.10
N VAL A 84 -10.82 -1.12 3.93
CA VAL A 84 -9.72 -1.75 3.18
C VAL A 84 -8.60 -2.17 4.15
N SER A 85 -8.07 -3.37 3.96
CA SER A 85 -6.76 -3.75 4.51
C SER A 85 -5.74 -3.80 3.37
N LEU A 86 -4.54 -3.34 3.65
CA LEU A 86 -3.40 -3.32 2.73
C LEU A 86 -2.38 -4.33 3.26
N SER A 87 -2.28 -5.46 2.56
CA SER A 87 -1.21 -6.42 2.74
C SER A 87 0.05 -5.90 2.04
N CYS A 88 1.18 -5.87 2.74
CA CYS A 88 2.48 -5.56 2.15
C CYS A 88 3.40 -6.75 2.35
N TYR A 89 3.84 -7.38 1.28
CA TYR A 89 4.84 -8.45 1.35
C TYR A 89 5.87 -8.41 0.23
N ILE A 90 7.12 -8.71 0.59
CA ILE A 90 8.07 -9.35 -0.32
C ILE A 90 7.79 -10.86 -0.26
N GLY A 91 7.06 -11.34 -1.27
CA GLY A 91 6.64 -12.75 -1.30
C GLY A 91 5.72 -13.19 -2.42
N PHE A 92 5.42 -14.50 -2.39
CA PHE A 92 4.31 -15.13 -3.13
C PHE A 92 3.38 -15.96 -2.21
N PRO A 93 2.79 -15.35 -1.15
CA PRO A 93 1.79 -16.02 -0.32
C PRO A 93 0.57 -16.45 -1.14
N GLU A 94 0.04 -17.62 -0.80
CA GLU A 94 -0.82 -18.45 -1.68
C GLU A 94 -2.07 -17.76 -2.27
N ARG A 95 -2.53 -16.62 -1.73
CA ARG A 95 -3.58 -15.76 -2.31
C ARG A 95 -3.23 -15.21 -3.70
N LEU A 96 -1.95 -15.15 -4.09
CA LEU A 96 -1.47 -14.87 -5.46
C LEU A 96 -2.09 -15.77 -6.53
N LYS A 97 -2.40 -17.05 -6.21
CA LYS A 97 -3.04 -18.01 -7.12
C LYS A 97 -4.57 -17.80 -7.23
N ASP A 98 -5.09 -16.75 -6.58
CA ASP A 98 -6.50 -16.36 -6.63
C ASP A 98 -6.74 -14.87 -6.96
N LEU A 99 -5.87 -13.96 -6.48
CA LEU A 99 -6.06 -12.52 -6.49
C LEU A 99 -5.68 -11.75 -7.79
N LYS A 100 -6.13 -10.49 -7.86
CA LYS A 100 -6.25 -9.66 -9.10
C LYS A 100 -5.17 -8.57 -9.28
N ARG A 101 -5.31 -7.69 -10.29
CA ARG A 101 -4.52 -6.46 -10.51
C ARG A 101 -5.35 -5.21 -10.21
N VAL A 102 -4.72 -4.07 -9.94
CA VAL A 102 -5.34 -2.74 -10.08
C VAL A 102 -4.58 -1.81 -11.01
N CYS A 103 -5.27 -1.26 -12.01
CA CYS A 103 -5.08 0.11 -12.47
C CYS A 103 -6.45 0.66 -12.81
N ASP A 104 -6.89 1.71 -12.14
CA ASP A 104 -8.30 2.12 -12.15
C ASP A 104 -8.46 3.48 -11.47
N PHE A 105 -9.32 4.29 -12.07
CA PHE A 105 -10.25 5.18 -11.36
C PHE A 105 -11.70 4.72 -11.64
N ASN A 106 -12.29 3.92 -10.76
CA ASN A 106 -13.66 3.40 -10.93
C ASN A 106 -14.31 2.90 -9.62
N PHE A 107 -15.57 2.46 -9.69
CA PHE A 107 -16.17 1.61 -8.65
C PHE A 107 -15.57 0.19 -8.64
N LEU A 108 -15.67 -0.51 -7.52
CA LEU A 108 -15.02 -1.79 -7.25
C LEU A 108 -15.94 -2.65 -6.37
N SER A 109 -15.97 -3.97 -6.58
CA SER A 109 -16.82 -4.92 -5.84
C SER A 109 -16.04 -5.73 -4.78
N VAL A 110 -16.73 -6.69 -4.15
CA VAL A 110 -16.29 -7.53 -3.01
C VAL A 110 -15.13 -8.51 -3.33
N ASN A 111 -14.59 -8.52 -4.54
CA ASN A 111 -13.47 -9.38 -4.99
C ASN A 111 -12.18 -9.42 -4.11
N GLU A 112 -12.05 -8.64 -3.03
CA GLU A 112 -11.21 -8.93 -1.86
C GLU A 112 -9.71 -9.26 -1.93
N ALA A 113 -9.01 -9.25 -3.06
CA ALA A 113 -7.58 -9.44 -3.12
C ALA A 113 -7.08 -8.94 -4.49
N LEU A 114 -6.12 -8.01 -4.50
CA LEU A 114 -5.60 -7.34 -5.70
C LEU A 114 -4.17 -6.79 -5.46
N VAL A 115 -3.31 -6.72 -6.49
CA VAL A 115 -1.91 -6.20 -6.46
C VAL A 115 -1.72 -4.93 -7.30
N VAL A 116 -0.85 -4.03 -6.83
CA VAL A 116 0.00 -3.18 -7.68
C VAL A 116 1.48 -3.33 -7.29
N THR A 117 2.38 -3.39 -8.27
CA THR A 117 3.85 -3.36 -8.07
C THR A 117 4.50 -2.12 -8.66
N LEU A 118 5.77 -1.84 -8.33
CA LEU A 118 6.53 -0.73 -8.95
C LEU A 118 6.64 -0.91 -10.48
N ALA A 119 6.78 -2.15 -10.95
CA ALA A 119 6.80 -2.48 -12.38
C ALA A 119 5.47 -2.14 -13.08
N ASP A 120 4.33 -2.32 -12.39
CA ASP A 120 3.02 -1.89 -12.87
C ASP A 120 2.94 -0.37 -12.99
N ILE A 121 3.38 0.39 -11.97
CA ILE A 121 3.42 1.85 -12.00
C ILE A 121 4.21 2.35 -13.23
N GLU A 122 5.41 1.81 -13.43
CA GLU A 122 6.26 2.12 -14.59
C GLU A 122 5.57 1.83 -15.94
N ARG A 123 4.75 0.77 -16.04
CA ARG A 123 3.99 0.43 -17.25
C ARG A 123 2.74 1.28 -17.42
N ILE A 124 2.10 1.71 -16.31
CA ILE A 124 0.86 2.49 -16.29
C ILE A 124 1.08 3.93 -16.77
N LYS A 125 2.23 4.56 -16.44
CA LYS A 125 2.68 5.80 -17.12
C LYS A 125 4.18 6.11 -17.00
N PRO A 126 4.79 6.18 -15.80
CA PRO A 126 6.07 6.87 -15.63
C PRO A 126 7.19 5.94 -15.12
N CYS A 127 8.15 5.63 -15.97
CA CYS A 127 9.53 5.46 -15.48
C CYS A 127 10.09 6.86 -15.16
N ASP A 128 10.62 7.06 -13.95
CA ASP A 128 11.28 8.30 -13.49
C ASP A 128 11.78 8.13 -12.03
N LYS A 129 13.01 8.57 -11.72
CA LYS A 129 13.45 8.88 -10.34
C LYS A 129 12.83 10.22 -9.85
N GLY A 130 11.49 10.26 -9.90
CA GLY A 130 10.63 11.43 -9.71
C GLY A 130 9.11 11.14 -9.77
N VAL A 131 8.70 9.88 -9.60
CA VAL A 131 7.29 9.42 -9.67
C VAL A 131 6.45 10.05 -8.56
N LEU A 132 5.25 10.51 -8.89
CA LEU A 132 4.16 10.75 -7.94
C LEU A 132 2.95 9.87 -8.32
N THR A 133 2.97 8.63 -7.83
CA THR A 133 1.81 7.72 -7.83
C THR A 133 0.90 8.15 -6.68
N ASN A 134 -0.41 8.05 -6.86
CA ASN A 134 -1.38 8.70 -5.97
C ASN A 134 -2.61 7.80 -5.85
N CYS A 135 -3.11 7.56 -4.62
CA CYS A 135 -4.11 6.51 -4.38
C CYS A 135 -5.23 6.97 -3.45
N VAL A 136 -6.46 6.57 -3.74
CA VAL A 136 -7.70 6.93 -3.05
C VAL A 136 -8.54 5.66 -2.86
N VAL A 137 -9.17 5.48 -1.70
CA VAL A 137 -10.22 4.48 -1.51
C VAL A 137 -11.44 5.12 -0.85
N ARG A 138 -12.65 4.73 -1.27
CA ARG A 138 -13.86 4.88 -0.46
C ARG A 138 -14.43 3.51 -0.10
N LYS A 139 -14.94 3.46 1.12
CA LYS A 139 -15.85 2.44 1.65
C LYS A 139 -17.21 3.11 1.87
N SER A 140 -18.28 2.40 1.50
CA SER A 140 -19.64 2.94 1.62
C SER A 140 -20.61 1.84 2.09
N ASN A 141 -21.41 2.16 3.11
CA ASN A 141 -22.57 1.39 3.59
C ASN A 141 -22.31 -0.13 3.74
N SER A 142 -21.42 -0.49 4.66
CA SER A 142 -21.01 -1.89 4.97
C SER A 142 -20.40 -2.68 3.81
N GLY A 143 -20.04 -2.01 2.71
CA GLY A 143 -19.37 -2.62 1.55
C GLY A 143 -20.29 -2.89 0.36
N MET A 144 -21.55 -2.45 0.40
CA MET A 144 -22.46 -2.50 -0.77
C MET A 144 -22.00 -1.62 -1.93
N SER A 145 -21.04 -0.73 -1.66
CA SER A 145 -20.15 -0.12 -2.64
C SER A 145 -18.74 -0.02 -2.09
N TYR A 146 -17.73 -0.27 -2.94
CA TYR A 146 -16.38 0.23 -2.75
C TYR A 146 -16.08 1.20 -3.92
N ASN A 147 -15.20 2.17 -3.71
CA ASN A 147 -14.71 3.00 -4.82
C ASN A 147 -13.20 3.15 -4.71
N ILE A 148 -12.52 3.22 -5.85
CA ILE A 148 -11.06 3.21 -5.87
C ILE A 148 -10.48 4.13 -6.93
N GLU A 149 -9.35 4.76 -6.61
CA GLU A 149 -8.46 5.34 -7.62
C GLU A 149 -7.02 4.96 -7.28
N VAL A 150 -6.26 4.46 -8.23
CA VAL A 150 -4.81 4.64 -8.24
C VAL A 150 -4.33 4.94 -9.66
N VAL A 151 -3.53 6.00 -9.69
CA VAL A 151 -3.14 6.79 -10.84
C VAL A 151 -1.64 7.10 -10.75
N ALA A 152 -0.93 7.11 -11.88
CA ALA A 152 0.54 7.26 -11.91
C ALA A 152 0.99 8.44 -12.76
N PHE A 153 1.91 9.25 -12.22
CA PHE A 153 2.49 10.45 -12.85
C PHE A 153 3.97 10.58 -12.47
N GLY A 154 4.77 11.37 -13.20
CA GLY A 154 5.93 12.05 -12.60
C GLY A 154 5.47 13.17 -11.64
N PRO A 155 6.18 14.31 -11.53
CA PRO A 155 5.72 15.47 -10.73
C PRO A 155 4.54 16.25 -11.35
N ASP A 156 3.83 15.68 -12.32
CA ASP A 156 2.92 16.41 -13.23
C ASP A 156 1.49 16.63 -12.71
N ASN A 157 1.06 15.88 -11.69
CA ASN A 157 -0.12 16.18 -10.85
C ASN A 157 0.22 17.29 -9.84
N GLU A 158 0.72 18.41 -10.37
CA GLU A 158 1.48 19.44 -9.67
C GLU A 158 0.68 20.15 -8.55
N ALA A 159 -0.65 20.12 -8.58
CA ALA A 159 -1.48 20.63 -7.48
C ALA A 159 -1.42 19.73 -6.24
N GLU A 160 -1.48 18.41 -6.40
CA GLU A 160 -1.33 17.44 -5.31
C GLU A 160 0.12 17.35 -4.84
N TYR A 161 1.10 17.55 -5.74
CA TYR A 161 2.50 17.65 -5.38
C TYR A 161 2.75 18.89 -4.50
N GLN A 162 2.27 20.07 -4.91
CA GLN A 162 2.30 21.29 -4.08
C GLN A 162 1.63 21.12 -2.70
N ALA A 163 0.54 20.35 -2.61
CA ALA A 163 -0.09 20.04 -1.34
C ALA A 163 0.81 19.20 -0.42
N LEU A 164 1.61 18.28 -0.98
CA LEU A 164 2.60 17.49 -0.25
C LEU A 164 3.81 18.32 0.18
N LEU A 165 4.42 19.10 -0.71
CA LEU A 165 5.55 19.98 -0.37
C LEU A 165 5.25 20.94 0.79
N ARG A 166 3.99 21.38 0.81
CA ARG A 166 3.40 22.23 1.84
C ARG A 166 3.19 21.52 3.16
N ASP A 167 2.73 20.26 3.14
CA ASP A 167 2.51 19.45 4.33
C ASP A 167 3.80 18.88 4.94
N ILE A 168 4.79 18.50 4.12
CA ILE A 168 6.06 17.98 4.62
C ILE A 168 6.94 19.10 5.19
N TYR A 169 6.97 20.30 4.59
CA TYR A 169 7.51 21.49 5.26
C TYR A 169 6.69 21.92 6.49
N ALA A 170 5.50 21.34 6.66
CA ALA A 170 4.61 21.59 7.82
C ALA A 170 4.48 20.40 8.79
N ARG A 171 5.51 19.55 8.87
CA ARG A 171 5.61 18.42 9.82
C ARG A 171 5.58 18.80 11.32
N ALA A 1 14.07 -16.70 13.30
CA ALA A 1 13.41 -17.20 14.53
C ALA A 1 12.57 -18.44 14.22
N GLY A 2 12.15 -19.19 15.24
CA GLY A 2 11.33 -20.41 15.10
C GLY A 2 9.88 -20.18 14.64
N HIS A 3 9.44 -18.92 14.62
CA HIS A 3 8.22 -18.39 14.02
C HIS A 3 8.54 -17.05 13.34
N MET A 4 7.56 -16.43 12.70
CA MET A 4 7.67 -15.08 12.14
C MET A 4 7.70 -13.98 13.23
N GLU A 5 8.77 -13.16 13.21
CA GLU A 5 8.99 -12.03 14.13
C GLU A 5 9.55 -10.80 13.39
N ILE A 6 9.03 -9.63 13.69
CA ILE A 6 9.11 -8.50 12.80
C ILE A 6 10.51 -7.86 12.70
N ASP A 7 11.12 -8.14 11.55
CA ASP A 7 12.50 -7.78 11.18
C ASP A 7 12.81 -6.32 11.60
N LYS A 8 13.85 -6.15 12.44
CA LYS A 8 13.81 -5.17 13.55
C LYS A 8 13.69 -3.70 13.17
N ASN A 9 14.22 -3.28 12.01
CA ASN A 9 14.02 -1.91 11.49
C ASN A 9 13.00 -1.84 10.33
N VAL A 10 12.65 -2.97 9.71
CA VAL A 10 11.79 -3.03 8.51
C VAL A 10 10.33 -2.67 8.83
N GLY A 11 9.68 -3.45 9.69
CA GLY A 11 8.37 -3.14 10.27
C GLY A 11 8.31 -1.71 10.81
N ALA A 12 9.24 -1.31 11.69
CA ALA A 12 9.26 0.03 12.28
C ALA A 12 9.24 1.17 11.23
N ASP A 13 10.06 1.08 10.18
CA ASP A 13 10.04 2.08 9.09
C ASP A 13 8.78 2.02 8.23
N LEU A 14 8.25 0.82 7.92
CA LEU A 14 7.04 0.66 7.12
C LEU A 14 5.78 1.10 7.87
N ILE A 15 5.65 0.75 9.15
CA ILE A 15 4.51 1.14 10.00
C ILE A 15 4.52 2.66 10.22
N SER A 16 5.69 3.26 10.48
CA SER A 16 5.75 4.73 10.66
C SER A 16 5.47 5.48 9.35
N ASN A 17 5.99 5.01 8.21
CA ASN A 17 5.69 5.63 6.92
C ASN A 17 4.22 5.40 6.50
N THR A 18 3.63 4.24 6.77
CA THR A 18 2.21 3.97 6.47
C THR A 18 1.29 4.84 7.32
N ARG A 19 1.51 4.92 8.65
CA ARG A 19 0.68 5.76 9.53
C ARG A 19 0.72 7.23 9.10
N ARG A 20 1.91 7.75 8.73
CA ARG A 20 2.12 9.10 8.20
C ARG A 20 1.38 9.33 6.89
N ILE A 21 1.61 8.52 5.85
CA ILE A 21 1.05 8.77 4.50
C ILE A 21 -0.46 8.50 4.43
N LEU A 22 -0.99 7.57 5.23
CA LEU A 22 -2.45 7.38 5.40
C LEU A 22 -3.08 8.39 6.36
N ARG A 23 -2.27 9.19 7.06
CA ARG A 23 -2.67 10.18 8.06
C ARG A 23 -3.57 9.57 9.14
N LEU A 24 -3.20 8.40 9.67
CA LEU A 24 -3.85 7.75 10.82
C LEU A 24 -2.83 7.35 11.90
N ASP A 25 -3.27 7.15 13.15
CA ASP A 25 -2.37 6.82 14.27
C ASP A 25 -1.81 5.38 14.24
N GLU A 26 -0.71 5.10 14.95
CA GLU A 26 -0.27 3.71 15.15
C GLU A 26 -1.34 2.86 15.88
N ASN A 27 -2.20 3.46 16.72
CA ASN A 27 -3.36 2.78 17.32
C ASN A 27 -4.61 2.78 16.40
N GLU A 28 -4.50 3.25 15.16
CA GLU A 28 -5.57 3.21 14.15
C GLU A 28 -5.17 2.32 12.95
N LEU A 29 -3.88 1.97 12.86
CA LEU A 29 -3.31 1.02 11.92
C LEU A 29 -3.34 -0.37 12.54
N ARG A 30 -4.14 -1.29 11.98
CA ARG A 30 -4.10 -2.69 12.48
C ARG A 30 -3.17 -3.59 11.68
N ILE A 31 -2.31 -4.31 12.39
CA ILE A 31 -1.26 -5.20 11.89
C ILE A 31 -1.68 -6.67 11.81
N THR A 32 -1.34 -7.41 10.74
CA THR A 32 -1.57 -8.87 10.69
C THR A 32 -0.48 -9.54 9.89
N ASP A 33 -0.12 -10.78 10.24
CA ASP A 33 0.80 -11.61 9.45
C ASP A 33 0.54 -13.14 9.58
N THR A 34 -0.68 -13.56 9.27
CA THR A 34 -1.02 -14.95 8.86
C THR A 34 -0.98 -15.18 7.34
N ALA A 35 -1.76 -14.39 6.60
CA ALA A 35 -2.32 -14.76 5.29
C ALA A 35 -1.40 -14.49 4.10
N LEU A 36 -0.91 -13.25 4.03
CA LEU A 36 0.09 -12.77 3.06
C LEU A 36 1.46 -13.46 3.25
N ILE A 37 1.76 -13.90 4.47
CA ILE A 37 3.03 -14.52 4.90
C ILE A 37 3.22 -15.94 4.32
N CYS A 38 2.14 -16.52 3.85
CA CYS A 38 2.00 -17.96 3.51
C CYS A 38 2.93 -18.54 2.42
N LYS A 39 3.84 -17.78 1.79
CA LYS A 39 4.89 -18.37 0.91
C LYS A 39 6.18 -18.72 1.67
N ASN A 40 6.51 -17.98 2.72
CA ASN A 40 7.52 -18.38 3.71
C ASN A 40 6.94 -18.09 5.11
N PRO A 41 6.14 -19.03 5.68
CA PRO A 41 5.46 -18.87 6.97
C PRO A 41 6.40 -18.88 8.20
N ASN A 42 7.68 -18.57 7.99
CA ASN A 42 8.69 -18.30 9.01
C ASN A 42 9.17 -16.83 8.95
N TYR A 43 8.60 -15.96 8.10
CA TYR A 43 9.03 -14.57 7.91
C TYR A 43 7.81 -13.67 8.01
N SER A 44 7.99 -12.36 8.19
CA SER A 44 6.88 -11.41 8.25
C SER A 44 7.30 -10.04 7.74
N LEU A 45 6.33 -9.30 7.19
CA LEU A 45 6.39 -7.86 7.32
C LEU A 45 5.07 -7.32 7.93
N CYS A 46 4.00 -7.10 7.18
CA CYS A 46 2.74 -6.61 7.77
C CYS A 46 1.54 -6.62 6.82
N ASP A 47 0.37 -6.51 7.43
CA ASP A 47 -0.85 -5.97 6.83
C ASP A 47 -1.21 -4.70 7.59
N ALA A 48 -1.89 -3.75 6.97
CA ALA A 48 -2.39 -2.49 7.48
C ALA A 48 -3.91 -2.44 7.30
N MET A 49 -4.69 -2.00 8.30
CA MET A 49 -6.12 -1.71 8.11
C MET A 49 -6.32 -0.21 8.25
N LEU A 50 -7.09 0.35 7.30
CA LEU A 50 -7.00 1.76 6.93
C LEU A 50 -8.30 2.48 6.46
N THR A 51 -8.44 3.64 7.10
CA THR A 51 -9.56 4.59 7.05
C THR A 51 -9.49 5.62 5.90
N THR A 52 -10.63 6.22 5.56
CA THR A 52 -10.92 6.88 4.25
C THR A 52 -10.71 8.41 4.24
N ASP A 53 -10.96 9.03 3.07
CA ASP A 53 -10.90 10.48 2.79
C ASP A 53 -9.51 11.13 2.94
N ILE A 54 -8.50 10.45 2.37
CA ILE A 54 -7.16 10.96 2.07
C ILE A 54 -6.71 10.42 0.70
N VAL A 55 -5.67 11.01 0.12
CA VAL A 55 -4.87 10.42 -0.97
C VAL A 55 -3.58 9.86 -0.37
N TYR A 56 -3.09 8.70 -0.83
CA TYR A 56 -1.75 8.24 -0.45
C TYR A 56 -0.89 8.20 -1.73
N PRO A 57 0.11 9.10 -1.87
CA PRO A 57 1.10 9.10 -2.96
C PRO A 57 2.03 7.88 -2.86
N VAL A 58 1.47 6.73 -3.23
CA VAL A 58 1.82 5.39 -2.75
C VAL A 58 3.21 4.92 -3.17
N GLU A 59 3.77 5.45 -4.27
CA GLU A 59 5.17 5.18 -4.65
C GLU A 59 6.16 5.54 -3.53
N TYR A 60 5.81 6.49 -2.65
CA TYR A 60 6.64 6.81 -1.50
C TYR A 60 6.89 5.60 -0.60
N LEU A 61 5.91 4.71 -0.39
CA LEU A 61 6.07 3.48 0.40
C LEU A 61 6.91 2.44 -0.37
N LEU A 62 6.63 2.27 -1.67
CA LEU A 62 7.38 1.36 -2.56
C LEU A 62 8.89 1.70 -2.53
N SER A 63 9.22 2.99 -2.69
CA SER A 63 10.57 3.53 -2.67
C SER A 63 11.19 3.54 -1.27
N TYR A 64 10.46 3.93 -0.22
CA TYR A 64 11.01 4.02 1.13
C TYR A 64 11.36 2.64 1.70
N TRP A 65 10.59 1.58 1.36
CA TRP A 65 11.02 0.20 1.58
C TRP A 65 12.22 -0.20 0.72
N GLU A 66 12.24 0.11 -0.58
CA GLU A 66 13.36 -0.24 -1.48
C GLU A 66 14.70 0.42 -1.04
N CYS A 67 14.62 1.60 -0.41
CA CYS A 67 15.75 2.31 0.20
C CYS A 67 16.20 1.73 1.55
N ARG A 68 15.51 0.75 2.14
CA ARG A 68 15.81 0.21 3.47
C ARG A 68 16.93 -0.83 3.46
N SER A 69 17.02 -1.65 2.42
CA SER A 69 18.18 -2.52 2.12
C SER A 69 18.32 -2.87 0.62
N GLY A 70 17.21 -2.82 -0.12
CA GLY A 70 17.11 -3.13 -1.55
C GLY A 70 16.78 -4.61 -1.79
N ARG A 71 15.49 -4.94 -1.67
CA ARG A 71 14.85 -6.20 -2.04
C ARG A 71 13.39 -5.81 -2.34
N THR A 72 12.94 -6.05 -3.57
CA THR A 72 11.60 -5.65 -4.03
C THR A 72 10.49 -6.35 -3.23
N ALA A 73 9.33 -5.68 -3.11
CA ALA A 73 8.11 -6.20 -2.46
C ALA A 73 6.82 -5.80 -3.20
N CYS A 74 5.80 -6.65 -3.13
CA CYS A 74 4.44 -6.38 -3.57
C CYS A 74 3.65 -5.59 -2.51
N PHE A 75 2.88 -4.59 -2.96
CA PHE A 75 1.93 -3.84 -2.15
C PHE A 75 0.53 -4.22 -2.62
N VAL A 76 -0.22 -4.85 -1.72
CA VAL A 76 -1.32 -5.75 -2.09
C VAL A 76 -2.57 -5.36 -1.29
N PHE A 77 -3.58 -4.83 -1.97
CA PHE A 77 -4.74 -4.25 -1.30
C PHE A 77 -5.84 -5.31 -1.23
N LYS A 78 -6.19 -5.71 -0.02
CA LYS A 78 -7.26 -6.68 0.27
C LYS A 78 -8.45 -5.94 0.88
N ASN A 79 -9.55 -5.78 0.13
CA ASN A 79 -10.79 -5.19 0.62
C ASN A 79 -11.66 -6.22 1.34
N THR A 80 -12.24 -5.80 2.47
CA THR A 80 -12.91 -6.59 3.50
C THR A 80 -14.06 -5.68 3.97
N GLY A 81 -15.02 -6.18 4.74
CA GLY A 81 -16.27 -5.56 5.28
C GLY A 81 -16.35 -4.03 5.22
N CYS A 82 -16.56 -3.32 6.35
CA CYS A 82 -15.99 -1.96 6.28
C CYS A 82 -14.63 -1.90 6.99
N ARG A 83 -13.61 -1.92 6.12
CA ARG A 83 -12.35 -1.16 6.03
C ARG A 83 -11.77 -1.46 4.63
N VAL A 84 -10.82 -0.70 4.10
CA VAL A 84 -9.81 -1.30 3.20
C VAL A 84 -8.66 -1.88 4.06
N SER A 85 -7.92 -2.84 3.51
CA SER A 85 -6.66 -3.31 4.07
C SER A 85 -5.56 -3.28 3.01
N LEU A 86 -4.32 -3.00 3.40
CA LEU A 86 -3.15 -3.15 2.55
C LEU A 86 -2.23 -4.20 3.17
N SER A 87 -2.14 -5.35 2.50
CA SER A 87 -1.16 -6.38 2.75
C SER A 87 0.20 -5.98 2.14
N CYS A 88 1.30 -6.09 2.89
CA CYS A 88 2.65 -5.82 2.38
C CYS A 88 3.58 -6.99 2.69
N TYR A 89 4.09 -7.66 1.66
CA TYR A 89 5.01 -8.79 1.87
C TYR A 89 6.21 -8.78 0.91
N ILE A 90 7.40 -9.02 1.47
CA ILE A 90 8.59 -9.45 0.72
C ILE A 90 8.35 -10.92 0.33
N GLY A 91 7.65 -11.14 -0.79
CA GLY A 91 7.28 -12.50 -1.19
C GLY A 91 6.37 -12.65 -2.40
N PHE A 92 6.02 -13.91 -2.67
CA PHE A 92 4.98 -14.31 -3.63
C PHE A 92 3.73 -14.90 -2.94
N PRO A 93 2.80 -14.09 -2.37
CA PRO A 93 1.61 -14.55 -1.64
C PRO A 93 0.70 -15.55 -2.37
N GLU A 94 -0.01 -16.35 -1.58
CA GLU A 94 -0.81 -17.48 -2.10
C GLU A 94 -2.09 -17.05 -2.84
N ARG A 95 -2.75 -15.95 -2.45
CA ARG A 95 -3.88 -15.41 -3.24
C ARG A 95 -3.45 -14.66 -4.51
N LEU A 96 -2.16 -14.38 -4.70
CA LEU A 96 -1.52 -13.91 -5.94
C LEU A 96 -1.48 -14.96 -7.08
N LYS A 97 -1.96 -16.18 -6.83
CA LYS A 97 -2.54 -17.01 -7.91
C LYS A 97 -3.59 -16.22 -8.70
N ASP A 98 -4.43 -15.43 -8.03
CA ASP A 98 -5.64 -14.84 -8.62
C ASP A 98 -5.69 -13.31 -8.64
N LEU A 99 -5.16 -12.59 -7.64
CA LEU A 99 -5.49 -11.19 -7.45
C LEU A 99 -4.65 -10.23 -8.34
N LYS A 100 -5.12 -8.99 -8.54
CA LYS A 100 -4.61 -8.07 -9.60
C LYS A 100 -4.99 -6.58 -9.47
N ARG A 101 -3.99 -5.67 -9.54
CA ARG A 101 -4.19 -4.20 -9.71
C ARG A 101 -3.77 -3.70 -11.10
N VAL A 102 -3.82 -2.37 -11.21
CA VAL A 102 -4.40 -1.56 -12.28
C VAL A 102 -4.21 -0.06 -11.95
N CYS A 103 -4.43 0.85 -12.92
CA CYS A 103 -4.87 2.22 -12.63
C CYS A 103 -6.24 2.46 -13.28
N ASP A 104 -7.25 2.83 -12.48
CA ASP A 104 -8.66 2.95 -12.83
C ASP A 104 -9.35 3.63 -11.62
N PHE A 105 -10.55 4.14 -11.85
CA PHE A 105 -11.45 4.73 -10.84
C PHE A 105 -12.92 4.33 -11.05
N ASN A 106 -13.50 3.60 -10.09
CA ASN A 106 -14.87 3.05 -10.15
C ASN A 106 -15.40 2.69 -8.74
N PHE A 107 -16.58 2.05 -8.68
CA PHE A 107 -17.03 1.30 -7.51
C PHE A 107 -16.18 0.03 -7.24
N LEU A 108 -16.28 -0.47 -6.01
CA LEU A 108 -15.51 -1.53 -5.40
C LEU A 108 -16.47 -2.48 -4.64
N SER A 109 -16.15 -3.78 -4.62
CA SER A 109 -16.91 -4.87 -3.97
C SER A 109 -16.15 -5.39 -2.74
N VAL A 110 -16.85 -5.99 -1.78
CA VAL A 110 -16.44 -6.12 -0.36
C VAL A 110 -15.33 -7.14 -0.10
N ASN A 111 -15.06 -8.05 -1.06
CA ASN A 111 -14.17 -9.19 -0.87
C ASN A 111 -13.13 -9.27 -2.02
N GLU A 112 -12.52 -8.12 -2.30
CA GLU A 112 -11.69 -7.87 -3.50
C GLU A 112 -10.18 -7.84 -3.18
N ALA A 113 -9.29 -8.21 -4.10
CA ALA A 113 -7.86 -8.36 -3.86
C ALA A 113 -7.07 -7.90 -5.08
N LEU A 114 -5.98 -7.14 -4.89
CA LEU A 114 -5.26 -6.48 -6.00
C LEU A 114 -3.77 -6.15 -5.66
N VAL A 115 -2.82 -6.34 -6.59
CA VAL A 115 -1.37 -6.03 -6.43
C VAL A 115 -0.97 -4.84 -7.26
N VAL A 116 -0.24 -3.89 -6.67
CA VAL A 116 0.59 -2.97 -7.44
C VAL A 116 2.01 -2.94 -6.86
N THR A 117 2.97 -3.24 -7.72
CA THR A 117 4.43 -3.16 -7.50
C THR A 117 5.03 -2.27 -8.60
N LEU A 118 6.21 -1.71 -8.39
CA LEU A 118 6.81 -0.74 -9.33
C LEU A 118 6.91 -1.31 -10.76
N ALA A 119 7.19 -2.61 -10.91
CA ALA A 119 7.22 -3.30 -12.21
C ALA A 119 5.83 -3.49 -12.85
N ASP A 120 4.77 -3.68 -12.06
CA ASP A 120 3.39 -3.74 -12.59
C ASP A 120 2.84 -2.35 -12.96
N ILE A 121 3.30 -1.27 -12.30
CA ILE A 121 3.11 0.11 -12.79
C ILE A 121 3.94 0.34 -14.06
N GLU A 122 5.17 -0.17 -14.14
CA GLU A 122 6.01 -0.12 -15.34
C GLU A 122 5.45 -0.95 -16.52
N ARG A 123 4.45 -1.81 -16.31
CA ARG A 123 3.64 -2.40 -17.39
C ARG A 123 2.57 -1.43 -17.91
N ILE A 124 1.83 -0.76 -17.02
CA ILE A 124 0.65 0.05 -17.38
C ILE A 124 0.93 1.54 -17.67
N LYS A 125 2.10 2.08 -17.35
CA LYS A 125 2.54 3.46 -17.67
C LYS A 125 3.85 3.49 -18.48
N PRO A 126 4.18 4.60 -19.17
CA PRO A 126 5.27 4.61 -20.15
C PRO A 126 6.68 4.44 -19.57
N CYS A 127 6.94 4.92 -18.36
CA CYS A 127 8.28 4.96 -17.76
C CYS A 127 8.26 4.93 -16.21
N ASP A 128 9.41 4.60 -15.64
CA ASP A 128 9.70 4.50 -14.19
C ASP A 128 10.44 5.77 -13.67
N LYS A 129 11.48 5.62 -12.83
CA LYS A 129 12.50 6.62 -12.43
C LYS A 129 12.05 8.06 -12.06
N GLY A 130 10.78 8.20 -11.69
CA GLY A 130 10.22 9.42 -11.09
C GLY A 130 8.74 9.35 -10.70
N VAL A 131 8.18 8.15 -10.52
CA VAL A 131 6.73 7.93 -10.37
C VAL A 131 6.19 8.57 -9.07
N LEU A 132 5.08 9.30 -9.18
CA LEU A 132 4.12 9.47 -8.10
C LEU A 132 2.73 9.03 -8.58
N THR A 133 2.29 7.90 -8.05
CA THR A 133 0.93 7.37 -8.17
C THR A 133 0.16 7.63 -6.88
N ASN A 134 -1.15 7.86 -6.96
CA ASN A 134 -2.00 8.24 -5.82
C ASN A 134 -3.15 7.23 -5.72
N CYS A 135 -3.43 6.75 -4.52
CA CYS A 135 -4.61 5.93 -4.23
C CYS A 135 -5.63 6.70 -3.38
N VAL A 136 -6.93 6.50 -3.64
CA VAL A 136 -8.05 7.16 -2.94
C VAL A 136 -9.17 6.13 -2.73
N VAL A 137 -9.71 5.99 -1.51
CA VAL A 137 -10.72 4.95 -1.18
C VAL A 137 -11.88 5.48 -0.29
N ARG A 138 -13.09 4.94 -0.46
CA ARG A 138 -14.28 5.19 0.38
C ARG A 138 -14.99 3.89 0.80
N LYS A 139 -15.54 3.90 2.02
CA LYS A 139 -16.29 2.82 2.68
C LYS A 139 -17.66 3.25 3.26
N SER A 140 -18.74 3.09 2.48
CA SER A 140 -20.10 3.26 3.00
C SER A 140 -20.63 2.00 3.69
N ASN A 141 -21.02 2.13 4.97
CA ASN A 141 -21.79 1.14 5.73
C ASN A 141 -23.30 1.47 5.70
N SER A 142 -23.66 2.75 5.84
CA SER A 142 -25.06 3.20 5.78
C SER A 142 -25.73 2.98 4.42
N GLY A 143 -24.95 2.78 3.34
CA GLY A 143 -25.40 2.33 2.02
C GLY A 143 -24.59 1.17 1.42
N MET A 144 -23.90 0.38 2.24
CA MET A 144 -23.17 -0.88 1.93
C MET A 144 -22.55 -0.99 0.52
N SER A 145 -21.65 -0.07 0.15
CA SER A 145 -21.03 -0.02 -1.18
C SER A 145 -19.79 0.87 -1.16
N TYR A 146 -18.79 0.53 -1.97
CA TYR A 146 -17.42 0.99 -1.74
C TYR A 146 -16.85 1.60 -3.02
N ASN A 147 -15.83 2.46 -2.95
CA ASN A 147 -15.37 3.22 -4.12
C ASN A 147 -13.85 3.35 -4.05
N ILE A 148 -13.23 3.32 -5.23
CA ILE A 148 -11.79 3.19 -5.34
C ILE A 148 -11.26 4.00 -6.53
N GLU A 149 -10.10 4.60 -6.37
CA GLU A 149 -9.36 5.32 -7.40
C GLU A 149 -7.87 5.00 -7.21
N VAL A 150 -7.15 4.73 -8.29
CA VAL A 150 -5.71 4.93 -8.34
C VAL A 150 -5.26 5.44 -9.70
N VAL A 151 -4.37 6.41 -9.63
CA VAL A 151 -3.87 7.21 -10.76
C VAL A 151 -2.34 7.22 -10.74
N ALA A 152 -1.66 7.32 -11.89
CA ALA A 152 -0.20 7.25 -11.95
C ALA A 152 0.44 8.26 -12.94
N PHE A 153 1.41 9.02 -12.42
CA PHE A 153 2.15 10.07 -13.12
C PHE A 153 3.66 9.94 -12.87
N GLY A 154 4.48 10.50 -13.75
CA GLY A 154 5.95 10.56 -13.60
C GLY A 154 6.44 11.84 -12.89
N PRO A 155 7.72 12.22 -13.05
CA PRO A 155 8.34 13.32 -12.30
C PRO A 155 7.82 14.73 -12.65
N ASP A 156 6.99 14.90 -13.67
CA ASP A 156 6.30 16.16 -13.97
C ASP A 156 5.10 16.49 -13.06
N ASN A 157 4.75 15.60 -12.12
CA ASN A 157 3.70 15.77 -11.10
C ASN A 157 4.18 16.68 -9.94
N GLU A 158 4.58 17.90 -10.32
CA GLU A 158 5.19 18.90 -9.43
C GLU A 158 4.29 19.30 -8.25
N ALA A 159 2.97 19.13 -8.34
CA ALA A 159 2.05 19.46 -7.25
C ALA A 159 2.21 18.47 -6.07
N GLU A 160 2.16 17.17 -6.33
CA GLU A 160 2.37 16.12 -5.32
C GLU A 160 3.82 16.04 -4.85
N TYR A 161 4.81 16.26 -5.73
CA TYR A 161 6.21 16.35 -5.31
C TYR A 161 6.39 17.48 -4.28
N GLN A 162 5.97 18.72 -4.59
CA GLN A 162 6.02 19.82 -3.63
C GLN A 162 5.27 19.50 -2.32
N ALA A 163 4.11 18.82 -2.39
CA ALA A 163 3.36 18.42 -1.20
C ALA A 163 4.14 17.47 -0.27
N LEU A 164 4.85 16.49 -0.83
CA LEU A 164 5.65 15.56 -0.06
C LEU A 164 6.85 16.23 0.60
N LEU A 165 7.59 17.05 -0.14
CA LEU A 165 8.71 17.81 0.41
C LEU A 165 8.25 18.74 1.55
N ARG A 166 7.03 19.25 1.43
CA ARG A 166 6.36 20.17 2.37
C ARG A 166 5.85 19.48 3.64
N ASP A 167 5.72 18.15 3.63
CA ASP A 167 5.45 17.37 4.84
C ASP A 167 6.68 16.64 5.43
N ILE A 168 7.66 16.22 4.63
CA ILE A 168 8.85 15.48 5.12
C ILE A 168 9.98 16.37 5.60
N TYR A 169 10.26 17.53 4.97
CA TYR A 169 11.03 18.61 5.60
C TYR A 169 10.20 19.38 6.63
N ALA A 170 9.03 18.85 6.99
CA ALA A 170 8.20 19.33 8.10
C ALA A 170 7.70 18.24 9.06
N ARG A 171 8.40 17.10 9.15
CA ARG A 171 8.20 16.06 10.18
C ARG A 171 8.81 16.43 11.52
N ALA A 1 19.01 -17.43 17.73
CA ALA A 1 18.92 -15.98 17.52
C ALA A 1 18.66 -15.69 16.04
N GLY A 2 17.88 -14.65 15.72
CA GLY A 2 17.58 -14.24 14.34
C GLY A 2 16.79 -15.28 13.54
N HIS A 3 15.92 -16.05 14.19
CA HIS A 3 15.28 -17.25 13.65
C HIS A 3 13.72 -17.25 13.78
N MET A 4 13.14 -16.32 14.54
CA MET A 4 11.72 -15.93 14.37
C MET A 4 11.50 -14.47 14.80
N GLU A 5 12.12 -13.52 14.06
CA GLU A 5 12.22 -12.11 14.46
C GLU A 5 12.03 -11.13 13.31
N ILE A 6 10.96 -10.32 13.34
CA ILE A 6 10.79 -9.21 12.42
C ILE A 6 11.68 -8.03 12.82
N ASP A 7 12.73 -7.89 12.01
CA ASP A 7 13.93 -7.10 12.32
C ASP A 7 13.59 -5.73 12.93
N LYS A 8 14.18 -5.42 14.10
CA LYS A 8 13.73 -4.37 15.02
C LYS A 8 13.62 -2.96 14.41
N ASN A 9 14.30 -2.70 13.29
CA ASN A 9 14.23 -1.42 12.58
C ASN A 9 13.23 -1.47 11.39
N VAL A 10 13.05 -2.63 10.74
CA VAL A 10 12.33 -2.74 9.46
C VAL A 10 10.83 -2.47 9.62
N GLY A 11 10.13 -3.25 10.45
CA GLY A 11 8.73 -2.96 10.80
C GLY A 11 8.58 -1.60 11.46
N ALA A 12 9.48 -1.23 12.37
CA ALA A 12 9.43 0.08 13.06
C ALA A 12 9.43 1.26 12.07
N ASP A 13 10.38 1.31 11.12
CA ASP A 13 10.46 2.36 10.09
C ASP A 13 9.25 2.34 9.14
N LEU A 14 8.81 1.16 8.69
CA LEU A 14 7.72 1.01 7.72
C LEU A 14 6.36 1.37 8.33
N ILE A 15 6.04 0.87 9.53
CA ILE A 15 4.80 1.19 10.25
C ILE A 15 4.77 2.70 10.57
N SER A 16 5.90 3.30 10.99
CA SER A 16 6.00 4.75 11.21
C SER A 16 5.69 5.56 9.94
N ASN A 17 6.13 5.09 8.77
CA ASN A 17 5.94 5.82 7.52
C ASN A 17 4.50 5.73 6.99
N THR A 18 3.76 4.63 7.21
CA THR A 18 2.32 4.60 6.89
C THR A 18 1.51 5.43 7.90
N ARG A 19 1.81 5.31 9.22
CA ARG A 19 1.23 6.14 10.30
C ARG A 19 1.32 7.64 9.99
N ARG A 20 2.48 8.08 9.46
CA ARG A 20 2.74 9.46 9.02
C ARG A 20 2.04 9.81 7.70
N ILE A 21 2.30 9.11 6.58
CA ILE A 21 1.85 9.57 5.24
C ILE A 21 0.32 9.42 5.05
N LEU A 22 -0.32 8.42 5.66
CA LEU A 22 -1.78 8.28 5.63
C LEU A 22 -2.48 9.12 6.71
N ARG A 23 -1.72 9.64 7.69
CA ARG A 23 -2.21 10.37 8.87
C ARG A 23 -3.26 9.57 9.66
N LEU A 24 -2.86 8.40 10.15
CA LEU A 24 -3.62 7.63 11.14
C LEU A 24 -2.69 7.21 12.28
N ASP A 25 -3.24 7.10 13.47
CA ASP A 25 -2.47 6.68 14.66
C ASP A 25 -2.09 5.19 14.56
N GLU A 26 -1.08 4.74 15.30
CA GLU A 26 -0.71 3.32 15.34
C GLU A 26 -1.82 2.46 15.99
N ASN A 27 -2.62 3.05 16.88
CA ASN A 27 -3.88 2.49 17.38
C ASN A 27 -5.00 2.43 16.32
N GLU A 28 -4.82 3.02 15.13
CA GLU A 28 -5.82 3.11 14.06
C GLU A 28 -5.28 2.56 12.73
N LEU A 29 -4.05 2.04 12.77
CA LEU A 29 -3.51 1.07 11.86
C LEU A 29 -3.76 -0.28 12.51
N ARG A 30 -4.36 -1.23 11.79
CA ARG A 30 -4.37 -2.63 12.28
C ARG A 30 -3.37 -3.48 11.53
N ILE A 31 -2.59 -4.23 12.31
CA ILE A 31 -1.56 -5.18 11.90
C ILE A 31 -2.14 -6.60 11.82
N THR A 32 -1.71 -7.41 10.85
CA THR A 32 -2.01 -8.85 10.82
C THR A 32 -0.89 -9.62 10.13
N ASP A 33 -0.74 -10.90 10.49
CA ASP A 33 0.32 -11.77 10.00
C ASP A 33 -0.04 -13.26 10.05
N THR A 34 -1.12 -13.64 9.37
CA THR A 34 -1.47 -15.05 9.13
C THR A 34 -0.79 -15.59 7.87
N ALA A 35 -1.11 -14.94 6.77
CA ALA A 35 -0.98 -15.48 5.40
C ALA A 35 0.40 -15.23 4.80
N LEU A 36 0.92 -14.04 5.10
CA LEU A 36 2.14 -13.46 4.55
C LEU A 36 3.37 -13.60 5.45
N ILE A 37 3.20 -14.20 6.64
CA ILE A 37 4.27 -14.70 7.53
C ILE A 37 4.47 -16.22 7.33
N CYS A 38 3.77 -16.79 6.35
CA CYS A 38 3.79 -18.22 6.02
C CYS A 38 5.19 -18.78 5.65
N LYS A 39 6.10 -17.96 5.07
CA LYS A 39 7.53 -18.34 4.89
C LYS A 39 8.37 -18.12 6.17
N ASN A 40 7.73 -18.18 7.34
CA ASN A 40 8.20 -17.81 8.68
C ASN A 40 8.32 -16.27 8.86
N PRO A 41 8.45 -15.75 10.11
CA PRO A 41 8.68 -14.32 10.37
C PRO A 41 9.99 -13.76 9.78
N ASN A 42 10.79 -14.62 9.16
CA ASN A 42 12.08 -14.34 8.53
C ASN A 42 11.95 -14.16 7.00
N TYR A 43 10.72 -14.16 6.44
CA TYR A 43 10.47 -13.82 5.04
C TYR A 43 9.00 -13.38 4.95
N SER A 44 8.80 -12.07 5.03
CA SER A 44 7.51 -11.48 5.41
C SER A 44 7.54 -9.95 5.31
N LEU A 45 6.38 -9.28 5.40
CA LEU A 45 6.34 -8.14 6.31
C LEU A 45 5.14 -8.09 7.28
N CYS A 46 3.97 -7.62 6.84
CA CYS A 46 2.78 -7.42 7.69
C CYS A 46 1.53 -7.09 6.85
N ASP A 47 0.42 -6.83 7.53
CA ASP A 47 -0.81 -6.26 6.96
C ASP A 47 -1.02 -4.91 7.64
N ALA A 48 -1.58 -3.93 6.92
CA ALA A 48 -1.83 -2.55 7.34
C ALA A 48 -3.28 -2.22 6.96
N MET A 49 -4.07 -1.68 7.88
CA MET A 49 -5.52 -1.50 7.70
C MET A 49 -5.91 -0.04 7.89
N LEU A 50 -6.74 0.44 6.95
CA LEU A 50 -6.78 1.81 6.44
C LEU A 50 -8.20 2.40 6.43
N THR A 51 -8.29 3.70 6.75
CA THR A 51 -9.50 4.54 6.82
C THR A 51 -9.54 5.58 5.69
N THR A 52 -10.72 6.15 5.42
CA THR A 52 -10.96 6.86 4.14
C THR A 52 -11.51 8.30 4.27
N ASP A 53 -10.65 9.27 3.96
CA ASP A 53 -11.00 10.68 3.70
C ASP A 53 -9.95 11.49 2.88
N ILE A 54 -8.85 10.83 2.45
CA ILE A 54 -7.59 11.44 1.99
C ILE A 54 -6.94 10.68 0.82
N VAL A 55 -5.86 11.25 0.26
CA VAL A 55 -5.05 10.70 -0.84
C VAL A 55 -3.79 9.97 -0.33
N TYR A 56 -3.39 8.85 -0.95
CA TYR A 56 -2.18 8.11 -0.61
C TYR A 56 -1.16 8.31 -1.74
N PRO A 57 -0.08 9.11 -1.57
CA PRO A 57 0.96 9.35 -2.59
C PRO A 57 1.87 8.10 -2.72
N VAL A 58 1.29 7.07 -3.31
CA VAL A 58 1.58 5.66 -3.03
C VAL A 58 2.97 5.20 -3.48
N GLU A 59 3.55 5.80 -4.54
CA GLU A 59 4.92 5.50 -4.99
C GLU A 59 5.97 5.69 -3.89
N TYR A 60 5.80 6.68 -3.01
CA TYR A 60 6.74 6.91 -1.90
C TYR A 60 6.70 5.77 -0.88
N LEU A 61 5.54 5.13 -0.66
CA LEU A 61 5.41 4.00 0.26
C LEU A 61 6.01 2.72 -0.36
N LEU A 62 5.73 2.42 -1.63
CA LEU A 62 6.40 1.31 -2.34
C LEU A 62 7.93 1.47 -2.30
N SER A 63 8.43 2.69 -2.54
CA SER A 63 9.86 3.01 -2.51
C SER A 63 10.47 2.83 -1.12
N TYR A 64 9.80 3.31 -0.08
CA TYR A 64 10.27 3.22 1.30
C TYR A 64 10.38 1.77 1.80
N TRP A 65 9.51 0.88 1.32
CA TRP A 65 9.58 -0.56 1.54
C TRP A 65 10.77 -1.19 0.80
N GLU A 66 11.02 -0.86 -0.48
CA GLU A 66 12.23 -1.32 -1.20
C GLU A 66 13.53 -0.88 -0.51
N CYS A 67 13.54 0.35 0.04
CA CYS A 67 14.73 1.05 0.55
C CYS A 67 15.46 0.38 1.74
N ARG A 68 14.98 -0.77 2.24
CA ARG A 68 15.68 -1.58 3.26
C ARG A 68 16.93 -2.29 2.73
N SER A 69 17.05 -2.44 1.40
CA SER A 69 18.29 -2.85 0.68
C SER A 69 18.25 -2.57 -0.84
N GLY A 70 17.05 -2.33 -1.38
CA GLY A 70 16.72 -2.32 -2.81
C GLY A 70 16.38 -3.75 -3.26
N ARG A 71 15.12 -4.16 -3.05
CA ARG A 71 14.61 -5.50 -3.17
C ARG A 71 13.08 -5.39 -3.28
N THR A 72 12.51 -5.77 -4.42
CA THR A 72 11.11 -5.45 -4.77
C THR A 72 10.07 -6.24 -3.96
N ALA A 73 9.15 -5.49 -3.35
CA ALA A 73 7.95 -6.00 -2.65
C ALA A 73 6.67 -5.68 -3.45
N CYS A 74 5.69 -6.60 -3.43
CA CYS A 74 4.40 -6.42 -4.07
C CYS A 74 3.36 -5.97 -3.01
N PHE A 75 2.65 -4.87 -3.28
CA PHE A 75 1.70 -4.22 -2.40
C PHE A 75 0.29 -4.75 -2.71
N VAL A 76 -0.23 -5.63 -1.84
CA VAL A 76 -1.47 -6.38 -2.05
C VAL A 76 -2.59 -5.69 -1.30
N PHE A 77 -3.61 -5.23 -2.02
CA PHE A 77 -4.79 -4.61 -1.46
C PHE A 77 -5.85 -5.71 -1.32
N LYS A 78 -6.14 -6.10 -0.08
CA LYS A 78 -7.21 -7.01 0.33
C LYS A 78 -8.27 -6.22 1.10
N ASN A 79 -9.41 -5.88 0.48
CA ASN A 79 -10.52 -5.20 1.16
C ASN A 79 -11.61 -6.19 1.58
N THR A 80 -12.08 -6.00 2.81
CA THR A 80 -12.82 -6.89 3.69
C THR A 80 -13.62 -5.96 4.61
N GLY A 81 -14.64 -6.39 5.34
CA GLY A 81 -15.82 -5.64 5.85
C GLY A 81 -15.74 -4.12 5.66
N CYS A 82 -15.86 -3.29 6.71
CA CYS A 82 -15.13 -2.03 6.53
C CYS A 82 -13.74 -2.08 7.16
N ARG A 83 -12.75 -2.17 6.27
CA ARG A 83 -11.49 -1.43 6.14
C ARG A 83 -10.89 -1.78 4.76
N VAL A 84 -10.32 -0.84 4.00
CA VAL A 84 -9.26 -1.29 3.06
C VAL A 84 -8.09 -1.87 3.88
N SER A 85 -7.57 -3.04 3.51
CA SER A 85 -6.25 -3.50 3.98
C SER A 85 -5.24 -3.40 2.83
N LEU A 86 -4.03 -2.98 3.16
CA LEU A 86 -2.85 -3.13 2.32
C LEU A 86 -1.96 -4.16 3.03
N SER A 87 -1.95 -5.35 2.45
CA SER A 87 -1.12 -6.46 2.84
C SER A 87 0.23 -6.36 2.13
N CYS A 88 1.34 -6.24 2.87
CA CYS A 88 2.64 -5.97 2.27
C CYS A 88 3.46 -7.26 2.23
N TYR A 89 3.67 -7.81 1.02
CA TYR A 89 4.34 -9.10 0.85
C TYR A 89 5.82 -8.91 0.47
N ILE A 90 6.74 -9.23 1.38
CA ILE A 90 7.84 -10.14 0.98
C ILE A 90 7.26 -11.56 1.09
N GLY A 91 6.84 -12.09 -0.05
CA GLY A 91 6.28 -13.45 -0.11
C GLY A 91 5.76 -13.97 -1.45
N PHE A 92 5.28 -15.22 -1.40
CA PHE A 92 4.38 -15.81 -2.40
C PHE A 92 3.05 -16.45 -1.88
N PRO A 93 2.27 -15.81 -0.97
CA PRO A 93 1.01 -16.35 -0.45
C PRO A 93 -0.05 -16.80 -1.47
N GLU A 94 -0.88 -17.70 -0.98
CA GLU A 94 -1.77 -18.60 -1.73
C GLU A 94 -2.66 -17.94 -2.82
N ARG A 95 -3.12 -16.69 -2.62
CA ARG A 95 -4.00 -15.97 -3.56
C ARG A 95 -3.29 -15.07 -4.59
N LEU A 96 -2.01 -14.71 -4.39
CA LEU A 96 -1.16 -13.84 -5.22
C LEU A 96 -1.08 -14.28 -6.70
N LYS A 97 -1.10 -15.59 -6.98
CA LYS A 97 -1.20 -16.10 -8.36
C LYS A 97 -2.45 -15.59 -9.07
N ASP A 98 -3.63 -15.56 -8.42
CA ASP A 98 -4.89 -15.19 -9.08
C ASP A 98 -5.30 -13.73 -8.87
N LEU A 99 -5.05 -13.09 -7.71
CA LEU A 99 -5.39 -11.70 -7.51
C LEU A 99 -4.51 -10.75 -8.37
N LYS A 100 -4.99 -9.53 -8.64
CA LYS A 100 -4.45 -8.65 -9.70
C LYS A 100 -4.84 -7.16 -9.64
N ARG A 101 -3.87 -6.24 -9.82
CA ARG A 101 -4.06 -4.76 -9.82
C ARG A 101 -3.67 -4.06 -11.12
N VAL A 102 -3.81 -2.74 -11.06
CA VAL A 102 -4.31 -1.85 -12.12
C VAL A 102 -3.96 -0.36 -11.86
N CYS A 103 -4.26 0.55 -12.79
CA CYS A 103 -4.70 1.93 -12.48
C CYS A 103 -5.98 2.30 -13.24
N ASP A 104 -6.96 2.93 -12.57
CA ASP A 104 -8.32 3.16 -12.99
C ASP A 104 -9.04 3.90 -11.82
N PHE A 105 -10.21 4.44 -12.10
CA PHE A 105 -11.22 4.87 -11.11
C PHE A 105 -12.63 4.31 -11.37
N ASN A 106 -13.18 3.56 -10.40
CA ASN A 106 -14.50 2.89 -10.48
C ASN A 106 -15.03 2.54 -9.06
N PHE A 107 -16.17 1.86 -8.94
CA PHE A 107 -16.61 1.20 -7.70
C PHE A 107 -15.92 -0.17 -7.51
N LEU A 108 -15.98 -0.76 -6.31
CA LEU A 108 -15.22 -1.94 -5.94
C LEU A 108 -16.03 -2.86 -4.99
N SER A 109 -15.93 -4.20 -5.14
CA SER A 109 -16.57 -5.22 -4.29
C SER A 109 -15.88 -5.48 -2.94
N VAL A 110 -16.66 -5.91 -1.94
CA VAL A 110 -16.36 -5.88 -0.49
C VAL A 110 -15.38 -6.93 0.01
N ASN A 111 -15.00 -7.90 -0.83
CA ASN A 111 -14.22 -9.08 -0.46
C ASN A 111 -13.13 -9.44 -1.49
N GLU A 112 -12.47 -8.41 -2.04
CA GLU A 112 -11.64 -8.47 -3.24
C GLU A 112 -10.12 -8.39 -2.96
N ALA A 113 -9.25 -8.73 -3.94
CA ALA A 113 -7.84 -8.92 -3.77
C ALA A 113 -7.10 -8.48 -5.05
N LEU A 114 -6.03 -7.70 -4.91
CA LEU A 114 -5.27 -7.10 -6.02
C LEU A 114 -3.81 -6.80 -5.61
N VAL A 115 -2.79 -6.93 -6.48
CA VAL A 115 -1.38 -6.54 -6.17
C VAL A 115 -0.74 -5.66 -7.23
N VAL A 116 0.06 -4.68 -6.80
CA VAL A 116 0.83 -3.78 -7.66
C VAL A 116 2.28 -3.62 -7.14
N THR A 117 3.24 -3.39 -8.04
CA THR A 117 4.62 -2.97 -7.68
C THR A 117 5.22 -2.05 -8.74
N LEU A 118 6.41 -1.46 -8.48
CA LEU A 118 7.02 -0.41 -9.31
C LEU A 118 7.22 -0.81 -10.78
N ALA A 119 7.51 -2.08 -11.07
CA ALA A 119 7.66 -2.58 -12.44
C ALA A 119 6.32 -2.66 -13.18
N ASP A 120 5.29 -3.13 -12.49
CA ASP A 120 3.95 -3.27 -13.04
C ASP A 120 3.21 -1.92 -13.15
N ILE A 121 3.56 -0.94 -12.31
CA ILE A 121 3.09 0.46 -12.43
C ILE A 121 3.81 1.19 -13.57
N GLU A 122 5.13 0.95 -13.75
CA GLU A 122 5.89 1.39 -14.91
C GLU A 122 5.26 0.88 -16.21
N ARG A 123 4.75 -0.36 -16.23
CA ARG A 123 4.22 -1.02 -17.44
C ARG A 123 2.96 -0.35 -17.97
N ILE A 124 2.24 0.42 -17.15
CA ILE A 124 0.97 1.05 -17.54
C ILE A 124 1.21 2.17 -18.56
N LYS A 125 2.27 2.98 -18.37
CA LYS A 125 2.71 4.04 -19.30
C LYS A 125 4.11 4.58 -18.96
N PRO A 126 4.44 4.94 -17.69
CA PRO A 126 5.68 5.65 -17.37
C PRO A 126 6.91 4.70 -17.25
N CYS A 127 7.71 4.86 -16.19
CA CYS A 127 9.06 4.31 -16.04
C CYS A 127 9.54 4.40 -14.58
N ASP A 128 10.13 3.35 -14.02
CA ASP A 128 10.28 3.17 -12.55
C ASP A 128 11.27 4.09 -11.81
N LYS A 129 11.89 5.03 -12.51
CA LYS A 129 12.83 6.05 -11.98
C LYS A 129 12.21 7.45 -11.85
N GLY A 130 10.89 7.58 -12.01
CA GLY A 130 10.21 8.88 -12.08
C GLY A 130 8.68 8.85 -11.97
N VAL A 131 8.09 7.88 -11.28
CA VAL A 131 6.63 7.76 -11.09
C VAL A 131 6.14 8.62 -9.92
N LEU A 132 5.03 9.33 -10.12
CA LEU A 132 4.10 9.74 -9.07
C LEU A 132 2.72 9.11 -9.34
N THR A 133 2.38 8.09 -8.56
CA THR A 133 1.01 7.54 -8.48
C THR A 133 0.35 7.99 -7.18
N ASN A 134 -0.96 8.25 -7.24
CA ASN A 134 -1.74 8.71 -6.10
C ASN A 134 -3.07 7.96 -6.06
N CYS A 135 -3.51 7.52 -4.87
CA CYS A 135 -4.64 6.60 -4.71
C CYS A 135 -5.67 7.16 -3.70
N VAL A 136 -6.96 7.12 -4.05
CA VAL A 136 -8.05 7.65 -3.21
C VAL A 136 -9.17 6.62 -3.11
N VAL A 137 -9.35 6.06 -1.92
CA VAL A 137 -10.37 5.05 -1.59
C VAL A 137 -11.50 5.68 -0.77
N ARG A 138 -12.71 5.13 -0.89
CA ARG A 138 -13.79 5.25 0.11
C ARG A 138 -14.28 3.87 0.54
N LYS A 139 -14.48 3.71 1.85
CA LYS A 139 -15.64 3.07 2.43
C LYS A 139 -16.87 3.98 2.43
N SER A 140 -18.03 3.38 2.22
CA SER A 140 -19.36 4.01 2.23
C SER A 140 -20.40 2.99 2.77
N ASN A 141 -20.46 2.75 4.09
CA ASN A 141 -21.29 1.66 4.66
C ASN A 141 -22.80 1.87 4.47
N SER A 142 -23.34 3.06 4.77
CA SER A 142 -24.76 3.39 4.50
C SER A 142 -25.10 3.24 3.01
N GLY A 143 -24.17 3.66 2.15
CA GLY A 143 -24.22 3.52 0.68
C GLY A 143 -23.88 2.12 0.14
N MET A 144 -23.57 1.15 1.01
CA MET A 144 -23.18 -0.24 0.72
C MET A 144 -22.16 -0.40 -0.43
N SER A 145 -21.03 0.30 -0.40
CA SER A 145 -19.95 0.15 -1.39
C SER A 145 -18.52 0.40 -0.85
N TYR A 146 -17.53 -0.06 -1.62
CA TYR A 146 -16.23 0.59 -1.72
C TYR A 146 -16.15 1.43 -3.00
N ASN A 147 -15.35 2.49 -3.00
CA ASN A 147 -15.14 3.32 -4.19
C ASN A 147 -13.64 3.57 -4.30
N ILE A 148 -13.10 3.57 -5.51
CA ILE A 148 -11.66 3.42 -5.69
C ILE A 148 -11.16 4.32 -6.82
N GLU A 149 -10.03 4.97 -6.59
CA GLU A 149 -9.26 5.71 -7.58
C GLU A 149 -7.78 5.37 -7.41
N VAL A 150 -7.07 5.19 -8.52
CA VAL A 150 -5.65 5.52 -8.58
C VAL A 150 -5.34 6.15 -9.93
N VAL A 151 -4.58 7.23 -9.83
CA VAL A 151 -4.16 8.14 -10.90
C VAL A 151 -2.64 8.08 -11.04
N ALA A 152 -2.14 8.17 -12.27
CA ALA A 152 -0.76 7.81 -12.60
C ALA A 152 -0.06 8.87 -13.46
N PHE A 153 1.13 9.27 -13.03
CA PHE A 153 2.01 10.21 -13.70
C PHE A 153 3.46 9.70 -13.73
N GLY A 154 4.22 10.19 -14.70
CA GLY A 154 5.68 10.14 -14.69
C GLY A 154 6.42 10.92 -15.81
N PRO A 155 5.93 12.08 -16.32
CA PRO A 155 6.76 13.05 -17.05
C PRO A 155 7.08 14.31 -16.23
N ASP A 156 6.09 14.97 -15.60
CA ASP A 156 6.28 16.19 -14.81
C ASP A 156 5.90 16.08 -13.31
N ASN A 157 4.97 15.18 -12.95
CA ASN A 157 4.51 14.86 -11.58
C ASN A 157 4.01 16.02 -10.68
N GLU A 158 3.98 17.27 -11.16
CA GLU A 158 4.04 18.47 -10.33
C GLU A 158 2.87 18.62 -9.34
N ALA A 159 1.63 18.39 -9.81
CA ALA A 159 0.43 18.72 -9.04
C ALA A 159 0.27 17.83 -7.78
N GLU A 160 0.31 16.51 -7.95
CA GLU A 160 0.26 15.55 -6.84
C GLU A 160 1.53 15.58 -5.99
N TYR A 161 2.70 15.88 -6.58
CA TYR A 161 3.96 16.09 -5.84
C TYR A 161 3.82 17.27 -4.86
N GLN A 162 3.44 18.45 -5.34
CA GLN A 162 3.22 19.61 -4.46
C GLN A 162 2.06 19.40 -3.49
N ALA A 163 0.99 18.69 -3.85
CA ALA A 163 -0.11 18.36 -2.93
C ALA A 163 0.36 17.47 -1.76
N LEU A 164 1.33 16.58 -1.99
CA LEU A 164 1.97 15.76 -0.98
C LEU A 164 2.80 16.67 -0.05
N LEU A 165 3.66 17.52 -0.63
CA LEU A 165 4.56 18.42 0.13
C LEU A 165 3.77 19.38 1.01
N ARG A 166 2.64 19.84 0.48
CA ARG A 166 1.66 20.75 1.09
C ARG A 166 0.89 20.10 2.24
N ASP A 167 0.63 18.79 2.16
CA ASP A 167 -0.09 18.02 3.20
C ASP A 167 0.85 17.50 4.30
N ILE A 168 2.06 17.05 3.97
CA ILE A 168 3.01 16.49 4.95
C ILE A 168 3.69 17.59 5.77
N TYR A 169 3.95 18.77 5.16
CA TYR A 169 4.32 19.98 5.89
C TYR A 169 3.18 20.44 6.81
N ALA A 170 1.96 19.98 6.53
CA ALA A 170 0.72 20.39 7.24
C ALA A 170 0.01 19.24 7.99
N ARG A 171 0.77 18.21 8.38
CA ARG A 171 0.43 17.10 9.29
C ARG A 171 -0.62 17.44 10.36
N ALA A 1 7.46 -13.99 18.70
CA ALA A 1 7.86 -14.71 17.47
C ALA A 1 8.27 -16.15 17.80
N GLY A 2 8.47 -16.99 16.78
CA GLY A 2 8.88 -18.40 16.94
C GLY A 2 9.40 -19.12 15.68
N HIS A 3 9.30 -18.50 14.50
CA HIS A 3 9.71 -19.06 13.20
C HIS A 3 10.51 -18.06 12.32
N MET A 4 10.52 -16.77 12.66
CA MET A 4 11.32 -15.72 12.02
C MET A 4 11.73 -14.61 13.01
N GLU A 5 12.67 -13.74 12.62
CA GLU A 5 12.96 -12.48 13.33
C GLU A 5 12.96 -11.30 12.34
N ILE A 6 11.98 -10.41 12.45
CA ILE A 6 11.82 -9.28 11.54
C ILE A 6 12.85 -8.18 11.85
N ASP A 7 13.84 -8.20 10.97
CA ASP A 7 15.09 -7.45 11.10
C ASP A 7 14.83 -6.00 11.53
N LYS A 8 15.51 -5.57 12.59
CA LYS A 8 14.94 -4.73 13.65
C LYS A 8 14.46 -3.31 13.27
N ASN A 9 14.69 -2.82 12.05
CA ASN A 9 14.15 -1.54 11.54
C ASN A 9 13.07 -1.71 10.44
N VAL A 10 12.78 -2.93 9.97
CA VAL A 10 11.91 -3.21 8.82
C VAL A 10 10.45 -2.89 9.14
N GLY A 11 9.88 -3.49 10.19
CA GLY A 11 8.54 -3.17 10.68
C GLY A 11 8.45 -1.70 11.11
N ALA A 12 9.46 -1.19 11.81
CA ALA A 12 9.50 0.22 12.22
C ALA A 12 9.35 1.18 11.03
N ASP A 13 10.17 1.05 9.98
CA ASP A 13 10.07 1.92 8.80
C ASP A 13 8.78 1.70 7.98
N LEU A 14 8.28 0.47 7.83
CA LEU A 14 7.05 0.20 7.08
C LEU A 14 5.80 0.75 7.79
N ILE A 15 5.69 0.51 9.10
CA ILE A 15 4.54 0.97 9.90
C ILE A 15 4.61 2.50 10.07
N SER A 16 5.79 3.05 10.35
CA SER A 16 5.96 4.50 10.55
C SER A 16 5.77 5.30 9.26
N ASN A 17 6.21 4.77 8.12
CA ASN A 17 5.96 5.43 6.83
C ASN A 17 4.52 5.23 6.36
N THR A 18 3.82 4.11 6.69
CA THR A 18 2.37 3.99 6.45
C THR A 18 1.61 5.03 7.28
N ARG A 19 1.94 5.16 8.57
CA ARG A 19 1.42 6.19 9.50
C ARG A 19 1.57 7.62 8.94
N ARG A 20 2.65 7.89 8.20
CA ARG A 20 2.90 9.20 7.56
C ARG A 20 2.19 9.38 6.22
N ILE A 21 2.28 8.40 5.31
CA ILE A 21 1.74 8.49 3.94
C ILE A 21 0.20 8.38 3.92
N LEU A 22 -0.41 7.68 4.88
CA LEU A 22 -1.86 7.63 5.11
C LEU A 22 -2.36 8.71 6.11
N ARG A 23 -1.43 9.42 6.78
CA ARG A 23 -1.68 10.45 7.81
C ARG A 23 -2.49 9.99 9.03
N LEU A 24 -2.58 8.68 9.23
CA LEU A 24 -3.24 8.03 10.38
C LEU A 24 -2.24 7.72 11.51
N ASP A 25 -2.69 7.53 12.75
CA ASP A 25 -1.79 7.16 13.87
C ASP A 25 -1.51 5.63 13.91
N GLU A 26 -0.47 5.16 14.62
CA GLU A 26 -0.17 3.72 14.76
C GLU A 26 -1.30 2.98 15.50
N ASN A 27 -1.91 3.67 16.48
CA ASN A 27 -3.17 3.33 17.15
C ASN A 27 -4.37 3.27 16.19
N GLU A 28 -4.29 3.83 14.97
CA GLU A 28 -5.39 3.82 13.98
C GLU A 28 -5.11 2.82 12.83
N LEU A 29 -3.89 2.28 12.78
CA LEU A 29 -3.44 1.27 11.84
C LEU A 29 -3.68 -0.11 12.45
N ARG A 30 -4.22 -1.06 11.67
CA ARG A 30 -4.28 -2.47 12.15
C ARG A 30 -3.26 -3.36 11.45
N ILE A 31 -2.49 -4.09 12.24
CA ILE A 31 -1.43 -5.03 11.82
C ILE A 31 -1.91 -6.49 11.80
N THR A 32 -1.48 -7.32 10.83
CA THR A 32 -1.69 -8.77 10.88
C THR A 32 -0.33 -9.46 10.72
N ASP A 33 -0.19 -10.59 11.40
CA ASP A 33 1.06 -11.28 11.72
C ASP A 33 1.02 -12.74 11.18
N THR A 34 1.79 -13.62 11.82
CA THR A 34 2.15 -14.99 11.40
C THR A 34 1.06 -15.79 10.66
N ALA A 35 -0.22 -15.65 11.00
CA ALA A 35 -1.32 -16.28 10.28
C ALA A 35 -1.38 -15.98 8.76
N LEU A 36 -1.16 -14.74 8.29
CA LEU A 36 -1.12 -14.46 6.84
C LEU A 36 0.28 -14.66 6.25
N ILE A 37 1.32 -14.59 7.09
CA ILE A 37 2.71 -14.90 6.70
C ILE A 37 2.79 -16.34 6.20
N CYS A 38 2.06 -17.22 6.86
CA CYS A 38 1.97 -18.68 6.63
C CYS A 38 1.60 -19.16 5.20
N LYS A 39 1.48 -18.30 4.18
CA LYS A 39 1.29 -18.73 2.78
C LYS A 39 2.46 -18.29 1.87
N ASN A 40 3.55 -17.86 2.52
CA ASN A 40 4.94 -18.04 2.09
C ASN A 40 5.64 -19.08 3.01
N PRO A 41 6.86 -19.55 2.69
CA PRO A 41 7.51 -20.59 3.48
C PRO A 41 7.90 -20.16 4.90
N ASN A 42 8.61 -19.03 5.09
CA ASN A 42 9.08 -18.57 6.41
C ASN A 42 8.69 -17.15 6.87
N TYR A 43 8.59 -16.18 5.95
CA TYR A 43 9.12 -14.83 6.18
C TYR A 43 8.48 -13.85 5.21
N SER A 44 7.48 -13.15 5.72
CA SER A 44 6.76 -12.05 5.09
C SER A 44 6.50 -10.98 6.15
N LEU A 45 6.12 -9.77 5.75
CA LEU A 45 6.19 -8.63 6.65
C LEU A 45 4.94 -8.46 7.52
N CYS A 46 3.81 -7.94 7.00
CA CYS A 46 2.61 -7.59 7.80
C CYS A 46 1.37 -7.39 6.91
N ASP A 47 0.26 -6.99 7.54
CA ASP A 47 -0.87 -6.30 6.90
C ASP A 47 -1.01 -4.93 7.60
N ALA A 48 -1.64 -3.95 6.93
CA ALA A 48 -1.85 -2.57 7.35
C ALA A 48 -3.30 -2.18 6.97
N MET A 49 -4.09 -1.59 7.87
CA MET A 49 -5.53 -1.40 7.64
C MET A 49 -5.89 0.08 7.72
N LEU A 50 -6.70 0.54 6.75
CA LEU A 50 -6.74 1.89 6.15
C LEU A 50 -8.17 2.47 6.05
N THR A 51 -8.31 3.80 6.20
CA THR A 51 -9.59 4.51 6.32
C THR A 51 -10.10 5.13 5.00
N THR A 52 -11.40 5.41 4.91
CA THR A 52 -12.09 6.06 3.79
C THR A 52 -11.74 7.57 3.68
N ASP A 53 -12.15 8.24 2.61
CA ASP A 53 -12.08 9.71 2.45
C ASP A 53 -10.66 10.30 2.61
N ILE A 54 -9.66 9.57 2.12
CA ILE A 54 -8.23 9.90 2.21
C ILE A 54 -7.56 9.76 0.83
N VAL A 55 -6.74 10.73 0.42
CA VAL A 55 -5.71 10.56 -0.63
C VAL A 55 -4.38 10.13 0.01
N TYR A 56 -3.64 9.20 -0.59
CA TYR A 56 -2.28 8.88 -0.19
C TYR A 56 -1.33 8.76 -1.41
N PRO A 57 -0.10 9.32 -1.35
CA PRO A 57 0.92 9.23 -2.41
C PRO A 57 1.57 7.84 -2.45
N VAL A 58 0.80 6.84 -2.87
CA VAL A 58 0.96 5.44 -2.46
C VAL A 58 2.30 4.80 -2.87
N GLU A 59 2.77 5.03 -4.09
CA GLU A 59 4.03 4.44 -4.57
C GLU A 59 5.28 5.09 -3.94
N TYR A 60 5.14 6.19 -3.18
CA TYR A 60 6.23 6.68 -2.32
C TYR A 60 6.52 5.69 -1.18
N LEU A 61 5.50 4.99 -0.66
CA LEU A 61 5.68 3.93 0.33
C LEU A 61 6.35 2.68 -0.29
N LEU A 62 6.02 2.34 -1.54
CA LEU A 62 6.72 1.26 -2.26
C LEU A 62 8.22 1.56 -2.42
N SER A 63 8.59 2.76 -2.89
CA SER A 63 10.00 3.15 -3.01
C SER A 63 10.67 3.31 -1.64
N TYR A 64 9.94 3.73 -0.60
CA TYR A 64 10.49 3.84 0.74
C TYR A 64 10.91 2.48 1.32
N TRP A 65 10.15 1.40 1.08
CA TRP A 65 10.61 0.04 1.41
C TRP A 65 11.81 -0.40 0.55
N GLU A 66 11.70 -0.27 -0.77
CA GLU A 66 12.73 -0.76 -1.71
C GLU A 66 14.10 -0.12 -1.43
N CYS A 67 14.14 1.18 -1.13
CA CYS A 67 15.37 1.90 -0.76
C CYS A 67 15.85 1.67 0.70
N ARG A 68 15.11 0.90 1.51
CA ARG A 68 15.44 0.58 2.91
C ARG A 68 16.23 -0.72 3.09
N SER A 69 15.98 -1.75 2.27
CA SER A 69 16.67 -3.06 2.39
C SER A 69 17.11 -3.66 1.05
N GLY A 70 16.69 -3.04 -0.07
CA GLY A 70 17.01 -3.45 -1.44
C GLY A 70 16.45 -4.83 -1.78
N ARG A 71 15.14 -4.95 -2.00
CA ARG A 71 14.49 -6.05 -2.70
C ARG A 71 13.04 -5.68 -3.03
N THR A 72 12.66 -6.01 -4.25
CA THR A 72 11.31 -5.79 -4.77
C THR A 72 10.26 -6.64 -4.02
N ALA A 73 9.06 -6.06 -3.82
CA ALA A 73 7.97 -6.67 -3.05
C ALA A 73 6.57 -6.51 -3.69
N CYS A 74 5.68 -7.47 -3.43
CA CYS A 74 4.26 -7.42 -3.70
C CYS A 74 3.57 -6.52 -2.64
N PHE A 75 3.20 -5.29 -3.02
CA PHE A 75 2.31 -4.48 -2.21
C PHE A 75 0.88 -4.81 -2.61
N VAL A 76 0.26 -5.65 -1.79
CA VAL A 76 -1.03 -6.29 -2.00
C VAL A 76 -2.09 -5.49 -1.25
N PHE A 77 -3.30 -5.44 -1.76
CA PHE A 77 -4.41 -4.72 -1.17
C PHE A 77 -5.62 -5.66 -1.13
N LYS A 78 -6.15 -5.92 0.06
CA LYS A 78 -7.27 -6.83 0.33
C LYS A 78 -8.40 -6.05 1.00
N ASN A 79 -9.58 -6.04 0.39
CA ASN A 79 -10.80 -5.40 0.87
C ASN A 79 -11.66 -6.45 1.60
N THR A 80 -12.04 -6.17 2.85
CA THR A 80 -12.75 -7.09 3.74
C THR A 80 -13.72 -6.25 4.57
N GLY A 81 -14.77 -6.92 5.02
CA GLY A 81 -15.98 -6.43 5.71
C GLY A 81 -15.67 -5.84 7.09
N CYS A 82 -15.22 -4.60 6.99
CA CYS A 82 -14.10 -4.06 7.71
C CYS A 82 -13.85 -2.70 7.02
N ARG A 83 -12.59 -2.52 6.63
CA ARG A 83 -11.95 -1.36 6.00
C ARG A 83 -11.17 -1.82 4.76
N VAL A 84 -10.53 -0.92 4.01
CA VAL A 84 -9.51 -1.35 3.02
C VAL A 84 -8.22 -1.73 3.75
N SER A 85 -7.58 -2.84 3.38
CA SER A 85 -6.23 -3.18 3.87
C SER A 85 -5.19 -3.18 2.76
N LEU A 86 -3.94 -2.92 3.15
CA LEU A 86 -2.72 -3.15 2.39
C LEU A 86 -2.02 -4.32 3.07
N SER A 87 -2.01 -5.49 2.42
CA SER A 87 -1.18 -6.60 2.81
C SER A 87 0.23 -6.36 2.26
N CYS A 88 1.19 -5.93 3.08
CA CYS A 88 2.51 -5.54 2.56
C CYS A 88 3.49 -6.68 2.85
N TYR A 89 3.95 -7.37 1.79
CA TYR A 89 4.99 -8.38 2.00
C TYR A 89 5.98 -8.68 0.86
N ILE A 90 7.16 -9.10 1.30
CA ILE A 90 7.97 -10.11 0.61
C ILE A 90 7.27 -11.48 0.78
N GLY A 91 6.30 -11.72 -0.11
CA GLY A 91 5.29 -12.78 0.04
C GLY A 91 4.33 -13.05 -1.11
N PHE A 92 3.65 -14.20 -0.98
CA PHE A 92 2.83 -14.76 -2.06
C PHE A 92 1.69 -15.74 -1.66
N PRO A 93 0.82 -15.40 -0.68
CA PRO A 93 -0.43 -16.13 -0.45
C PRO A 93 -1.23 -16.37 -1.75
N GLU A 94 -1.49 -17.64 -2.07
CA GLU A 94 -2.03 -18.14 -3.36
C GLU A 94 -3.20 -17.38 -4.00
N ARG A 95 -3.90 -16.47 -3.30
CA ARG A 95 -4.79 -15.48 -3.92
C ARG A 95 -4.08 -14.55 -4.91
N LEU A 96 -2.76 -14.35 -4.78
CA LEU A 96 -1.87 -13.72 -5.78
C LEU A 96 -2.01 -14.34 -7.17
N LYS A 97 -2.39 -15.63 -7.28
CA LYS A 97 -2.65 -16.27 -8.57
C LYS A 97 -3.81 -15.60 -9.31
N ASP A 98 -4.85 -15.11 -8.62
CA ASP A 98 -6.06 -14.56 -9.26
C ASP A 98 -6.31 -13.06 -9.02
N LEU A 99 -5.79 -12.42 -7.96
CA LEU A 99 -6.06 -11.02 -7.66
C LEU A 99 -5.31 -10.01 -8.58
N LYS A 100 -5.71 -8.73 -8.58
CA LYS A 100 -5.35 -7.71 -9.61
C LYS A 100 -5.33 -6.25 -9.12
N ARG A 101 -4.19 -5.53 -9.14
CA ARG A 101 -4.09 -4.03 -9.07
C ARG A 101 -3.72 -3.41 -10.43
N VAL A 102 -3.66 -2.08 -10.42
CA VAL A 102 -4.16 -1.25 -11.54
C VAL A 102 -3.79 0.24 -11.37
N CYS A 103 -4.07 1.08 -12.38
CA CYS A 103 -4.66 2.41 -12.20
C CYS A 103 -6.00 2.50 -12.96
N ASP A 104 -7.07 2.85 -12.26
CA ASP A 104 -8.47 2.75 -12.65
C ASP A 104 -9.32 3.47 -11.58
N PHE A 105 -10.58 3.62 -11.89
CA PHE A 105 -11.67 4.12 -11.05
C PHE A 105 -12.80 3.06 -10.96
N ASN A 106 -12.88 2.26 -9.88
CA ASN A 106 -13.84 1.14 -9.78
C ASN A 106 -14.52 0.92 -8.42
N PHE A 107 -15.76 0.42 -8.49
CA PHE A 107 -16.50 -0.15 -7.36
C PHE A 107 -16.09 -1.62 -7.14
N LEU A 108 -16.00 -2.03 -5.87
CA LEU A 108 -15.10 -3.07 -5.42
C LEU A 108 -15.73 -3.83 -4.24
N SER A 109 -15.55 -5.16 -4.16
CA SER A 109 -16.28 -6.01 -3.21
C SER A 109 -15.59 -6.29 -1.86
N VAL A 110 -16.39 -6.88 -0.96
CA VAL A 110 -16.06 -7.31 0.42
C VAL A 110 -15.12 -8.54 0.45
N ASN A 111 -14.84 -9.13 -0.72
CA ASN A 111 -13.87 -10.20 -0.88
C ASN A 111 -12.98 -9.93 -2.12
N GLU A 112 -12.46 -8.71 -2.30
CA GLU A 112 -11.66 -8.39 -3.51
C GLU A 112 -10.27 -7.80 -3.25
N ALA A 113 -9.36 -8.04 -4.20
CA ALA A 113 -7.95 -8.23 -3.91
C ALA A 113 -7.06 -7.74 -5.07
N LEU A 114 -5.92 -7.13 -4.76
CA LEU A 114 -5.07 -6.40 -5.71
C LEU A 114 -3.56 -6.58 -5.39
N VAL A 115 -2.62 -6.59 -6.36
CA VAL A 115 -1.19 -6.30 -6.12
C VAL A 115 -0.58 -5.38 -7.17
N VAL A 116 0.29 -4.49 -6.70
CA VAL A 116 1.18 -3.70 -7.56
C VAL A 116 2.62 -3.77 -7.04
N THR A 117 3.57 -3.59 -7.95
CA THR A 117 4.95 -3.24 -7.62
C THR A 117 5.51 -2.28 -8.68
N LEU A 118 6.65 -1.66 -8.42
CA LEU A 118 7.10 -0.44 -9.10
C LEU A 118 7.27 -0.59 -10.63
N ALA A 119 7.73 -1.75 -11.12
CA ALA A 119 7.90 -1.97 -12.57
C ALA A 119 6.57 -2.05 -13.35
N ASP A 120 5.50 -2.56 -12.73
CA ASP A 120 4.17 -2.57 -13.34
C ASP A 120 3.56 -1.16 -13.42
N ILE A 121 3.89 -0.27 -12.47
CA ILE A 121 3.56 1.16 -12.54
C ILE A 121 4.44 1.88 -13.57
N GLU A 122 5.71 1.49 -13.72
CA GLU A 122 6.58 1.96 -14.80
C GLU A 122 6.00 1.62 -16.20
N ARG A 123 5.17 0.56 -16.33
CA ARG A 123 4.38 0.26 -17.54
C ARG A 123 3.05 1.03 -17.66
N ILE A 124 2.60 1.77 -16.63
CA ILE A 124 1.49 2.75 -16.74
C ILE A 124 2.04 4.12 -17.14
N LYS A 125 3.19 4.54 -16.60
CA LYS A 125 3.84 5.83 -16.89
C LYS A 125 5.38 5.67 -16.92
N PRO A 126 6.09 6.05 -17.99
CA PRO A 126 7.47 5.62 -18.27
C PRO A 126 8.55 6.45 -17.53
N CYS A 127 8.50 6.47 -16.20
CA CYS A 127 9.50 7.10 -15.33
C CYS A 127 9.49 6.45 -13.94
N ASP A 128 10.66 6.13 -13.35
CA ASP A 128 10.76 5.48 -12.03
C ASP A 128 11.58 6.22 -10.97
N LYS A 129 12.21 7.35 -11.32
CA LYS A 129 13.08 8.17 -10.44
C LYS A 129 12.34 9.20 -9.55
N GLY A 130 11.02 9.08 -9.47
CA GLY A 130 10.14 10.01 -8.75
C GLY A 130 8.66 9.68 -8.90
N VAL A 131 8.25 8.43 -8.66
CA VAL A 131 6.85 8.00 -8.79
C VAL A 131 5.98 8.65 -7.73
N LEU A 132 4.94 9.33 -8.19
CA LEU A 132 3.85 9.85 -7.38
C LEU A 132 2.53 9.45 -8.04
N THR A 133 2.03 8.27 -7.68
CA THR A 133 0.64 7.85 -7.93
C THR A 133 -0.27 8.40 -6.83
N ASN A 134 -1.52 8.74 -7.14
CA ASN A 134 -2.43 9.26 -6.12
C ASN A 134 -3.46 8.16 -5.87
N CYS A 135 -3.66 7.72 -4.63
CA CYS A 135 -4.59 6.63 -4.33
C CYS A 135 -5.69 7.15 -3.42
N VAL A 136 -6.94 6.92 -3.80
CA VAL A 136 -8.12 7.56 -3.21
C VAL A 136 -9.23 6.52 -3.05
N VAL A 137 -9.65 6.25 -1.82
CA VAL A 137 -10.64 5.19 -1.51
C VAL A 137 -11.95 5.79 -0.99
N ARG A 138 -13.10 5.23 -1.40
CA ARG A 138 -14.42 5.57 -0.85
C ARG A 138 -15.17 4.29 -0.45
N LYS A 139 -15.13 3.98 0.84
CA LYS A 139 -15.74 2.79 1.42
C LYS A 139 -16.77 3.22 2.48
N SER A 140 -17.95 2.62 2.47
CA SER A 140 -19.16 3.10 3.17
C SER A 140 -20.19 1.97 3.34
N ASN A 141 -20.76 1.81 4.54
CA ASN A 141 -21.82 0.81 4.79
C ASN A 141 -23.22 1.35 4.45
N SER A 142 -23.47 2.63 4.68
CA SER A 142 -24.73 3.34 4.37
C SER A 142 -25.23 3.07 2.94
N GLY A 143 -24.36 3.24 1.94
CA GLY A 143 -24.57 2.87 0.54
C GLY A 143 -24.00 1.51 0.12
N MET A 144 -23.58 0.68 1.09
CA MET A 144 -23.08 -0.70 0.92
C MET A 144 -22.08 -0.91 -0.24
N SER A 145 -20.96 -0.17 -0.23
CA SER A 145 -19.94 -0.22 -1.30
C SER A 145 -18.52 0.03 -0.79
N TYR A 146 -17.54 -0.67 -1.37
CA TYR A 146 -16.12 -0.33 -1.27
C TYR A 146 -15.71 0.22 -2.65
N ASN A 147 -14.82 1.22 -2.73
CA ASN A 147 -14.52 1.87 -4.02
C ASN A 147 -13.09 2.37 -4.02
N ILE A 148 -12.45 2.36 -5.19
CA ILE A 148 -11.06 2.74 -5.32
C ILE A 148 -10.76 3.53 -6.60
N GLU A 149 -9.91 4.54 -6.46
CA GLU A 149 -9.47 5.43 -7.53
C GLU A 149 -7.95 5.63 -7.44
N VAL A 150 -7.18 5.18 -8.43
CA VAL A 150 -5.72 5.44 -8.50
C VAL A 150 -5.24 5.77 -9.91
N VAL A 151 -4.24 6.66 -9.97
CA VAL A 151 -3.73 7.38 -11.14
C VAL A 151 -2.20 7.50 -11.04
N ALA A 152 -1.47 7.57 -12.16
CA ALA A 152 0.00 7.43 -12.18
C ALA A 152 0.78 8.57 -12.84
N PHE A 153 1.74 9.15 -12.12
CA PHE A 153 2.65 10.19 -12.60
C PHE A 153 4.08 10.01 -12.04
N GLY A 154 5.07 10.57 -12.74
CA GLY A 154 6.43 10.78 -12.23
C GLY A 154 6.61 12.17 -11.58
N PRO A 155 7.81 12.76 -11.64
CA PRO A 155 8.10 14.10 -11.10
C PRO A 155 7.16 15.25 -11.50
N ASP A 156 6.44 15.15 -12.62
CA ASP A 156 5.49 16.15 -13.15
C ASP A 156 4.20 16.37 -12.31
N ASN A 157 4.03 15.69 -11.18
CA ASN A 157 2.85 15.73 -10.31
C ASN A 157 2.98 16.81 -9.20
N GLU A 158 3.55 17.97 -9.56
CA GLU A 158 3.99 18.98 -8.59
C GLU A 158 2.85 19.57 -7.75
N ALA A 159 1.62 19.62 -8.27
CA ALA A 159 0.50 20.23 -7.55
C ALA A 159 0.11 19.43 -6.30
N GLU A 160 -0.12 18.11 -6.43
CA GLU A 160 -0.31 17.20 -5.30
C GLU A 160 0.96 17.06 -4.44
N TYR A 161 2.17 17.13 -5.02
CA TYR A 161 3.40 17.10 -4.23
C TYR A 161 3.49 18.31 -3.27
N GLN A 162 3.26 19.53 -3.77
CA GLN A 162 3.26 20.73 -2.94
C GLN A 162 2.09 20.75 -1.92
N ALA A 163 0.95 20.12 -2.23
CA ALA A 163 -0.13 19.91 -1.26
C ALA A 163 0.28 19.01 -0.08
N LEU A 164 1.11 17.98 -0.34
CA LEU A 164 1.68 17.11 0.68
C LEU A 164 2.69 17.83 1.58
N LEU A 165 3.71 18.48 1.04
CA LEU A 165 4.59 19.40 1.75
C LEU A 165 3.84 20.42 2.63
N ARG A 166 2.67 20.88 2.17
CA ARG A 166 1.78 21.83 2.88
C ARG A 166 1.02 21.19 4.05
N ASP A 167 0.78 19.88 4.05
CA ASP A 167 0.25 19.16 5.22
C ASP A 167 1.35 18.62 6.16
N ILE A 168 2.48 18.15 5.64
CA ILE A 168 3.48 17.41 6.41
C ILE A 168 4.52 18.32 7.08
N TYR A 169 5.03 19.35 6.39
CA TYR A 169 5.88 20.35 7.07
C TYR A 169 5.06 21.24 8.01
N ALA A 170 3.74 21.09 7.99
CA ALA A 170 2.82 21.76 8.93
C ALA A 170 1.98 20.79 9.79
N ARG A 171 2.47 19.54 9.97
CA ARG A 171 1.96 18.53 10.90
C ARG A 171 2.13 18.94 12.37
N ALA A 1 3.54 -20.89 12.80
CA ALA A 1 4.92 -20.67 12.37
C ALA A 1 5.67 -19.76 13.35
N GLY A 2 6.97 -19.98 13.52
CA GLY A 2 7.82 -19.19 14.42
C GLY A 2 8.14 -17.79 13.88
N HIS A 3 8.75 -16.94 14.73
CA HIS A 3 9.08 -15.54 14.43
C HIS A 3 9.86 -15.37 13.11
N MET A 4 9.56 -14.29 12.38
CA MET A 4 9.87 -14.11 10.96
C MET A 4 11.08 -13.20 10.69
N GLU A 5 11.79 -13.43 9.59
CA GLU A 5 13.07 -12.76 9.37
C GLU A 5 12.89 -11.36 8.77
N ILE A 6 12.88 -10.42 9.70
CA ILE A 6 12.86 -9.00 9.64
C ILE A 6 13.68 -8.50 10.81
N ASP A 7 14.37 -7.43 10.56
CA ASP A 7 15.06 -6.64 11.57
C ASP A 7 14.03 -5.76 12.30
N LYS A 8 14.09 -5.70 13.64
CA LYS A 8 13.00 -5.20 14.49
C LYS A 8 12.63 -3.73 14.30
N ASN A 9 13.51 -2.92 13.71
CA ASN A 9 13.27 -1.50 13.45
C ASN A 9 12.53 -1.27 12.13
N VAL A 10 12.63 -2.21 11.19
CA VAL A 10 12.26 -2.02 9.79
C VAL A 10 10.74 -1.98 9.58
N GLY A 11 10.02 -2.99 10.07
CA GLY A 11 8.57 -2.97 10.17
C GLY A 11 8.11 -1.78 11.01
N ALA A 12 8.66 -1.60 12.21
CA ALA A 12 8.30 -0.49 13.09
C ALA A 12 8.39 0.89 12.39
N ASP A 13 9.42 1.13 11.56
CA ASP A 13 9.56 2.36 10.78
C ASP A 13 8.61 2.45 9.57
N LEU A 14 8.35 1.35 8.84
CA LEU A 14 7.34 1.28 7.76
C LEU A 14 5.91 1.51 8.30
N ILE A 15 5.61 0.94 9.46
CA ILE A 15 4.35 1.14 10.19
C ILE A 15 4.25 2.60 10.67
N SER A 16 5.33 3.18 11.20
CA SER A 16 5.38 4.59 11.59
C SER A 16 5.28 5.56 10.40
N ASN A 17 5.78 5.16 9.23
CA ASN A 17 5.61 5.92 8.00
C ASN A 17 4.12 5.90 7.59
N THR A 18 3.43 4.75 7.65
CA THR A 18 1.99 4.63 7.39
C THR A 18 1.16 5.47 8.36
N ARG A 19 1.50 5.45 9.66
CA ARG A 19 0.94 6.30 10.73
C ARG A 19 1.06 7.80 10.40
N ARG A 20 2.10 8.21 9.67
CA ARG A 20 2.31 9.59 9.18
C ARG A 20 1.62 9.87 7.84
N ILE A 21 1.73 8.99 6.84
CA ILE A 21 1.18 9.25 5.50
C ILE A 21 -0.36 9.28 5.54
N LEU A 22 -0.95 8.25 6.17
CA LEU A 22 -2.41 8.10 6.33
C LEU A 22 -2.96 8.89 7.54
N ARG A 23 -2.08 9.55 8.31
CA ARG A 23 -2.37 10.39 9.49
C ARG A 23 -3.10 9.68 10.65
N LEU A 24 -3.19 8.36 10.62
CA LEU A 24 -3.93 7.57 11.62
C LEU A 24 -2.99 7.06 12.73
N ASP A 25 -3.51 6.78 13.92
CA ASP A 25 -2.72 6.31 15.06
C ASP A 25 -2.15 4.88 14.84
N GLU A 26 -1.06 4.51 15.52
CA GLU A 26 -0.57 3.12 15.52
C GLU A 26 -1.60 2.12 16.07
N ASN A 27 -2.54 2.58 16.90
CA ASN A 27 -3.69 1.81 17.40
C ASN A 27 -4.99 2.06 16.59
N GLU A 28 -4.93 2.79 15.45
CA GLU A 28 -6.02 2.90 14.44
C GLU A 28 -5.57 2.36 13.07
N LEU A 29 -4.39 1.72 13.03
CA LEU A 29 -3.87 0.89 11.96
C LEU A 29 -3.91 -0.56 12.44
N ARG A 30 -4.50 -1.50 11.69
CA ARG A 30 -4.40 -2.93 12.05
C ARG A 30 -3.25 -3.61 11.32
N ILE A 31 -2.26 -4.06 12.07
CA ILE A 31 -1.15 -4.90 11.61
C ILE A 31 -1.45 -6.40 11.74
N THR A 32 -0.99 -7.19 10.77
CA THR A 32 -0.86 -8.64 10.91
C THR A 32 0.57 -9.05 10.57
N ASP A 33 1.07 -10.10 11.22
CA ASP A 33 2.43 -10.64 11.04
C ASP A 33 2.46 -11.80 10.01
N THR A 34 3.35 -12.77 10.17
CA THR A 34 3.76 -13.72 9.11
C THR A 34 2.63 -14.56 8.50
N ALA A 35 1.57 -14.83 9.28
CA ALA A 35 0.51 -15.79 8.93
C ALA A 35 -0.15 -15.58 7.55
N LEU A 36 -0.27 -14.33 7.06
CA LEU A 36 -0.83 -14.01 5.73
C LEU A 36 0.18 -13.71 4.61
N ILE A 37 1.49 -13.65 4.90
CA ILE A 37 2.58 -13.62 3.89
C ILE A 37 3.34 -14.96 3.82
N CYS A 38 2.78 -16.02 4.40
CA CYS A 38 3.39 -17.29 4.78
C CYS A 38 4.08 -18.13 3.66
N LYS A 39 4.30 -17.60 2.45
CA LYS A 39 4.80 -18.35 1.28
C LYS A 39 6.13 -19.07 1.54
N ASN A 40 6.99 -18.35 2.24
CA ASN A 40 7.72 -18.90 3.38
C ASN A 40 7.47 -17.94 4.55
N PRO A 41 7.24 -18.40 5.80
CA PRO A 41 6.96 -17.48 6.91
C PRO A 41 8.10 -16.46 7.14
N ASN A 42 9.32 -16.88 6.84
CA ASN A 42 10.54 -16.10 6.97
C ASN A 42 10.91 -15.47 5.63
N TYR A 43 9.96 -15.12 4.75
CA TYR A 43 10.25 -14.15 3.71
C TYR A 43 8.95 -13.37 3.44
N SER A 44 8.83 -12.16 3.98
CA SER A 44 7.55 -11.69 4.58
C SER A 44 7.67 -10.28 5.14
N LEU A 45 6.57 -9.49 5.17
CA LEU A 45 6.51 -8.27 6.00
C LEU A 45 5.24 -8.12 6.87
N CYS A 46 4.11 -7.65 6.35
CA CYS A 46 2.92 -7.36 7.17
C CYS A 46 1.59 -7.14 6.39
N ASP A 47 0.55 -6.77 7.14
CA ASP A 47 -0.70 -6.17 6.66
C ASP A 47 -0.89 -4.82 7.38
N ALA A 48 -1.62 -3.84 6.82
CA ALA A 48 -1.82 -2.51 7.39
C ALA A 48 -3.23 -2.01 7.01
N MET A 49 -4.10 -1.67 7.98
CA MET A 49 -5.54 -1.60 7.74
C MET A 49 -6.07 -0.19 7.95
N LEU A 50 -6.82 0.29 6.95
CA LEU A 50 -7.06 1.71 6.72
C LEU A 50 -8.50 2.09 6.32
N THR A 51 -8.78 3.36 6.60
CA THR A 51 -10.04 4.10 6.54
C THR A 51 -10.07 4.91 5.24
N THR A 52 -11.21 5.47 4.83
CA THR A 52 -11.25 6.44 3.74
C THR A 52 -10.22 7.53 4.00
N ASP A 53 -9.20 7.59 3.15
CA ASP A 53 -8.12 8.56 3.26
C ASP A 53 -7.55 8.85 1.86
N ILE A 54 -6.94 10.02 1.78
CA ILE A 54 -6.91 10.87 0.60
C ILE A 54 -5.47 11.06 0.16
N VAL A 55 -5.27 11.87 -0.86
CA VAL A 55 -4.40 11.49 -1.98
C VAL A 55 -2.92 11.46 -1.56
N TYR A 56 -2.28 10.29 -1.73
CA TYR A 56 -0.97 10.04 -1.11
C TYR A 56 0.08 9.48 -2.09
N PRO A 57 1.39 9.75 -1.87
CA PRO A 57 2.46 9.52 -2.84
C PRO A 57 2.88 8.05 -2.87
N VAL A 58 2.11 7.24 -3.60
CA VAL A 58 2.14 5.78 -3.49
C VAL A 58 3.43 5.14 -4.03
N GLU A 59 4.00 5.62 -5.15
CA GLU A 59 5.27 5.09 -5.67
C GLU A 59 6.48 5.39 -4.76
N TYR A 60 6.48 6.55 -4.08
CA TYR A 60 7.42 6.82 -2.99
C TYR A 60 7.31 5.75 -1.89
N LEU A 61 6.09 5.28 -1.59
CA LEU A 61 5.83 4.27 -0.56
C LEU A 61 6.28 2.86 -0.99
N LEU A 62 6.01 2.44 -2.24
CA LEU A 62 6.59 1.22 -2.85
C LEU A 62 8.12 1.23 -2.73
N SER A 63 8.72 2.38 -3.07
CA SER A 63 10.17 2.56 -3.12
C SER A 63 10.77 2.62 -1.72
N TYR A 64 10.12 3.28 -0.76
CA TYR A 64 10.60 3.37 0.62
C TYR A 64 10.62 1.99 1.28
N TRP A 65 9.59 1.17 1.05
CA TRP A 65 9.49 -0.21 1.54
C TRP A 65 10.63 -1.07 0.99
N GLU A 66 10.78 -1.13 -0.34
CA GLU A 66 11.80 -1.99 -0.98
C GLU A 66 13.26 -1.51 -0.73
N CYS A 67 13.46 -0.20 -0.54
CA CYS A 67 14.78 0.39 -0.28
C CYS A 67 15.28 0.19 1.17
N ARG A 68 14.39 0.14 2.17
CA ARG A 68 14.74 0.34 3.60
C ARG A 68 15.74 -0.67 4.19
N SER A 69 15.82 -1.87 3.63
CA SER A 69 16.75 -2.94 4.06
C SER A 69 17.32 -3.75 2.88
N GLY A 70 17.00 -3.34 1.64
CA GLY A 70 17.37 -4.00 0.39
C GLY A 70 16.71 -5.39 0.28
N ARG A 71 15.42 -5.44 -0.08
CA ARG A 71 14.64 -6.66 -0.27
C ARG A 71 13.34 -6.26 -0.98
N THR A 72 13.04 -7.05 -1.98
CA THR A 72 11.95 -6.90 -2.96
C THR A 72 10.58 -7.28 -2.38
N ALA A 73 9.51 -6.64 -2.88
CA ALA A 73 8.12 -6.87 -2.44
C ALA A 73 7.07 -6.58 -3.54
N CYS A 74 5.83 -7.04 -3.34
CA CYS A 74 4.64 -6.46 -3.97
C CYS A 74 3.76 -5.70 -2.95
N PHE A 75 3.18 -4.58 -3.37
CA PHE A 75 2.10 -3.89 -2.67
C PHE A 75 0.78 -4.57 -3.04
N VAL A 76 -0.04 -4.85 -2.03
CA VAL A 76 -1.27 -5.63 -2.14
C VAL A 76 -2.41 -4.87 -1.46
N PHE A 77 -3.63 -5.06 -1.93
CA PHE A 77 -4.84 -4.49 -1.36
C PHE A 77 -5.85 -5.63 -1.19
N LYS A 78 -6.32 -5.84 0.03
CA LYS A 78 -7.31 -6.85 0.43
C LYS A 78 -8.46 -6.14 1.16
N ASN A 79 -9.64 -6.04 0.54
CA ASN A 79 -10.85 -5.50 1.18
C ASN A 79 -11.62 -6.64 1.86
N THR A 80 -11.86 -6.50 3.17
CA THR A 80 -12.32 -7.48 4.16
C THR A 80 -13.13 -6.65 5.16
N GLY A 81 -14.16 -7.15 5.84
CA GLY A 81 -15.53 -6.61 5.79
C GLY A 81 -15.66 -5.25 5.10
N CYS A 82 -16.38 -4.27 5.67
CA CYS A 82 -16.28 -2.94 5.09
C CYS A 82 -15.14 -2.18 5.79
N ARG A 83 -13.93 -2.37 5.23
CA ARG A 83 -12.69 -1.61 5.46
C ARG A 83 -11.65 -2.02 4.41
N VAL A 84 -10.80 -1.12 3.93
CA VAL A 84 -9.68 -1.52 3.06
C VAL A 84 -8.50 -1.98 3.93
N SER A 85 -7.79 -3.04 3.55
CA SER A 85 -6.42 -3.27 4.01
C SER A 85 -5.42 -3.08 2.87
N LEU A 86 -4.25 -2.53 3.19
CA LEU A 86 -3.09 -2.43 2.33
C LEU A 86 -2.08 -3.44 2.89
N SER A 87 -1.93 -4.52 2.15
CA SER A 87 -1.16 -5.68 2.56
C SER A 87 0.23 -5.59 1.92
N CYS A 88 1.32 -5.75 2.69
CA CYS A 88 2.67 -5.47 2.17
C CYS A 88 3.48 -6.76 2.18
N TYR A 89 3.74 -7.31 1.00
CA TYR A 89 4.08 -8.72 0.86
C TYR A 89 5.45 -8.90 0.19
N ILE A 90 6.48 -9.12 1.02
CA ILE A 90 7.86 -9.32 0.54
C ILE A 90 8.00 -10.51 -0.42
N GLY A 91 7.31 -11.64 -0.20
CA GLY A 91 7.15 -12.75 -1.15
C GLY A 91 5.66 -12.96 -1.47
N PHE A 92 5.31 -13.96 -2.28
CA PHE A 92 4.00 -14.06 -2.95
C PHE A 92 3.07 -15.16 -2.36
N PRO A 93 2.14 -14.84 -1.42
CA PRO A 93 1.32 -15.84 -0.72
C PRO A 93 0.19 -16.49 -1.54
N GLU A 94 -0.58 -17.36 -0.88
CA GLU A 94 -1.43 -18.39 -1.48
C GLU A 94 -2.38 -17.95 -2.63
N ARG A 95 -3.03 -16.78 -2.55
CA ARG A 95 -3.90 -16.22 -3.63
C ARG A 95 -3.26 -15.16 -4.54
N LEU A 96 -2.02 -14.74 -4.30
CA LEU A 96 -1.22 -13.81 -5.12
C LEU A 96 -1.11 -14.21 -6.59
N LYS A 97 -1.09 -15.51 -6.92
CA LYS A 97 -1.21 -16.03 -8.29
C LYS A 97 -2.43 -15.44 -9.01
N ASP A 98 -3.53 -15.22 -8.28
CA ASP A 98 -4.84 -14.87 -8.82
C ASP A 98 -5.34 -13.44 -8.52
N LEU A 99 -4.94 -12.78 -7.42
CA LEU A 99 -5.38 -11.43 -7.08
C LEU A 99 -4.50 -10.35 -7.73
N LYS A 100 -5.12 -9.22 -8.12
CA LYS A 100 -4.65 -8.33 -9.22
C LYS A 100 -5.15 -6.88 -9.16
N ARG A 101 -4.23 -5.90 -9.21
CA ARG A 101 -4.43 -4.43 -9.29
C ARG A 101 -3.90 -3.84 -10.60
N VAL A 102 -3.93 -2.51 -10.63
CA VAL A 102 -4.36 -1.62 -11.71
C VAL A 102 -3.89 -0.18 -11.38
N CYS A 103 -3.97 0.76 -12.33
CA CYS A 103 -4.43 2.11 -11.98
C CYS A 103 -5.65 2.51 -12.84
N ASP A 104 -6.74 2.84 -12.15
CA ASP A 104 -8.11 2.99 -12.62
C ASP A 104 -8.94 3.46 -11.39
N PHE A 105 -10.20 3.74 -11.65
CA PHE A 105 -11.27 4.05 -10.69
C PHE A 105 -12.20 2.83 -10.58
N ASN A 106 -12.35 2.20 -9.40
CA ASN A 106 -13.13 0.95 -9.26
C ASN A 106 -13.75 0.75 -7.86
N PHE A 107 -14.77 -0.12 -7.82
CA PHE A 107 -15.40 -0.63 -6.60
C PHE A 107 -14.77 -1.96 -6.12
N LEU A 108 -15.04 -2.28 -4.86
CA LEU A 108 -14.49 -3.37 -4.05
C LEU A 108 -15.59 -4.00 -3.17
N SER A 109 -15.40 -5.29 -2.84
CA SER A 109 -16.25 -6.16 -2.03
C SER A 109 -15.43 -6.83 -0.91
N VAL A 110 -16.05 -7.45 0.10
CA VAL A 110 -15.38 -8.01 1.28
C VAL A 110 -14.52 -9.27 1.03
N ASN A 111 -14.51 -9.81 -0.18
CA ASN A 111 -13.56 -10.83 -0.64
C ASN A 111 -12.76 -10.39 -1.89
N GLU A 112 -12.47 -9.10 -2.03
CA GLU A 112 -11.84 -8.55 -3.24
C GLU A 112 -10.34 -8.26 -2.97
N ALA A 113 -9.45 -8.68 -3.87
CA ALA A 113 -8.01 -8.74 -3.64
C ALA A 113 -7.19 -8.29 -4.87
N LEU A 114 -6.11 -7.51 -4.66
CA LEU A 114 -5.40 -6.77 -5.70
C LEU A 114 -3.87 -6.71 -5.44
N VAL A 115 -3.00 -6.81 -6.46
CA VAL A 115 -1.54 -6.54 -6.42
C VAL A 115 -1.15 -5.41 -7.37
N VAL A 116 -0.27 -4.51 -6.93
CA VAL A 116 0.56 -3.68 -7.80
C VAL A 116 2.03 -3.85 -7.44
N THR A 117 2.83 -4.29 -8.41
CA THR A 117 4.31 -4.23 -8.36
C THR A 117 4.81 -2.91 -8.96
N LEU A 118 6.07 -2.54 -8.69
CA LEU A 118 6.68 -1.35 -9.32
C LEU A 118 6.69 -1.48 -10.86
N ALA A 119 6.87 -2.69 -11.39
CA ALA A 119 6.77 -2.98 -12.82
C ALA A 119 5.33 -2.83 -13.39
N ASP A 120 4.28 -3.16 -12.62
CA ASP A 120 2.89 -2.98 -13.08
C ASP A 120 2.55 -1.50 -13.32
N ILE A 121 3.13 -0.60 -12.52
CA ILE A 121 3.03 0.87 -12.71
C ILE A 121 3.96 1.34 -13.84
N GLU A 122 5.15 0.74 -13.99
CA GLU A 122 6.07 1.02 -15.10
C GLU A 122 5.37 0.82 -16.47
N ARG A 123 4.50 -0.19 -16.63
CA ARG A 123 3.78 -0.43 -17.88
C ARG A 123 2.64 0.55 -18.16
N ILE A 124 2.20 1.36 -17.19
CA ILE A 124 1.18 2.39 -17.42
C ILE A 124 1.77 3.57 -18.23
N LYS A 125 3.09 3.80 -18.14
CA LYS A 125 3.82 4.81 -18.92
C LYS A 125 4.66 4.17 -20.05
N PRO A 126 5.09 4.93 -21.08
CA PRO A 126 5.94 4.41 -22.16
C PRO A 126 7.40 4.18 -21.72
N CYS A 127 7.94 5.11 -20.92
CA CYS A 127 9.26 5.05 -20.30
C CYS A 127 9.21 5.87 -19.00
N ASP A 128 9.75 5.35 -17.89
CA ASP A 128 9.31 5.75 -16.55
C ASP A 128 9.77 7.13 -16.11
N LYS A 129 11.09 7.32 -16.21
CA LYS A 129 11.85 8.58 -16.13
C LYS A 129 11.57 9.49 -14.90
N GLY A 130 10.84 9.03 -13.88
CA GLY A 130 10.45 9.80 -12.70
C GLY A 130 8.97 9.65 -12.36
N VAL A 131 8.56 8.45 -11.94
CA VAL A 131 7.17 8.17 -11.52
C VAL A 131 6.86 8.80 -10.17
N LEU A 132 5.74 9.52 -10.12
CA LEU A 132 4.89 9.59 -8.94
C LEU A 132 3.50 9.06 -9.29
N THR A 133 2.75 8.62 -8.30
CA THR A 133 1.42 8.02 -8.49
C THR A 133 0.62 8.36 -7.23
N ASN A 134 -0.68 8.56 -7.38
CA ASN A 134 -1.53 9.16 -6.36
C ASN A 134 -2.67 8.18 -6.08
N CYS A 135 -2.88 7.85 -4.80
CA CYS A 135 -3.82 6.80 -4.40
C CYS A 135 -4.80 7.35 -3.37
N VAL A 136 -6.07 6.97 -3.51
CA VAL A 136 -7.19 7.48 -2.70
C VAL A 136 -8.17 6.32 -2.45
N VAL A 137 -8.73 6.22 -1.24
CA VAL A 137 -9.77 5.24 -0.93
C VAL A 137 -10.98 5.88 -0.25
N ARG A 138 -12.18 5.43 -0.65
CA ARG A 138 -13.49 5.74 -0.07
C ARG A 138 -14.20 4.42 0.25
N LYS A 139 -15.06 4.44 1.26
CA LYS A 139 -15.95 3.32 1.62
C LYS A 139 -17.19 3.86 2.34
N SER A 140 -18.35 3.21 2.26
CA SER A 140 -19.52 3.56 3.06
C SER A 140 -20.09 2.28 3.65
N ASN A 141 -20.31 2.23 4.97
CA ASN A 141 -20.91 1.06 5.62
C ASN A 141 -22.41 0.95 5.33
N SER A 142 -23.18 2.00 5.61
CA SER A 142 -24.62 2.09 5.35
C SER A 142 -24.96 2.09 3.85
N GLY A 143 -24.08 2.63 2.99
CA GLY A 143 -24.16 2.52 1.53
C GLY A 143 -23.64 1.20 0.95
N MET A 144 -23.20 0.24 1.78
CA MET A 144 -22.80 -1.12 1.39
C MET A 144 -21.83 -1.21 0.19
N SER A 145 -20.85 -0.30 0.13
CA SER A 145 -19.98 -0.14 -1.05
C SER A 145 -18.57 0.31 -0.66
N TYR A 146 -17.52 -0.27 -1.28
CA TYR A 146 -16.13 0.05 -0.94
C TYR A 146 -15.43 0.47 -2.25
N ASN A 147 -14.68 1.60 -2.28
CA ASN A 147 -14.61 2.39 -3.53
C ASN A 147 -13.31 3.17 -3.66
N ILE A 148 -12.44 2.82 -4.61
CA ILE A 148 -11.05 3.26 -4.59
C ILE A 148 -10.53 3.71 -5.97
N GLU A 149 -9.57 4.62 -5.98
CA GLU A 149 -8.95 5.13 -7.20
C GLU A 149 -7.44 5.32 -7.03
N VAL A 150 -6.66 5.04 -8.09
CA VAL A 150 -5.24 5.38 -8.15
C VAL A 150 -4.85 5.74 -9.58
N VAL A 151 -4.06 6.80 -9.68
CA VAL A 151 -3.78 7.55 -10.90
C VAL A 151 -2.26 7.74 -11.03
N ALA A 152 -1.67 7.33 -12.15
CA ALA A 152 -0.21 7.21 -12.32
C ALA A 152 0.35 8.22 -13.34
N PHE A 153 1.46 8.87 -13.02
CA PHE A 153 2.07 9.92 -13.84
C PHE A 153 3.60 9.91 -13.82
N GLY A 154 4.22 10.52 -14.82
CA GLY A 154 5.61 10.96 -14.76
C GLY A 154 5.64 12.41 -14.24
N PRO A 155 6.51 13.29 -14.77
CA PRO A 155 6.24 14.72 -14.77
C PRO A 155 5.03 15.04 -15.68
N ASP A 156 3.80 14.92 -15.15
CA ASP A 156 2.55 15.35 -15.85
C ASP A 156 1.65 16.37 -15.11
N ASN A 157 1.70 16.46 -13.78
CA ASN A 157 0.78 17.29 -12.96
C ASN A 157 1.43 17.90 -11.71
N GLU A 158 2.25 18.94 -11.96
CA GLU A 158 2.91 19.75 -10.94
C GLU A 158 1.93 20.25 -9.86
N ALA A 159 0.68 20.60 -10.23
CA ALA A 159 -0.31 21.07 -9.25
C ALA A 159 -0.63 20.03 -8.15
N GLU A 160 -0.63 18.72 -8.47
CA GLU A 160 -0.72 17.64 -7.48
C GLU A 160 0.60 17.46 -6.72
N TYR A 161 1.76 17.48 -7.39
CA TYR A 161 3.06 17.40 -6.67
C TYR A 161 3.17 18.51 -5.60
N GLN A 162 2.88 19.75 -5.98
CA GLN A 162 2.90 20.95 -5.12
C GLN A 162 1.86 20.87 -4.00
N ALA A 163 0.64 20.39 -4.28
CA ALA A 163 -0.38 20.18 -3.25
C ALA A 163 0.06 19.14 -2.19
N LEU A 164 0.87 18.13 -2.56
CA LEU A 164 1.43 17.19 -1.61
C LEU A 164 2.50 17.79 -0.72
N LEU A 165 3.45 18.54 -1.30
CA LEU A 165 4.47 19.27 -0.53
C LEU A 165 3.85 20.17 0.53
N ARG A 166 2.72 20.79 0.18
CA ARG A 166 1.97 21.70 1.06
C ARG A 166 1.17 21.00 2.15
N ASP A 167 0.67 19.79 1.90
CA ASP A 167 0.01 18.94 2.90
C ASP A 167 1.02 18.30 3.87
N ILE A 168 2.19 17.87 3.40
CA ILE A 168 3.10 17.01 4.21
C ILE A 168 4.10 17.82 5.01
N TYR A 169 4.64 18.91 4.46
CA TYR A 169 5.51 19.83 5.21
C TYR A 169 4.70 20.88 5.99
N ALA A 170 3.37 20.76 5.95
CA ALA A 170 2.47 21.49 6.88
C ALA A 170 1.42 20.63 7.60
N ARG A 171 1.73 19.35 7.83
CA ARG A 171 0.86 18.36 8.49
C ARG A 171 0.43 18.69 9.92
N ALA A 1 20.01 -13.99 12.33
CA ALA A 1 20.87 -13.64 11.18
C ALA A 1 20.94 -14.78 10.18
N GLY A 2 20.84 -14.49 8.88
CA GLY A 2 20.90 -15.49 7.80
C GLY A 2 20.26 -14.99 6.50
N HIS A 3 20.25 -15.84 5.47
CA HIS A 3 19.84 -15.46 4.11
C HIS A 3 18.36 -15.03 3.98
N MET A 4 17.50 -15.38 4.95
CA MET A 4 16.19 -14.74 5.18
C MET A 4 16.14 -14.17 6.62
N GLU A 5 15.80 -12.89 6.76
CA GLU A 5 15.42 -12.25 8.05
C GLU A 5 14.28 -11.23 7.84
N ILE A 6 13.48 -10.98 8.87
CA ILE A 6 12.56 -9.90 9.00
C ILE A 6 12.60 -9.25 10.38
N ASP A 7 13.16 -8.06 10.40
CA ASP A 7 13.76 -7.45 11.60
C ASP A 7 12.87 -6.42 12.32
N LYS A 8 13.12 -6.28 13.63
CA LYS A 8 12.51 -5.31 14.55
C LYS A 8 12.50 -3.85 14.04
N ASN A 9 13.50 -3.44 13.27
CA ASN A 9 13.61 -2.05 12.77
C ASN A 9 12.97 -1.88 11.38
N VAL A 10 12.89 -2.96 10.60
CA VAL A 10 12.14 -3.01 9.34
C VAL A 10 10.66 -2.79 9.62
N GLY A 11 10.08 -3.54 10.58
CA GLY A 11 8.75 -3.27 11.12
C GLY A 11 8.61 -1.86 11.67
N ALA A 12 9.54 -1.40 12.52
CA ALA A 12 9.44 -0.07 13.14
C ALA A 12 9.34 1.07 12.10
N ASP A 13 10.19 1.06 11.08
CA ASP A 13 10.24 2.06 10.03
C ASP A 13 9.07 1.95 9.03
N LEU A 14 8.66 0.74 8.60
CA LEU A 14 7.53 0.59 7.66
C LEU A 14 6.15 0.82 8.32
N ILE A 15 5.97 0.48 9.59
CA ILE A 15 4.77 0.87 10.35
C ILE A 15 4.79 2.40 10.60
N SER A 16 5.95 2.99 10.88
CA SER A 16 6.07 4.46 10.95
C SER A 16 5.71 5.14 9.63
N ASN A 17 6.19 4.63 8.50
CA ASN A 17 5.99 5.30 7.21
C ASN A 17 4.59 5.09 6.63
N THR A 18 3.90 3.98 6.93
CA THR A 18 2.46 3.84 6.60
C THR A 18 1.63 4.82 7.44
N ARG A 19 1.80 4.81 8.77
CA ARG A 19 1.16 5.73 9.73
C ARG A 19 1.30 7.21 9.32
N ARG A 20 2.51 7.62 8.93
CA ARG A 20 2.87 8.98 8.47
C ARG A 20 2.30 9.35 7.10
N ILE A 21 2.46 8.51 6.07
CA ILE A 21 1.97 8.83 4.71
C ILE A 21 0.43 8.82 4.65
N LEU A 22 -0.23 8.05 5.52
CA LEU A 22 -1.69 8.09 5.70
C LEU A 22 -2.17 9.23 6.61
N ARG A 23 -1.29 9.83 7.41
CA ARG A 23 -1.59 10.74 8.52
C ARG A 23 -2.73 10.22 9.42
N LEU A 24 -2.54 9.02 9.96
CA LEU A 24 -3.36 8.44 11.05
C LEU A 24 -2.48 7.99 12.24
N ASP A 25 -3.08 7.71 13.39
CA ASP A 25 -2.40 7.19 14.59
C ASP A 25 -2.05 5.69 14.48
N GLU A 26 -1.08 5.18 15.24
CA GLU A 26 -0.73 3.75 15.23
C GLU A 26 -1.87 2.81 15.66
N ASN A 27 -2.86 3.32 16.42
CA ASN A 27 -4.08 2.58 16.78
C ASN A 27 -5.26 2.87 15.84
N GLU A 28 -5.07 3.68 14.80
CA GLU A 28 -6.05 3.87 13.71
C GLU A 28 -5.66 3.07 12.46
N LEU A 29 -4.42 2.56 12.45
CA LEU A 29 -3.92 1.55 11.55
C LEU A 29 -4.23 0.21 12.22
N ARG A 30 -4.70 -0.78 11.46
CA ARG A 30 -4.60 -2.17 11.93
C ARG A 30 -3.46 -2.87 11.24
N ILE A 31 -2.57 -3.42 12.04
CA ILE A 31 -1.51 -4.35 11.64
C ILE A 31 -2.00 -5.79 11.72
N THR A 32 -1.56 -6.61 10.76
CA THR A 32 -1.37 -8.04 11.04
C THR A 32 0.11 -8.31 10.84
N ASP A 33 0.72 -9.08 11.73
CA ASP A 33 2.12 -9.49 11.60
C ASP A 33 2.20 -10.77 10.76
N THR A 34 3.19 -11.62 10.97
CA THR A 34 3.52 -12.71 10.04
C THR A 34 2.39 -13.73 9.80
N ALA A 35 1.40 -13.86 10.70
CA ALA A 35 0.36 -14.91 10.63
C ALA A 35 -0.40 -15.06 9.28
N LEU A 36 -0.61 -13.98 8.51
CA LEU A 36 -1.24 -14.06 7.17
C LEU A 36 -0.28 -14.13 5.97
N ILE A 37 1.03 -13.94 6.19
CA ILE A 37 2.11 -14.25 5.24
C ILE A 37 2.90 -15.51 5.65
N CYS A 38 2.39 -16.27 6.64
CA CYS A 38 3.07 -17.35 7.37
C CYS A 38 3.47 -18.57 6.52
N LYS A 39 3.30 -18.52 5.19
CA LYS A 39 3.77 -19.58 4.27
C LYS A 39 5.30 -19.76 4.35
N ASN A 40 5.99 -18.72 4.83
CA ASN A 40 7.14 -18.84 5.72
C ASN A 40 7.07 -17.67 6.73
N PRO A 41 7.08 -17.89 8.06
CA PRO A 41 6.98 -16.79 9.03
C PRO A 41 8.18 -15.81 9.00
N ASN A 42 9.28 -16.25 8.38
CA ASN A 42 10.51 -15.51 8.14
C ASN A 42 10.65 -15.07 6.67
N TYR A 43 9.54 -14.96 5.92
CA TYR A 43 9.57 -14.36 4.58
C TYR A 43 8.17 -13.82 4.31
N SER A 44 8.02 -12.54 4.61
CA SER A 44 6.80 -11.99 5.20
C SER A 44 7.04 -10.50 5.52
N LEU A 45 6.02 -9.65 5.57
CA LEU A 45 6.13 -8.47 6.45
C LEU A 45 4.91 -8.22 7.35
N CYS A 46 3.85 -7.58 6.84
CA CYS A 46 2.67 -7.14 7.63
C CYS A 46 1.45 -6.78 6.74
N ASP A 47 0.34 -6.41 7.38
CA ASP A 47 -0.83 -5.76 6.78
C ASP A 47 -0.98 -4.36 7.41
N ALA A 48 -1.63 -3.41 6.72
CA ALA A 48 -1.96 -2.06 7.15
C ALA A 48 -3.45 -1.83 6.81
N MET A 49 -4.23 -1.18 7.68
CA MET A 49 -5.69 -1.13 7.51
C MET A 49 -6.14 0.32 7.54
N LEU A 50 -6.97 0.65 6.53
CA LEU A 50 -7.15 1.97 5.95
C LEU A 50 -8.63 2.42 6.02
N THR A 51 -8.80 3.73 6.27
CA THR A 51 -10.05 4.42 6.54
C THR A 51 -10.64 5.10 5.31
N THR A 52 -11.93 5.41 5.36
CA THR A 52 -12.63 6.11 4.27
C THR A 52 -12.15 7.55 4.05
N ASP A 53 -12.10 7.97 2.78
CA ASP A 53 -11.70 9.29 2.29
C ASP A 53 -10.22 9.64 2.52
N ILE A 54 -9.33 8.63 2.48
CA ILE A 54 -7.88 8.77 2.75
C ILE A 54 -7.04 8.60 1.47
N VAL A 55 -6.02 9.45 1.29
CA VAL A 55 -5.09 9.46 0.13
C VAL A 55 -3.68 9.02 0.50
N TYR A 56 -2.98 8.25 -0.34
CA TYR A 56 -1.54 8.00 -0.21
C TYR A 56 -0.82 8.10 -1.57
N PRO A 57 0.16 9.02 -1.75
CA PRO A 57 1.09 9.06 -2.89
C PRO A 57 2.01 7.83 -2.92
N VAL A 58 1.45 6.74 -3.44
CA VAL A 58 1.80 5.38 -3.08
C VAL A 58 3.21 4.94 -3.51
N GLU A 59 3.74 5.47 -4.61
CA GLU A 59 5.13 5.19 -5.04
C GLU A 59 6.15 5.52 -3.95
N TYR A 60 5.95 6.61 -3.21
CA TYR A 60 6.87 7.04 -2.16
C TYR A 60 6.96 6.00 -1.04
N LEU A 61 5.92 5.19 -0.81
CA LEU A 61 5.90 4.09 0.16
C LEU A 61 6.57 2.81 -0.40
N LEU A 62 6.20 2.37 -1.61
CA LEU A 62 6.83 1.22 -2.28
C LEU A 62 8.37 1.40 -2.34
N SER A 63 8.80 2.58 -2.78
CA SER A 63 10.20 2.95 -2.90
C SER A 63 10.85 3.26 -1.55
N TYR A 64 10.12 3.72 -0.53
CA TYR A 64 10.67 3.82 0.83
C TYR A 64 11.08 2.46 1.40
N TRP A 65 10.37 1.38 1.05
CA TRP A 65 10.87 0.03 1.35
C TRP A 65 12.06 -0.34 0.45
N GLU A 66 11.90 -0.32 -0.87
CA GLU A 66 12.92 -0.88 -1.77
C GLU A 66 14.28 -0.16 -1.69
N CYS A 67 14.29 1.16 -1.51
CA CYS A 67 15.48 2.00 -1.31
C CYS A 67 16.31 1.59 -0.08
N ARG A 68 15.75 0.82 0.86
CA ARG A 68 16.39 0.50 2.14
C ARG A 68 17.58 -0.45 1.98
N SER A 69 17.46 -1.50 1.15
CA SER A 69 18.46 -2.59 1.09
C SER A 69 18.41 -3.40 -0.21
N GLY A 70 17.55 -3.04 -1.17
CA GLY A 70 17.27 -3.83 -2.38
C GLY A 70 16.59 -5.15 -2.04
N ARG A 71 15.26 -5.13 -1.87
CA ARG A 71 14.42 -6.27 -1.54
C ARG A 71 13.07 -6.02 -2.22
N THR A 72 12.67 -6.98 -3.03
CA THR A 72 11.42 -7.01 -3.80
C THR A 72 10.20 -7.39 -2.94
N ALA A 73 9.26 -6.46 -2.81
CA ALA A 73 7.91 -6.68 -2.25
C ALA A 73 6.85 -5.91 -3.06
N CYS A 74 5.68 -6.50 -3.31
CA CYS A 74 4.60 -5.85 -4.04
C CYS A 74 3.51 -5.35 -3.08
N PHE A 75 2.90 -4.21 -3.43
CA PHE A 75 1.80 -3.58 -2.70
C PHE A 75 0.49 -4.30 -3.05
N VAL A 76 -0.02 -5.11 -2.12
CA VAL A 76 -1.28 -5.84 -2.19
C VAL A 76 -2.36 -5.05 -1.46
N PHE A 77 -3.60 -5.26 -1.87
CA PHE A 77 -4.80 -4.61 -1.39
C PHE A 77 -5.90 -5.68 -1.35
N LYS A 78 -6.32 -6.05 -0.15
CA LYS A 78 -7.41 -6.98 0.15
C LYS A 78 -8.59 -6.22 0.79
N ASN A 79 -9.74 -6.18 0.11
CA ASN A 79 -10.98 -5.58 0.66
C ASN A 79 -11.87 -6.62 1.35
N THR A 80 -12.38 -6.28 2.54
CA THR A 80 -12.84 -7.10 3.66
C THR A 80 -13.89 -6.26 4.42
N GLY A 81 -14.67 -6.85 5.34
CA GLY A 81 -15.90 -6.35 6.02
C GLY A 81 -16.25 -4.87 5.79
N CYS A 82 -16.43 -4.02 6.80
CA CYS A 82 -15.98 -2.66 6.45
C CYS A 82 -14.57 -2.47 6.99
N ARG A 83 -13.60 -2.53 6.07
CA ARG A 83 -12.28 -1.89 6.06
C ARG A 83 -11.59 -2.18 4.72
N VAL A 84 -10.89 -1.22 4.10
CA VAL A 84 -9.81 -1.60 3.19
C VAL A 84 -8.58 -2.08 3.97
N SER A 85 -7.97 -3.20 3.56
CA SER A 85 -6.62 -3.59 4.00
C SER A 85 -5.63 -3.45 2.84
N LEU A 86 -4.44 -2.94 3.13
CA LEU A 86 -3.28 -2.90 2.25
C LEU A 86 -2.26 -3.86 2.84
N SER A 87 -2.01 -4.94 2.13
CA SER A 87 -1.09 -5.99 2.56
C SER A 87 0.28 -5.74 1.92
N CYS A 88 1.37 -5.68 2.70
CA CYS A 88 2.71 -5.44 2.11
C CYS A 88 3.49 -6.75 2.22
N TYR A 89 3.76 -7.38 1.08
CA TYR A 89 4.29 -8.74 1.03
C TYR A 89 5.68 -8.76 0.39
N ILE A 90 6.69 -8.85 1.27
CA ILE A 90 7.75 -9.85 1.08
C ILE A 90 7.02 -11.20 1.20
N GLY A 91 6.98 -12.00 0.12
CA GLY A 91 6.23 -13.26 0.22
C GLY A 91 6.13 -14.24 -0.95
N PHE A 92 5.63 -15.43 -0.58
CA PHE A 92 4.95 -16.40 -1.45
C PHE A 92 3.55 -16.84 -0.93
N PRO A 93 2.62 -15.92 -0.54
CA PRO A 93 1.28 -16.28 -0.04
C PRO A 93 0.31 -16.80 -1.13
N GLU A 94 -0.85 -17.27 -0.70
CA GLU A 94 -1.68 -18.24 -1.45
C GLU A 94 -2.46 -17.67 -2.66
N ARG A 95 -3.07 -16.46 -2.55
CA ARG A 95 -3.89 -15.85 -3.63
C ARG A 95 -3.16 -14.85 -4.56
N LEU A 96 -1.91 -14.50 -4.26
CA LEU A 96 -1.02 -13.60 -4.98
C LEU A 96 -0.88 -13.91 -6.47
N LYS A 97 -0.76 -15.18 -6.87
CA LYS A 97 -0.68 -15.56 -8.30
C LYS A 97 -1.97 -15.22 -9.06
N ASP A 98 -3.15 -15.18 -8.43
CA ASP A 98 -4.43 -14.94 -9.11
C ASP A 98 -5.04 -13.53 -8.88
N LEU A 99 -4.74 -12.81 -7.78
CA LEU A 99 -5.12 -11.41 -7.62
C LEU A 99 -4.22 -10.43 -8.45
N LYS A 100 -4.68 -9.19 -8.70
CA LYS A 100 -3.98 -8.12 -9.51
C LYS A 100 -4.55 -6.67 -9.43
N ARG A 101 -3.66 -5.66 -9.32
CA ARG A 101 -3.96 -4.20 -9.27
C ARG A 101 -3.61 -3.49 -10.59
N VAL A 102 -3.85 -2.19 -10.61
CA VAL A 102 -4.35 -1.41 -11.76
C VAL A 102 -4.19 0.11 -11.55
N CYS A 103 -4.50 0.93 -12.56
CA CYS A 103 -4.97 2.31 -12.42
C CYS A 103 -6.39 2.43 -13.01
N ASP A 104 -7.37 2.85 -12.19
CA ASP A 104 -8.79 2.96 -12.53
C ASP A 104 -9.49 3.68 -11.37
N PHE A 105 -10.60 4.33 -11.71
CA PHE A 105 -11.55 4.96 -10.78
C PHE A 105 -12.96 4.36 -10.94
N ASN A 106 -13.43 3.64 -9.91
CA ASN A 106 -14.47 2.61 -10.01
C ASN A 106 -15.13 2.31 -8.63
N PHE A 107 -16.00 1.30 -8.56
CA PHE A 107 -16.44 0.69 -7.30
C PHE A 107 -15.73 -0.65 -7.03
N LEU A 108 -15.76 -1.07 -5.77
CA LEU A 108 -15.01 -2.15 -5.15
C LEU A 108 -15.97 -3.00 -4.28
N SER A 109 -15.70 -4.30 -4.11
CA SER A 109 -16.56 -5.28 -3.42
C SER A 109 -15.81 -5.99 -2.26
N VAL A 110 -16.54 -6.55 -1.30
CA VAL A 110 -16.04 -7.02 0.02
C VAL A 110 -15.16 -8.28 -0.01
N ASN A 111 -15.01 -8.92 -1.17
CA ASN A 111 -14.03 -10.00 -1.36
C ASN A 111 -13.12 -9.76 -2.56
N GLU A 112 -12.44 -8.61 -2.57
CA GLU A 112 -11.47 -8.26 -3.64
C GLU A 112 -10.02 -8.32 -3.18
N ALA A 113 -9.10 -8.60 -4.12
CA ALA A 113 -7.70 -8.83 -3.90
C ALA A 113 -6.95 -8.33 -5.15
N LEU A 114 -5.93 -7.51 -4.95
CA LEU A 114 -5.22 -6.83 -6.05
C LEU A 114 -3.78 -6.48 -5.63
N VAL A 115 -2.77 -6.55 -6.52
CA VAL A 115 -1.35 -6.21 -6.23
C VAL A 115 -0.65 -5.45 -7.36
N VAL A 116 0.19 -4.47 -7.00
CA VAL A 116 0.97 -3.62 -7.92
C VAL A 116 2.43 -3.47 -7.45
N THR A 117 3.34 -3.20 -8.40
CA THR A 117 4.76 -2.86 -8.18
C THR A 117 5.22 -1.81 -9.20
N LEU A 118 6.41 -1.22 -9.04
CA LEU A 118 6.95 -0.18 -9.94
C LEU A 118 7.03 -0.61 -11.43
N ALA A 119 7.23 -1.89 -11.71
CA ALA A 119 7.24 -2.42 -13.07
C ALA A 119 5.81 -2.47 -13.68
N ASP A 120 4.80 -2.71 -12.85
CA ASP A 120 3.39 -2.73 -13.24
C ASP A 120 2.94 -1.30 -13.61
N ILE A 121 3.30 -0.30 -12.81
CA ILE A 121 3.02 1.11 -13.13
C ILE A 121 3.82 1.58 -14.36
N GLU A 122 5.05 1.07 -14.56
CA GLU A 122 5.80 1.27 -15.81
C GLU A 122 5.10 0.66 -17.05
N ARG A 123 4.23 -0.35 -16.92
CA ARG A 123 3.35 -0.82 -18.01
C ARG A 123 2.08 0.04 -18.19
N ILE A 124 1.70 0.89 -17.22
CA ILE A 124 0.46 1.69 -17.34
C ILE A 124 0.63 2.84 -18.34
N LYS A 125 1.74 3.60 -18.34
CA LYS A 125 2.11 4.56 -19.40
C LYS A 125 3.53 5.15 -19.18
N PRO A 126 3.95 5.45 -17.93
CA PRO A 126 5.25 6.07 -17.67
C PRO A 126 6.50 5.16 -17.84
N CYS A 127 7.49 5.43 -17.00
CA CYS A 127 8.84 4.87 -16.94
C CYS A 127 9.35 4.97 -15.48
N ASP A 128 10.03 3.95 -14.95
CA ASP A 128 10.02 3.67 -13.49
C ASP A 128 10.82 4.58 -12.53
N LYS A 129 11.53 5.59 -13.03
CA LYS A 129 12.44 6.44 -12.24
C LYS A 129 11.94 7.88 -11.99
N GLY A 130 10.64 8.11 -12.14
CA GLY A 130 9.99 9.41 -11.91
C GLY A 130 8.53 9.34 -11.46
N VAL A 131 8.05 8.15 -11.08
CA VAL A 131 6.61 7.87 -10.89
C VAL A 131 6.05 8.58 -9.66
N LEU A 132 4.99 9.37 -9.85
CA LEU A 132 4.10 9.82 -8.78
C LEU A 132 2.68 9.32 -9.07
N THR A 133 2.41 8.08 -8.64
CA THR A 133 1.05 7.51 -8.57
C THR A 133 0.44 7.79 -7.20
N ASN A 134 -0.88 7.96 -7.15
CA ASN A 134 -1.60 8.44 -5.96
C ASN A 134 -2.93 7.69 -5.80
N CYS A 135 -3.28 7.30 -4.58
CA CYS A 135 -4.27 6.25 -4.35
C CYS A 135 -5.25 6.69 -3.25
N VAL A 136 -6.55 6.58 -3.49
CA VAL A 136 -7.62 7.13 -2.66
C VAL A 136 -8.73 6.10 -2.47
N VAL A 137 -9.10 5.81 -1.23
CA VAL A 137 -10.19 4.87 -0.92
C VAL A 137 -11.29 5.51 -0.10
N ARG A 138 -12.53 5.12 -0.38
CA ARG A 138 -13.73 5.35 0.41
C ARG A 138 -14.44 4.01 0.65
N LYS A 139 -15.29 3.94 1.66
CA LYS A 139 -16.26 2.86 1.89
C LYS A 139 -17.52 3.42 2.58
N SER A 140 -18.68 2.77 2.44
CA SER A 140 -19.94 3.20 3.07
C SER A 140 -20.64 1.98 3.70
N ASN A 141 -20.80 1.95 5.03
CA ASN A 141 -21.46 0.81 5.71
C ASN A 141 -22.97 0.81 5.42
N SER A 142 -23.66 1.95 5.66
CA SER A 142 -25.06 2.15 5.29
C SER A 142 -25.34 1.94 3.79
N GLY A 143 -24.41 2.34 2.93
CA GLY A 143 -24.45 2.10 1.47
C GLY A 143 -24.02 0.69 1.02
N MET A 144 -23.53 -0.17 1.93
CA MET A 144 -23.03 -1.53 1.65
C MET A 144 -22.04 -1.64 0.47
N SER A 145 -21.15 -0.65 0.31
CA SER A 145 -20.24 -0.58 -0.85
C SER A 145 -18.90 0.08 -0.55
N TYR A 146 -17.94 -0.07 -1.46
CA TYR A 146 -16.55 0.34 -1.32
C TYR A 146 -16.17 1.15 -2.57
N ASN A 147 -15.46 2.27 -2.43
CA ASN A 147 -15.32 3.23 -3.53
C ASN A 147 -13.85 3.59 -3.73
N ILE A 148 -13.38 3.57 -4.98
CA ILE A 148 -11.97 3.34 -5.21
C ILE A 148 -11.41 4.16 -6.37
N GLU A 149 -10.26 4.81 -6.15
CA GLU A 149 -9.54 5.65 -7.11
C GLU A 149 -8.03 5.39 -6.96
N VAL A 150 -7.33 5.19 -8.08
CA VAL A 150 -5.87 5.37 -8.15
C VAL A 150 -5.50 5.90 -9.53
N VAL A 151 -4.57 6.85 -9.52
CA VAL A 151 -4.11 7.64 -10.67
C VAL A 151 -2.60 7.48 -10.85
N ALA A 152 -2.10 7.53 -12.08
CA ALA A 152 -0.70 7.19 -12.38
C ALA A 152 -0.03 8.17 -13.36
N PHE A 153 0.94 8.93 -12.84
CA PHE A 153 1.73 9.95 -13.52
C PHE A 153 3.23 9.67 -13.35
N GLY A 154 4.06 10.26 -14.22
CA GLY A 154 5.46 10.57 -13.90
C GLY A 154 5.57 11.80 -12.97
N PRO A 155 6.61 12.63 -13.09
CA PRO A 155 6.84 13.78 -12.20
C PRO A 155 5.88 14.97 -12.43
N ASP A 156 4.93 14.89 -13.38
CA ASP A 156 4.01 15.99 -13.70
C ASP A 156 3.06 16.38 -12.55
N ASN A 157 2.83 15.49 -11.57
CA ASN A 157 1.98 15.76 -10.40
C ASN A 157 2.74 16.52 -9.29
N GLU A 158 3.18 17.72 -9.65
CA GLU A 158 3.78 18.70 -8.75
C GLU A 158 2.87 18.99 -7.54
N ALA A 159 1.54 18.94 -7.70
CA ALA A 159 0.57 19.20 -6.64
C ALA A 159 0.68 18.20 -5.47
N GLU A 160 0.65 16.88 -5.71
CA GLU A 160 0.93 15.89 -4.68
C GLU A 160 2.39 15.90 -4.20
N TYR A 161 3.38 16.15 -5.08
CA TYR A 161 4.78 16.18 -4.64
C TYR A 161 5.01 17.34 -3.66
N GLN A 162 4.64 18.58 -4.01
CA GLN A 162 4.77 19.74 -3.14
C GLN A 162 3.93 19.64 -1.86
N ALA A 163 2.76 18.99 -1.90
CA ALA A 163 1.98 18.67 -0.71
C ALA A 163 2.74 17.78 0.28
N LEU A 164 3.51 16.81 -0.22
CA LEU A 164 4.33 15.92 0.57
C LEU A 164 5.61 16.57 1.09
N LEU A 165 6.32 17.34 0.27
CA LEU A 165 7.47 18.13 0.71
C LEU A 165 7.13 19.07 1.85
N ARG A 166 5.91 19.62 1.80
CA ARG A 166 5.31 20.42 2.87
C ARG A 166 5.05 19.56 4.11
N ASP A 167 4.38 18.41 3.96
CA ASP A 167 4.00 17.57 5.09
C ASP A 167 5.17 16.86 5.79
N ILE A 168 6.27 16.59 5.09
CA ILE A 168 7.50 16.02 5.68
C ILE A 168 8.41 17.09 6.29
N TYR A 169 8.50 18.29 5.72
CA TYR A 169 8.95 19.49 6.44
C TYR A 169 7.96 19.95 7.55
N ALA A 170 6.83 19.24 7.71
CA ALA A 170 5.84 19.48 8.78
C ALA A 170 5.48 18.22 9.59
N ARG A 171 6.38 17.23 9.64
CA ARG A 171 6.21 15.96 10.37
C ARG A 171 6.48 16.11 11.86
N ALA A 1 28.75 -1.90 3.94
CA ALA A 1 28.13 -2.47 2.73
C ALA A 1 27.34 -3.72 3.10
N GLY A 2 26.01 -3.66 2.95
CA GLY A 2 25.08 -4.71 3.34
C GLY A 2 24.55 -5.56 2.18
N HIS A 3 23.49 -6.33 2.47
CA HIS A 3 22.83 -7.25 1.55
C HIS A 3 21.30 -7.26 1.78
N MET A 4 20.53 -7.62 0.75
CA MET A 4 19.06 -7.66 0.76
C MET A 4 18.50 -8.82 1.61
N GLU A 5 18.58 -8.68 2.93
CA GLU A 5 18.01 -9.57 3.95
C GLU A 5 17.32 -8.71 5.04
N ILE A 6 16.26 -9.20 5.69
CA ILE A 6 15.32 -8.46 6.49
C ILE A 6 15.78 -8.27 7.93
N ASP A 7 15.72 -7.00 8.29
CA ASP A 7 15.91 -6.42 9.61
C ASP A 7 14.61 -5.78 10.15
N LYS A 8 14.41 -5.80 11.47
CA LYS A 8 13.29 -5.10 12.15
C LYS A 8 13.20 -3.59 11.84
N ASN A 9 14.26 -2.96 11.34
CA ASN A 9 14.29 -1.53 11.02
C ASN A 9 13.51 -1.21 9.73
N VAL A 10 13.34 -2.23 8.88
CA VAL A 10 12.50 -2.20 7.69
C VAL A 10 11.02 -2.22 8.09
N GLY A 11 10.65 -3.07 9.06
CA GLY A 11 9.33 -3.04 9.69
C GLY A 11 9.07 -1.70 10.36
N ALA A 12 9.98 -1.23 11.22
CA ALA A 12 9.85 0.06 11.91
C ALA A 12 9.56 1.22 10.94
N ASP A 13 10.28 1.31 9.82
CA ASP A 13 10.06 2.36 8.82
C ASP A 13 8.80 2.17 7.97
N LEU A 14 8.40 0.93 7.63
CA LEU A 14 7.15 0.69 6.87
C LEU A 14 5.89 0.85 7.75
N ILE A 15 5.96 0.49 9.03
CA ILE A 15 4.89 0.78 10.00
C ILE A 15 4.85 2.30 10.29
N SER A 16 6.00 2.96 10.44
CA SER A 16 6.07 4.44 10.53
C SER A 16 5.41 5.11 9.34
N ASN A 17 5.70 4.67 8.10
CA ASN A 17 5.08 5.21 6.90
C ASN A 17 3.55 4.97 6.86
N THR A 18 3.09 3.76 7.20
CA THR A 18 1.66 3.39 7.14
C THR A 18 0.81 4.05 8.22
N ARG A 19 1.36 4.46 9.38
CA ARG A 19 0.71 5.48 10.24
C ARG A 19 0.83 6.92 9.69
N ARG A 20 2.05 7.40 9.43
CA ARG A 20 2.38 8.82 9.34
C ARG A 20 2.14 9.46 7.97
N ILE A 21 2.47 8.79 6.86
CA ILE A 21 2.23 9.32 5.50
C ILE A 21 0.74 9.14 5.11
N LEU A 22 0.07 8.15 5.71
CA LEU A 22 -1.39 7.96 5.66
C LEU A 22 -2.15 8.96 6.55
N ARG A 23 -1.43 9.68 7.42
CA ARG A 23 -1.91 10.65 8.43
C ARG A 23 -3.00 10.12 9.37
N LEU A 24 -2.74 8.91 9.87
CA LEU A 24 -3.55 8.22 10.88
C LEU A 24 -2.74 7.87 12.15
N ASP A 25 -3.42 7.61 13.27
CA ASP A 25 -2.78 7.20 14.53
C ASP A 25 -2.50 5.69 14.57
N GLU A 26 -1.45 5.26 15.27
CA GLU A 26 -1.08 3.85 15.36
C GLU A 26 -2.15 2.98 16.08
N ASN A 27 -2.96 3.56 16.96
CA ASN A 27 -4.15 2.90 17.52
C ASN A 27 -5.25 2.70 16.47
N GLU A 28 -5.25 3.48 15.38
CA GLU A 28 -6.29 3.56 14.36
C GLU A 28 -5.89 2.84 13.05
N LEU A 29 -4.65 2.34 13.02
CA LEU A 29 -4.10 1.35 12.13
C LEU A 29 -4.23 -0.02 12.77
N ARG A 30 -4.69 -1.03 12.05
CA ARG A 30 -4.56 -2.43 12.51
C ARG A 30 -3.43 -3.11 11.77
N ILE A 31 -2.45 -3.61 12.51
CA ILE A 31 -1.37 -4.48 11.99
C ILE A 31 -1.73 -5.95 12.16
N THR A 32 -1.44 -6.78 11.15
CA THR A 32 -1.61 -8.23 11.28
C THR A 32 -0.42 -8.91 10.60
N ASP A 33 0.04 -10.02 11.15
CA ASP A 33 1.35 -10.63 10.91
C ASP A 33 1.21 -12.02 10.26
N THR A 34 2.10 -12.96 10.57
CA THR A 34 2.28 -14.29 9.95
C THR A 34 0.98 -15.06 9.66
N ALA A 35 -0.09 -14.92 10.45
CA ALA A 35 -1.38 -15.54 10.17
C ALA A 35 -2.02 -15.08 8.83
N LEU A 36 -1.72 -13.87 8.33
CA LEU A 36 -2.18 -13.42 7.01
C LEU A 36 -1.38 -14.03 5.85
N ILE A 37 -0.06 -14.08 6.01
CA ILE A 37 0.93 -14.46 4.99
C ILE A 37 1.34 -15.94 5.10
N CYS A 38 0.55 -16.73 5.83
CA CYS A 38 0.82 -18.09 6.35
C CYS A 38 1.18 -19.18 5.30
N LYS A 39 1.35 -18.80 4.03
CA LYS A 39 1.79 -19.71 2.93
C LYS A 39 3.31 -19.64 2.74
N ASN A 40 3.87 -18.44 2.85
CA ASN A 40 5.29 -18.20 3.11
C ASN A 40 5.40 -17.37 4.40
N PRO A 41 5.05 -17.93 5.58
CA PRO A 41 4.82 -17.16 6.81
C PRO A 41 6.00 -16.24 7.18
N ASN A 42 7.23 -16.77 7.09
CA ASN A 42 8.44 -16.10 7.50
C ASN A 42 9.07 -15.37 6.32
N TYR A 43 8.45 -15.29 5.13
CA TYR A 43 8.95 -14.46 4.04
C TYR A 43 7.79 -13.58 3.55
N SER A 44 7.76 -12.33 4.00
CA SER A 44 6.52 -11.67 4.37
C SER A 44 6.78 -10.27 4.92
N LEU A 45 5.73 -9.46 5.12
CA LEU A 45 5.76 -8.54 6.26
C LEU A 45 4.52 -8.63 7.14
N CYS A 46 3.45 -7.94 6.75
CA CYS A 46 2.31 -7.57 7.60
C CYS A 46 1.19 -6.98 6.72
N ASP A 47 0.26 -6.25 7.36
CA ASP A 47 -0.85 -5.52 6.75
C ASP A 47 -1.12 -4.29 7.63
N ALA A 48 -1.74 -3.25 7.08
CA ALA A 48 -2.15 -2.00 7.70
C ALA A 48 -3.62 -1.74 7.30
N MET A 49 -4.48 -1.36 8.23
CA MET A 49 -5.93 -1.37 8.00
C MET A 49 -6.54 0.02 8.21
N LEU A 50 -7.34 0.46 7.25
CA LEU A 50 -7.67 1.87 7.01
C LEU A 50 -9.18 2.16 6.82
N THR A 51 -9.62 3.36 7.24
CA THR A 51 -11.00 3.88 7.16
C THR A 51 -11.11 4.83 5.97
N THR A 52 -12.31 5.02 5.39
CA THR A 52 -12.54 5.41 4.00
C THR A 52 -11.63 6.58 3.61
N ASP A 53 -10.69 6.31 2.69
CA ASP A 53 -9.37 6.92 2.76
C ASP A 53 -9.04 7.78 1.55
N ILE A 54 -8.10 8.68 1.77
CA ILE A 54 -7.86 9.88 0.97
C ILE A 54 -6.54 9.73 0.22
N VAL A 55 -6.25 10.76 -0.56
CA VAL A 55 -5.15 10.69 -1.54
C VAL A 55 -3.79 10.92 -0.88
N TYR A 56 -2.93 9.90 -0.93
CA TYR A 56 -1.56 9.97 -0.44
C TYR A 56 -0.58 9.57 -1.55
N PRO A 57 0.57 10.26 -1.70
CA PRO A 57 1.61 9.92 -2.69
C PRO A 57 2.31 8.57 -2.42
N VAL A 58 1.61 7.50 -2.79
CA VAL A 58 1.92 6.09 -2.48
C VAL A 58 3.31 5.65 -2.94
N GLU A 59 3.83 6.24 -4.03
CA GLU A 59 5.13 5.85 -4.59
C GLU A 59 6.30 6.07 -3.63
N TYR A 60 6.17 6.97 -2.64
CA TYR A 60 7.16 7.08 -1.55
C TYR A 60 7.35 5.73 -0.84
N LEU A 61 6.26 5.01 -0.55
CA LEU A 61 6.27 3.73 0.18
C LEU A 61 6.77 2.58 -0.71
N LEU A 62 6.30 2.50 -1.96
CA LEU A 62 6.81 1.54 -2.95
C LEU A 62 8.35 1.68 -3.07
N SER A 63 8.82 2.92 -3.26
CA SER A 63 10.25 3.24 -3.40
C SER A 63 11.03 2.91 -2.13
N TYR A 64 10.58 3.37 -0.96
CA TYR A 64 11.27 3.15 0.33
C TYR A 64 11.42 1.66 0.68
N TRP A 65 10.51 0.77 0.24
CA TRP A 65 10.75 -0.67 0.36
C TRP A 65 11.74 -1.24 -0.67
N GLU A 66 11.47 -1.08 -1.97
CA GLU A 66 12.22 -1.81 -3.01
C GLU A 66 13.64 -1.29 -3.31
N CYS A 67 13.86 0.04 -3.36
CA CYS A 67 15.16 0.61 -3.71
C CYS A 67 16.20 0.53 -2.56
N ARG A 68 15.79 0.01 -1.40
CA ARG A 68 16.55 -0.02 -0.14
C ARG A 68 17.87 -0.80 -0.26
N SER A 69 17.88 -1.89 -1.02
CA SER A 69 19.09 -2.64 -1.44
C SER A 69 18.84 -3.64 -2.59
N GLY A 70 17.83 -3.37 -3.44
CA GLY A 70 17.43 -4.19 -4.59
C GLY A 70 16.76 -5.51 -4.21
N ARG A 71 15.45 -5.48 -3.99
CA ARG A 71 14.56 -6.56 -3.58
C ARG A 71 13.21 -6.22 -4.20
N THR A 72 12.72 -7.09 -5.07
CA THR A 72 11.35 -7.00 -5.60
C THR A 72 10.34 -7.20 -4.49
N ALA A 73 9.52 -6.17 -4.25
CA ALA A 73 8.43 -6.15 -3.26
C ALA A 73 7.14 -5.57 -3.87
N CYS A 74 5.99 -6.10 -3.46
CA CYS A 74 4.66 -5.61 -3.84
C CYS A 74 3.88 -5.08 -2.62
N PHE A 75 3.17 -3.98 -2.83
CA PHE A 75 2.03 -3.61 -1.99
C PHE A 75 0.77 -4.24 -2.59
N VAL A 76 -0.20 -4.52 -1.74
CA VAL A 76 -1.43 -5.24 -2.03
C VAL A 76 -2.59 -4.52 -1.32
N PHE A 77 -3.81 -4.68 -1.81
CA PHE A 77 -4.99 -4.43 -0.98
C PHE A 77 -5.88 -5.67 -0.94
N LYS A 78 -6.39 -5.95 0.25
CA LYS A 78 -7.39 -6.96 0.57
C LYS A 78 -8.64 -6.25 1.10
N ASN A 79 -9.66 -6.16 0.25
CA ASN A 79 -10.95 -5.52 0.54
C ASN A 79 -11.91 -6.54 1.16
N THR A 80 -12.48 -6.17 2.32
CA THR A 80 -12.95 -6.96 3.44
C THR A 80 -14.13 -6.18 4.03
N GLY A 81 -14.93 -6.80 4.90
CA GLY A 81 -16.17 -6.35 5.58
C GLY A 81 -16.42 -4.84 5.60
N CYS A 82 -16.57 -4.20 6.78
CA CYS A 82 -16.14 -2.80 6.76
C CYS A 82 -14.70 -2.70 7.30
N ARG A 83 -13.76 -2.58 6.36
CA ARG A 83 -12.69 -1.59 6.09
C ARG A 83 -12.09 -1.92 4.71
N VAL A 84 -11.06 -1.21 4.25
CA VAL A 84 -9.99 -1.82 3.44
C VAL A 84 -8.79 -2.24 4.30
N SER A 85 -8.11 -3.34 3.93
CA SER A 85 -6.76 -3.69 4.38
C SER A 85 -5.73 -3.43 3.27
N LEU A 86 -4.58 -2.85 3.62
CA LEU A 86 -3.45 -2.56 2.74
C LEU A 86 -2.32 -3.50 3.17
N SER A 87 -2.02 -4.47 2.33
CA SER A 87 -1.22 -5.66 2.67
C SER A 87 0.19 -5.53 2.09
N CYS A 88 1.21 -6.03 2.80
CA CYS A 88 2.62 -5.82 2.43
C CYS A 88 3.36 -7.15 2.35
N TYR A 89 3.83 -7.56 1.16
CA TYR A 89 4.54 -8.84 0.98
C TYR A 89 5.90 -8.73 0.25
N ILE A 90 6.99 -9.08 0.95
CA ILE A 90 8.17 -9.75 0.36
C ILE A 90 7.95 -11.28 0.41
N GLY A 91 6.91 -11.69 -0.31
CA GLY A 91 6.08 -12.83 0.12
C GLY A 91 4.97 -13.40 -0.78
N PHE A 92 4.31 -14.42 -0.21
CA PHE A 92 3.17 -15.12 -0.79
C PHE A 92 2.15 -15.56 0.29
N PRO A 93 0.91 -15.05 0.28
CA PRO A 93 -0.25 -15.75 0.84
C PRO A 93 -0.85 -16.76 -0.17
N GLU A 94 -1.68 -17.67 0.33
CA GLU A 94 -2.41 -18.65 -0.48
C GLU A 94 -3.39 -18.02 -1.51
N ARG A 95 -3.76 -16.74 -1.32
CA ARG A 95 -4.62 -15.96 -2.24
C ARG A 95 -3.88 -15.36 -3.46
N LEU A 96 -2.57 -15.10 -3.39
CA LEU A 96 -1.73 -14.35 -4.34
C LEU A 96 -1.84 -14.83 -5.80
N LYS A 97 -1.83 -16.16 -6.03
CA LYS A 97 -2.03 -16.73 -7.37
C LYS A 97 -3.38 -16.32 -7.95
N ASP A 98 -4.42 -16.23 -7.12
CA ASP A 98 -5.81 -16.04 -7.59
C ASP A 98 -6.31 -14.59 -7.55
N LEU A 99 -5.73 -13.71 -6.72
CA LEU A 99 -6.04 -12.28 -6.73
C LEU A 99 -5.36 -11.53 -7.90
N LYS A 100 -5.62 -10.23 -8.09
CA LYS A 100 -5.34 -9.51 -9.38
C LYS A 100 -4.35 -8.34 -9.23
N ARG A 101 -4.30 -7.42 -10.20
CA ARG A 101 -3.53 -6.16 -10.15
C ARG A 101 -4.42 -4.95 -10.35
N VAL A 102 -4.06 -3.82 -9.72
CA VAL A 102 -4.59 -2.49 -10.04
C VAL A 102 -3.46 -1.47 -10.31
N CYS A 103 -3.61 -0.65 -11.35
CA CYS A 103 -3.72 0.79 -11.13
C CYS A 103 -4.55 1.40 -12.28
N ASP A 104 -5.62 2.08 -11.88
CA ASP A 104 -6.88 2.34 -12.56
C ASP A 104 -7.79 2.98 -11.49
N PHE A 105 -9.00 3.30 -11.88
CA PHE A 105 -10.13 3.51 -10.99
C PHE A 105 -11.34 2.62 -11.35
N ASN A 106 -11.92 1.97 -10.34
CA ASN A 106 -12.84 0.84 -10.49
C ASN A 106 -13.88 0.75 -9.34
N PHE A 107 -15.07 0.22 -9.64
CA PHE A 107 -16.08 -0.13 -8.64
C PHE A 107 -15.68 -1.40 -7.88
N LEU A 108 -15.77 -1.40 -6.55
CA LEU A 108 -15.13 -2.33 -5.64
C LEU A 108 -16.18 -3.11 -4.81
N SER A 109 -15.84 -4.36 -4.46
CA SER A 109 -16.68 -5.34 -3.74
C SER A 109 -16.06 -5.72 -2.39
N VAL A 110 -16.83 -6.41 -1.54
CA VAL A 110 -16.43 -6.86 -0.20
C VAL A 110 -15.50 -8.08 -0.19
N ASN A 111 -15.32 -8.70 -1.36
CA ASN A 111 -14.38 -9.79 -1.63
C ASN A 111 -13.57 -9.45 -2.90
N GLU A 112 -12.67 -8.47 -2.82
CA GLU A 112 -11.74 -8.14 -3.91
C GLU A 112 -10.29 -7.96 -3.39
N ALA A 113 -9.28 -8.40 -4.14
CA ALA A 113 -7.93 -8.65 -3.66
C ALA A 113 -6.97 -8.40 -4.83
N LEU A 114 -5.93 -7.59 -4.64
CA LEU A 114 -5.22 -6.94 -5.75
C LEU A 114 -3.77 -6.50 -5.38
N VAL A 115 -2.87 -6.35 -6.36
CA VAL A 115 -1.49 -5.82 -6.23
C VAL A 115 -1.37 -4.39 -6.78
N VAL A 116 -0.52 -3.56 -6.15
CA VAL A 116 0.15 -2.43 -6.81
C VAL A 116 1.67 -2.49 -6.62
N THR A 117 2.42 -2.48 -7.73
CA THR A 117 3.89 -2.45 -7.75
C THR A 117 4.40 -1.67 -8.97
N LEU A 118 5.60 -1.10 -8.86
CA LEU A 118 6.18 -0.21 -9.88
C LEU A 118 6.37 -0.88 -11.25
N ALA A 119 6.56 -2.20 -11.35
CA ALA A 119 6.60 -2.89 -12.65
C ALA A 119 5.26 -2.79 -13.42
N ASP A 120 4.13 -2.84 -12.70
CA ASP A 120 2.80 -2.60 -13.25
C ASP A 120 2.52 -1.11 -13.50
N ILE A 121 3.04 -0.19 -12.67
CA ILE A 121 3.00 1.24 -13.01
C ILE A 121 3.80 1.54 -14.29
N GLU A 122 4.93 0.84 -14.48
CA GLU A 122 5.73 0.82 -15.71
C GLU A 122 5.00 0.15 -16.90
N ARG A 123 3.95 -0.68 -16.71
CA ARG A 123 2.99 -1.02 -17.79
C ARG A 123 1.92 0.07 -18.02
N ILE A 124 1.53 0.82 -16.98
CA ILE A 124 0.41 1.79 -16.99
C ILE A 124 0.80 3.16 -17.57
N LYS A 125 2.03 3.63 -17.37
CA LYS A 125 2.56 4.90 -17.89
C LYS A 125 3.78 4.65 -18.78
N PRO A 126 4.05 5.52 -19.79
CA PRO A 126 5.27 5.44 -20.60
C PRO A 126 6.54 5.89 -19.85
N CYS A 127 6.40 6.43 -18.63
CA CYS A 127 7.49 6.86 -17.77
C CYS A 127 7.41 6.09 -16.43
N ASP A 128 8.53 5.52 -15.97
CA ASP A 128 8.61 4.70 -14.76
C ASP A 128 9.25 5.49 -13.60
N LYS A 129 10.16 4.87 -12.84
CA LYS A 129 10.95 5.49 -11.75
C LYS A 129 11.34 6.93 -12.09
N GLY A 130 10.99 7.83 -11.19
CA GLY A 130 10.65 9.23 -11.48
C GLY A 130 9.20 9.57 -11.13
N VAL A 131 8.28 8.59 -11.22
CA VAL A 131 6.85 8.74 -10.87
C VAL A 131 6.62 9.12 -9.41
N LEU A 132 5.55 9.89 -9.19
CA LEU A 132 4.86 10.04 -7.91
C LEU A 132 3.39 9.63 -8.06
N THR A 133 3.11 8.35 -7.78
CA THR A 133 1.78 7.70 -7.83
C THR A 133 0.95 8.12 -6.62
N ASN A 134 -0.38 8.07 -6.72
CA ASN A 134 -1.31 8.65 -5.75
C ASN A 134 -2.51 7.71 -5.61
N CYS A 135 -2.97 7.41 -4.39
CA CYS A 135 -3.87 6.27 -4.15
C CYS A 135 -4.99 6.61 -3.15
N VAL A 136 -6.19 6.09 -3.39
CA VAL A 136 -7.46 6.45 -2.73
C VAL A 136 -8.37 5.22 -2.62
N VAL A 137 -9.10 5.05 -1.52
CA VAL A 137 -10.18 4.03 -1.41
C VAL A 137 -11.47 4.66 -0.90
N ARG A 138 -12.60 4.27 -1.48
CA ARG A 138 -13.94 4.54 -0.96
C ARG A 138 -14.49 3.27 -0.33
N LYS A 139 -14.65 3.31 0.99
CA LYS A 139 -15.78 2.66 1.66
C LYS A 139 -16.94 3.66 1.70
N SER A 140 -18.14 3.26 1.27
CA SER A 140 -19.26 4.18 1.02
C SER A 140 -20.64 3.53 1.25
N ASN A 141 -21.68 4.36 1.12
CA ASN A 141 -23.11 4.02 1.03
C ASN A 141 -23.74 3.46 2.33
N SER A 142 -25.07 3.52 2.42
CA SER A 142 -25.89 2.89 3.47
C SER A 142 -26.28 1.46 3.08
N GLY A 143 -26.78 1.28 1.85
CA GLY A 143 -26.95 -0.02 1.17
C GLY A 143 -25.64 -0.75 0.84
N MET A 144 -24.49 -0.12 1.17
CA MET A 144 -23.11 -0.57 0.96
C MET A 144 -22.68 -0.69 -0.51
N SER A 145 -21.55 -0.06 -0.82
CA SER A 145 -20.80 -0.18 -2.07
C SER A 145 -19.48 0.57 -1.93
N TYR A 146 -18.47 0.19 -2.71
CA TYR A 146 -17.09 0.62 -2.47
C TYR A 146 -16.44 1.03 -3.79
N ASN A 147 -15.32 1.75 -3.79
CA ASN A 147 -14.68 2.19 -5.03
C ASN A 147 -13.18 2.31 -4.76
N ILE A 148 -12.37 2.21 -5.80
CA ILE A 148 -10.91 2.31 -5.66
C ILE A 148 -10.33 3.17 -6.77
N GLU A 149 -9.36 4.04 -6.45
CA GLU A 149 -8.71 4.92 -7.42
C GLU A 149 -7.21 5.04 -7.12
N VAL A 150 -6.37 4.71 -8.10
CA VAL A 150 -4.94 5.00 -8.05
C VAL A 150 -4.45 5.43 -9.43
N VAL A 151 -3.69 6.51 -9.39
CA VAL A 151 -3.33 7.38 -10.51
C VAL A 151 -1.84 7.74 -10.48
N ALA A 152 -1.15 7.58 -11.60
CA ALA A 152 0.30 7.70 -11.70
C ALA A 152 0.71 9.00 -12.42
N PHE A 153 1.31 9.93 -11.67
CA PHE A 153 1.80 11.23 -12.15
C PHE A 153 3.34 11.26 -12.14
N GLY A 154 3.94 12.17 -12.91
CA GLY A 154 5.41 12.33 -12.95
C GLY A 154 5.99 13.03 -11.71
N PRO A 155 7.28 13.40 -11.73
CA PRO A 155 7.88 14.21 -10.66
C PRO A 155 7.27 15.62 -10.59
N ASP A 156 6.73 16.12 -11.71
CA ASP A 156 5.92 17.34 -11.89
C ASP A 156 4.60 17.38 -11.09
N ASN A 157 4.37 16.43 -10.18
CA ASN A 157 3.31 16.39 -9.17
C ASN A 157 3.76 17.25 -7.96
N GLU A 158 4.27 18.45 -8.27
CA GLU A 158 5.03 19.35 -7.40
C GLU A 158 4.25 19.73 -6.15
N ALA A 159 2.94 19.96 -6.31
CA ALA A 159 2.09 20.42 -5.21
C ALA A 159 1.90 19.34 -4.12
N GLU A 160 1.65 18.08 -4.51
CA GLU A 160 1.57 16.95 -3.56
C GLU A 160 2.95 16.61 -2.98
N TYR A 161 4.00 16.64 -3.80
CA TYR A 161 5.38 16.43 -3.37
C TYR A 161 5.74 17.40 -2.23
N GLN A 162 5.63 18.70 -2.48
CA GLN A 162 5.91 19.74 -1.50
C GLN A 162 5.00 19.66 -0.26
N ALA A 163 3.69 19.41 -0.42
CA ALA A 163 2.74 19.31 0.70
C ALA A 163 3.07 18.15 1.65
N LEU A 164 3.51 17.01 1.12
CA LEU A 164 3.91 15.88 1.96
C LEU A 164 5.19 16.16 2.70
N LEU A 165 6.20 16.75 2.04
CA LEU A 165 7.41 17.18 2.73
C LEU A 165 7.11 18.21 3.83
N ARG A 166 6.12 19.07 3.59
CA ARG A 166 5.64 20.12 4.51
C ARG A 166 5.06 19.52 5.80
N ASP A 167 4.47 18.33 5.68
CA ASP A 167 3.91 17.59 6.81
C ASP A 167 4.93 16.66 7.51
N ILE A 168 5.73 15.90 6.74
CA ILE A 168 6.57 14.78 7.24
C ILE A 168 8.08 14.99 7.32
N TYR A 169 8.64 15.91 6.53
CA TYR A 169 10.06 16.31 6.57
C TYR A 169 10.20 17.67 7.28
N ALA A 170 9.07 18.34 7.51
CA ALA A 170 8.97 19.62 8.21
C ALA A 170 7.98 19.60 9.40
N ARG A 171 7.73 18.43 10.01
CA ARG A 171 7.17 18.33 11.38
C ARG A 171 8.04 18.98 12.46
#